data_5M82
# 
_entry.id   5M82 
# 
_audit_conform.dict_name       mmcif_pdbx.dic 
_audit_conform.dict_version    5.398 
_audit_conform.dict_location   http://mmcif.pdb.org/dictionaries/ascii/mmcif_pdbx.dic 
# 
loop_
_database_2.database_id 
_database_2.database_code 
_database_2.pdbx_database_accession 
_database_2.pdbx_DOI 
PDB   5M82         pdb_00005m82 10.2210/pdb5m82/pdb 
WWPDB D_1200001738 ?            ?                   
# 
loop_
_pdbx_audit_revision_history.ordinal 
_pdbx_audit_revision_history.data_content_type 
_pdbx_audit_revision_history.major_revision 
_pdbx_audit_revision_history.minor_revision 
_pdbx_audit_revision_history.revision_date 
1 'Structure model' 1 0 2017-12-20 
2 'Structure model' 1 1 2020-01-29 
3 'Structure model' 1 2 2024-01-17 
4 'Structure model' 1 3 2024-11-13 
# 
_pdbx_audit_revision_details.ordinal             1 
_pdbx_audit_revision_details.revision_ordinal    1 
_pdbx_audit_revision_details.data_content_type   'Structure model' 
_pdbx_audit_revision_details.provider            repository 
_pdbx_audit_revision_details.type                'Initial release' 
_pdbx_audit_revision_details.description         ? 
_pdbx_audit_revision_details.details             ? 
# 
loop_
_pdbx_audit_revision_group.ordinal 
_pdbx_audit_revision_group.revision_ordinal 
_pdbx_audit_revision_group.data_content_type 
_pdbx_audit_revision_group.group 
1 2 'Structure model' 'Database references'    
2 3 'Structure model' 'Data collection'        
3 3 'Structure model' 'Database references'    
4 3 'Structure model' 'Derived calculations'   
5 3 'Structure model' 'Refinement description' 
6 4 'Structure model' 'Structure summary'      
# 
loop_
_pdbx_audit_revision_category.ordinal 
_pdbx_audit_revision_category.revision_ordinal 
_pdbx_audit_revision_category.data_content_type 
_pdbx_audit_revision_category.category 
1  2 'Structure model' citation                      
2  2 'Structure model' citation_author               
3  3 'Structure model' chem_comp_atom                
4  3 'Structure model' chem_comp_bond                
5  3 'Structure model' database_2                    
6  3 'Structure model' pdbx_initial_refinement_model 
7  3 'Structure model' struct_conn                   
8  3 'Structure model' struct_conn_type              
9  4 'Structure model' pdbx_entry_details            
10 4 'Structure model' pdbx_modification_feature     
# 
loop_
_pdbx_audit_revision_item.ordinal 
_pdbx_audit_revision_item.revision_ordinal 
_pdbx_audit_revision_item.data_content_type 
_pdbx_audit_revision_item.item 
1  2 'Structure model' '_citation.country'                   
2  2 'Structure model' '_citation.journal_abbrev'            
3  2 'Structure model' '_citation.journal_id_ASTM'           
4  2 'Structure model' '_citation.journal_id_CSD'            
5  2 'Structure model' '_citation.journal_id_ISSN'           
6  2 'Structure model' '_citation.pdbx_database_id_DOI'      
7  2 'Structure model' '_citation.title'                     
8  2 'Structure model' '_citation.year'                      
9  3 'Structure model' '_database_2.pdbx_DOI'                
10 3 'Structure model' '_database_2.pdbx_database_accession' 
11 3 'Structure model' '_struct_conn.conn_type_id'           
12 3 'Structure model' '_struct_conn.id'                     
13 3 'Structure model' '_struct_conn.pdbx_dist_value'        
14 3 'Structure model' '_struct_conn.pdbx_leaving_atom_flag' 
15 3 'Structure model' '_struct_conn.ptnr1_auth_comp_id'     
16 3 'Structure model' '_struct_conn.ptnr1_auth_seq_id'      
17 3 'Structure model' '_struct_conn.ptnr1_label_atom_id'    
18 3 'Structure model' '_struct_conn.ptnr1_label_comp_id'    
19 3 'Structure model' '_struct_conn.ptnr1_label_seq_id'     
20 3 'Structure model' '_struct_conn.ptnr2_auth_comp_id'     
21 3 'Structure model' '_struct_conn.ptnr2_auth_seq_id'      
22 3 'Structure model' '_struct_conn.ptnr2_label_asym_id'    
23 3 'Structure model' '_struct_conn.ptnr2_label_atom_id'    
24 3 'Structure model' '_struct_conn.ptnr2_label_comp_id'    
25 3 'Structure model' '_struct_conn_type.id'                
# 
_pdbx_database_status.status_code                     REL 
_pdbx_database_status.status_code_sf                  REL 
_pdbx_database_status.status_code_mr                  ? 
_pdbx_database_status.entry_id                        5M82 
_pdbx_database_status.recvd_initial_deposition_date   2016-10-28 
_pdbx_database_status.SG_entry                        N 
_pdbx_database_status.deposit_site                    PDBE 
_pdbx_database_status.process_site                    PDBE 
_pdbx_database_status.status_code_cs                  ? 
_pdbx_database_status.methods_development_category    ? 
_pdbx_database_status.pdb_format_compatible           Y 
_pdbx_database_status.status_code_nmr_data            ? 
# 
_pdbx_database_related.db_name        PDB 
_pdbx_database_related.details        . 
_pdbx_database_related.db_id          5DFY 
_pdbx_database_related.content_type   unspecified 
# 
loop_
_audit_author.name 
_audit_author.pdbx_ordinal 
'Xu, X.-L.'    1 
'Zhao, K.-H.'  2 
'Gaertner, W.' 3 
'Hoeppner, A.' 4 
# 
_citation.abstract                  ? 
_citation.abstract_id_CAS           ? 
_citation.book_id_ISBN              ? 
_citation.book_publisher            ? 
_citation.book_publisher_city       ? 
_citation.book_title                ? 
_citation.coordinate_linkage        ? 
_citation.country                   US 
_citation.database_id_Medline       ? 
_citation.details                   ? 
_citation.id                        primary 
_citation.journal_abbrev            Proc.Natl.Acad.Sci.USA 
_citation.journal_id_ASTM           PNASA6 
_citation.journal_id_CSD            0040 
_citation.journal_id_ISSN           1091-6490 
_citation.journal_full              ? 
_citation.journal_issue             ? 
_citation.journal_volume            ? 
_citation.language                  ? 
_citation.page_first                ? 
_citation.page_last                 ? 
_citation.title                     'Structural elements regulating the photochromicity in a cyanobacteriochrome' 
_citation.year                      2020 
_citation.database_id_CSD           ? 
_citation.pdbx_database_id_DOI      10.1073/pnas.1910208117 
_citation.pdbx_database_id_PubMed   ? 
_citation.unpublished_flag          ? 
# 
loop_
_citation_author.citation_id 
_citation_author.name 
_citation_author.ordinal 
_citation_author.identifier_ORCID 
primary 'Xu, X.-L.'    1 ? 
primary 'Hoeppner, A.' 2 ? 
primary 'Wiebeler, C.' 3 ? 
primary 'Zhao, K.-H.'  4 ? 
primary 'Schapiro, I.' 5 ? 
primary 'Gaertner, W.' 6 ? 
# 
loop_
_entity.id 
_entity.type 
_entity.src_method 
_entity.pdbx_description 
_entity.formula_weight 
_entity.pdbx_number_of_molecules 
_entity.pdbx_ec 
_entity.pdbx_mutation 
_entity.pdbx_fragment 
_entity.details 
1 polymer     man 'Sensory transduction histidine kinase'                     24856.637 1  ? ? ? ? 
2 non-polymer syn PHYCOCYANOBILIN                                             588.694   1  ? ? ? ? 
3 non-polymer syn '(2S)-3-(cyclohexylamino)-2-hydroxypropane-1-sulfonic acid' 237.316   1  ? ? ? ? 
4 non-polymer syn 'SODIUM ION'                                                22.990    3  ? ? ? ? 
5 water       nat water                                                       18.015    67 ? ? ? ? 
# 
_entity_poly.entity_id                      1 
_entity_poly.type                           'polypeptide(L)' 
_entity_poly.nstd_linkage                   no 
_entity_poly.nstd_monomer                   no 
_entity_poly.pdbx_seq_one_letter_code       
;MHHHHHHSSGLVPRGSGMKETAAAKFERQHMDSPDLGTDDDDKAMADIGSLQNIFRATSDEVRHLLSCDRVLVYRFNPDW
SGEFIHESVAQMWEPLKDLQNNFPLWQDTYLQENEGGRYRNHESLAVGDVETAGFTDCHLDNLRRFEIRAFLTVPVFVGE
QLWGLLGAYQNGAPRHWQAREIHLLHQIANQLGVAVYQAQLLARFQELEHHHHHH
;
_entity_poly.pdbx_seq_one_letter_code_can   
;MHHHHHHSSGLVPRGSGMKETAAAKFERQHMDSPDLGTDDDDKAMADIGSLQNIFRATSDEVRHLLSCDRVLVYRFNPDW
SGEFIHESVAQMWEPLKDLQNNFPLWQDTYLQENEGGRYRNHESLAVGDVETAGFTDCHLDNLRRFEIRAFLTVPVFVGE
QLWGLLGAYQNGAPRHWQAREIHLLHQIANQLGVAVYQAQLLARFQELEHHHHHH
;
_entity_poly.pdbx_strand_id                 A 
_entity_poly.pdbx_target_identifier         ? 
# 
loop_
_pdbx_entity_nonpoly.entity_id 
_pdbx_entity_nonpoly.name 
_pdbx_entity_nonpoly.comp_id 
2 PHYCOCYANOBILIN                                             CYC 
3 '(2S)-3-(cyclohexylamino)-2-hydroxypropane-1-sulfonic acid' 3CX 
4 'SODIUM ION'                                                NA  
5 water                                                       HOH 
# 
loop_
_entity_poly_seq.entity_id 
_entity_poly_seq.num 
_entity_poly_seq.mon_id 
_entity_poly_seq.hetero 
1 1   MET n 
1 2   HIS n 
1 3   HIS n 
1 4   HIS n 
1 5   HIS n 
1 6   HIS n 
1 7   HIS n 
1 8   SER n 
1 9   SER n 
1 10  GLY n 
1 11  LEU n 
1 12  VAL n 
1 13  PRO n 
1 14  ARG n 
1 15  GLY n 
1 16  SER n 
1 17  GLY n 
1 18  MET n 
1 19  LYS n 
1 20  GLU n 
1 21  THR n 
1 22  ALA n 
1 23  ALA n 
1 24  ALA n 
1 25  LYS n 
1 26  PHE n 
1 27  GLU n 
1 28  ARG n 
1 29  GLN n 
1 30  HIS n 
1 31  MET n 
1 32  ASP n 
1 33  SER n 
1 34  PRO n 
1 35  ASP n 
1 36  LEU n 
1 37  GLY n 
1 38  THR n 
1 39  ASP n 
1 40  ASP n 
1 41  ASP n 
1 42  ASP n 
1 43  LYS n 
1 44  ALA n 
1 45  MET n 
1 46  ALA n 
1 47  ASP n 
1 48  ILE n 
1 49  GLY n 
1 50  SER n 
1 51  LEU n 
1 52  GLN n 
1 53  ASN n 
1 54  ILE n 
1 55  PHE n 
1 56  ARG n 
1 57  ALA n 
1 58  THR n 
1 59  SER n 
1 60  ASP n 
1 61  GLU n 
1 62  VAL n 
1 63  ARG n 
1 64  HIS n 
1 65  LEU n 
1 66  LEU n 
1 67  SER n 
1 68  CYS n 
1 69  ASP n 
1 70  ARG n 
1 71  VAL n 
1 72  LEU n 
1 73  VAL n 
1 74  TYR n 
1 75  ARG n 
1 76  PHE n 
1 77  ASN n 
1 78  PRO n 
1 79  ASP n 
1 80  TRP n 
1 81  SER n 
1 82  GLY n 
1 83  GLU n 
1 84  PHE n 
1 85  ILE n 
1 86  HIS n 
1 87  GLU n 
1 88  SER n 
1 89  VAL n 
1 90  ALA n 
1 91  GLN n 
1 92  MET n 
1 93  TRP n 
1 94  GLU n 
1 95  PRO n 
1 96  LEU n 
1 97  LYS n 
1 98  ASP n 
1 99  LEU n 
1 100 GLN n 
1 101 ASN n 
1 102 ASN n 
1 103 PHE n 
1 104 PRO n 
1 105 LEU n 
1 106 TRP n 
1 107 GLN n 
1 108 ASP n 
1 109 THR n 
1 110 TYR n 
1 111 LEU n 
1 112 GLN n 
1 113 GLU n 
1 114 ASN n 
1 115 GLU n 
1 116 GLY n 
1 117 GLY n 
1 118 ARG n 
1 119 TYR n 
1 120 ARG n 
1 121 ASN n 
1 122 HIS n 
1 123 GLU n 
1 124 SER n 
1 125 LEU n 
1 126 ALA n 
1 127 VAL n 
1 128 GLY n 
1 129 ASP n 
1 130 VAL n 
1 131 GLU n 
1 132 THR n 
1 133 ALA n 
1 134 GLY n 
1 135 PHE n 
1 136 THR n 
1 137 ASP n 
1 138 CYS n 
1 139 HIS n 
1 140 LEU n 
1 141 ASP n 
1 142 ASN n 
1 143 LEU n 
1 144 ARG n 
1 145 ARG n 
1 146 PHE n 
1 147 GLU n 
1 148 ILE n 
1 149 ARG n 
1 150 ALA n 
1 151 PHE n 
1 152 LEU n 
1 153 THR n 
1 154 VAL n 
1 155 PRO n 
1 156 VAL n 
1 157 PHE n 
1 158 VAL n 
1 159 GLY n 
1 160 GLU n 
1 161 GLN n 
1 162 LEU n 
1 163 TRP n 
1 164 GLY n 
1 165 LEU n 
1 166 LEU n 
1 167 GLY n 
1 168 ALA n 
1 169 TYR n 
1 170 GLN n 
1 171 ASN n 
1 172 GLY n 
1 173 ALA n 
1 174 PRO n 
1 175 ARG n 
1 176 HIS n 
1 177 TRP n 
1 178 GLN n 
1 179 ALA n 
1 180 ARG n 
1 181 GLU n 
1 182 ILE n 
1 183 HIS n 
1 184 LEU n 
1 185 LEU n 
1 186 HIS n 
1 187 GLN n 
1 188 ILE n 
1 189 ALA n 
1 190 ASN n 
1 191 GLN n 
1 192 LEU n 
1 193 GLY n 
1 194 VAL n 
1 195 ALA n 
1 196 VAL n 
1 197 TYR n 
1 198 GLN n 
1 199 ALA n 
1 200 GLN n 
1 201 LEU n 
1 202 LEU n 
1 203 ALA n 
1 204 ARG n 
1 205 PHE n 
1 206 GLN n 
1 207 GLU n 
1 208 LEU n 
1 209 GLU n 
1 210 HIS n 
1 211 HIS n 
1 212 HIS n 
1 213 HIS n 
1 214 HIS n 
1 215 HIS n 
# 
_entity_src_gen.entity_id                          1 
_entity_src_gen.pdbx_src_id                        1 
_entity_src_gen.pdbx_alt_source_flag               sample 
_entity_src_gen.pdbx_seq_type                      'Biological sequence' 
_entity_src_gen.pdbx_beg_seq_num                   1 
_entity_src_gen.pdbx_end_seq_num                   215 
_entity_src_gen.gene_src_common_name               ? 
_entity_src_gen.gene_src_genus                     ? 
_entity_src_gen.pdbx_gene_src_gene                 slr1393 
_entity_src_gen.gene_src_species                   ? 
_entity_src_gen.gene_src_strain                    ? 
_entity_src_gen.gene_src_tissue                    ? 
_entity_src_gen.gene_src_tissue_fraction           ? 
_entity_src_gen.gene_src_details                   ? 
_entity_src_gen.pdbx_gene_src_fragment             ? 
_entity_src_gen.pdbx_gene_src_scientific_name      'Synechocystis sp. PCC 6803 substr. Kazusa' 
_entity_src_gen.pdbx_gene_src_ncbi_taxonomy_id     1111708 
_entity_src_gen.pdbx_gene_src_variant              ? 
_entity_src_gen.pdbx_gene_src_cell_line            ? 
_entity_src_gen.pdbx_gene_src_atcc                 ? 
_entity_src_gen.pdbx_gene_src_organ                ? 
_entity_src_gen.pdbx_gene_src_organelle            ? 
_entity_src_gen.pdbx_gene_src_cell                 ? 
_entity_src_gen.pdbx_gene_src_cellular_location    ? 
_entity_src_gen.host_org_common_name               ? 
_entity_src_gen.pdbx_host_org_scientific_name      'Escherichia coli BL21(DE3)' 
_entity_src_gen.pdbx_host_org_ncbi_taxonomy_id     469008 
_entity_src_gen.host_org_genus                     ? 
_entity_src_gen.pdbx_host_org_gene                 ? 
_entity_src_gen.pdbx_host_org_organ                ? 
_entity_src_gen.host_org_species                   ? 
_entity_src_gen.pdbx_host_org_tissue               ? 
_entity_src_gen.pdbx_host_org_tissue_fraction      ? 
_entity_src_gen.pdbx_host_org_strain               ? 
_entity_src_gen.pdbx_host_org_variant              ? 
_entity_src_gen.pdbx_host_org_cell_line            ? 
_entity_src_gen.pdbx_host_org_atcc                 ? 
_entity_src_gen.pdbx_host_org_culture_collection   ? 
_entity_src_gen.pdbx_host_org_cell                 ? 
_entity_src_gen.pdbx_host_org_organelle            ? 
_entity_src_gen.pdbx_host_org_cellular_location    ? 
_entity_src_gen.pdbx_host_org_vector_type          ? 
_entity_src_gen.pdbx_host_org_vector               ? 
_entity_src_gen.host_org_details                   ? 
_entity_src_gen.expression_system_id               ? 
_entity_src_gen.plasmid_name                       ? 
_entity_src_gen.plasmid_details                    ? 
_entity_src_gen.pdbx_description                   ? 
# 
loop_
_chem_comp.id 
_chem_comp.type 
_chem_comp.mon_nstd_flag 
_chem_comp.name 
_chem_comp.pdbx_synonyms 
_chem_comp.formula 
_chem_comp.formula_weight 
3CX non-polymer         . '(2S)-3-(cyclohexylamino)-2-hydroxypropane-1-sulfonic acid' ? 'C9 H19 N O4 S'  237.316 
ALA 'L-peptide linking' y ALANINE                                                     ? 'C3 H7 N O2'     89.093  
ARG 'L-peptide linking' y ARGININE                                                    ? 'C6 H15 N4 O2 1' 175.209 
ASN 'L-peptide linking' y ASPARAGINE                                                  ? 'C4 H8 N2 O3'    132.118 
ASP 'L-peptide linking' y 'ASPARTIC ACID'                                             ? 'C4 H7 N O4'     133.103 
CYC non-polymer         . PHYCOCYANOBILIN                                             ? 'C33 H40 N4 O6'  588.694 
CYS 'L-peptide linking' y CYSTEINE                                                    ? 'C3 H7 N O2 S'   121.158 
GLN 'L-peptide linking' y GLUTAMINE                                                   ? 'C5 H10 N2 O3'   146.144 
GLU 'L-peptide linking' y 'GLUTAMIC ACID'                                             ? 'C5 H9 N O4'     147.129 
GLY 'peptide linking'   y GLYCINE                                                     ? 'C2 H5 N O2'     75.067  
HIS 'L-peptide linking' y HISTIDINE                                                   ? 'C6 H10 N3 O2 1' 156.162 
HOH non-polymer         . WATER                                                       ? 'H2 O'           18.015  
ILE 'L-peptide linking' y ISOLEUCINE                                                  ? 'C6 H13 N O2'    131.173 
LEU 'L-peptide linking' y LEUCINE                                                     ? 'C6 H13 N O2'    131.173 
LYS 'L-peptide linking' y LYSINE                                                      ? 'C6 H15 N2 O2 1' 147.195 
MET 'L-peptide linking' y METHIONINE                                                  ? 'C5 H11 N O2 S'  149.211 
NA  non-polymer         . 'SODIUM ION'                                                ? 'Na 1'           22.990  
PHE 'L-peptide linking' y PHENYLALANINE                                               ? 'C9 H11 N O2'    165.189 
PRO 'L-peptide linking' y PROLINE                                                     ? 'C5 H9 N O2'     115.130 
SER 'L-peptide linking' y SERINE                                                      ? 'C3 H7 N O3'     105.093 
THR 'L-peptide linking' y THREONINE                                                   ? 'C4 H9 N O3'     119.119 
TRP 'L-peptide linking' y TRYPTOPHAN                                                  ? 'C11 H12 N2 O2'  204.225 
TYR 'L-peptide linking' y TYROSINE                                                    ? 'C9 H11 N O3'    181.189 
VAL 'L-peptide linking' y VALINE                                                      ? 'C5 H11 N O2'    117.146 
# 
loop_
_pdbx_poly_seq_scheme.asym_id 
_pdbx_poly_seq_scheme.entity_id 
_pdbx_poly_seq_scheme.seq_id 
_pdbx_poly_seq_scheme.mon_id 
_pdbx_poly_seq_scheme.ndb_seq_num 
_pdbx_poly_seq_scheme.pdb_seq_num 
_pdbx_poly_seq_scheme.auth_seq_num 
_pdbx_poly_seq_scheme.pdb_mon_id 
_pdbx_poly_seq_scheme.auth_mon_id 
_pdbx_poly_seq_scheme.pdb_strand_id 
_pdbx_poly_seq_scheme.pdb_ins_code 
_pdbx_poly_seq_scheme.hetero 
A 1 1   MET 1   391 ?   ?   ?   A . n 
A 1 2   HIS 2   392 ?   ?   ?   A . n 
A 1 3   HIS 3   393 ?   ?   ?   A . n 
A 1 4   HIS 4   394 ?   ?   ?   A . n 
A 1 5   HIS 5   395 ?   ?   ?   A . n 
A 1 6   HIS 6   396 ?   ?   ?   A . n 
A 1 7   HIS 7   397 ?   ?   ?   A . n 
A 1 8   SER 8   398 ?   ?   ?   A . n 
A 1 9   SER 9   399 ?   ?   ?   A . n 
A 1 10  GLY 10  400 ?   ?   ?   A . n 
A 1 11  LEU 11  401 ?   ?   ?   A . n 
A 1 12  VAL 12  402 ?   ?   ?   A . n 
A 1 13  PRO 13  403 ?   ?   ?   A . n 
A 1 14  ARG 14  404 ?   ?   ?   A . n 
A 1 15  GLY 15  405 ?   ?   ?   A . n 
A 1 16  SER 16  406 ?   ?   ?   A . n 
A 1 17  GLY 17  407 ?   ?   ?   A . n 
A 1 18  MET 18  408 ?   ?   ?   A . n 
A 1 19  LYS 19  409 ?   ?   ?   A . n 
A 1 20  GLU 20  410 ?   ?   ?   A . n 
A 1 21  THR 21  411 ?   ?   ?   A . n 
A 1 22  ALA 22  412 ?   ?   ?   A . n 
A 1 23  ALA 23  413 ?   ?   ?   A . n 
A 1 24  ALA 24  414 ?   ?   ?   A . n 
A 1 25  LYS 25  415 ?   ?   ?   A . n 
A 1 26  PHE 26  416 ?   ?   ?   A . n 
A 1 27  GLU 27  417 ?   ?   ?   A . n 
A 1 28  ARG 28  418 ?   ?   ?   A . n 
A 1 29  GLN 29  419 ?   ?   ?   A . n 
A 1 30  HIS 30  420 ?   ?   ?   A . n 
A 1 31  MET 31  421 ?   ?   ?   A . n 
A 1 32  ASP 32  422 ?   ?   ?   A . n 
A 1 33  SER 33  423 ?   ?   ?   A . n 
A 1 34  PRO 34  424 ?   ?   ?   A . n 
A 1 35  ASP 35  425 ?   ?   ?   A . n 
A 1 36  LEU 36  426 ?   ?   ?   A . n 
A 1 37  GLY 37  427 ?   ?   ?   A . n 
A 1 38  THR 38  428 ?   ?   ?   A . n 
A 1 39  ASP 39  429 ?   ?   ?   A . n 
A 1 40  ASP 40  430 ?   ?   ?   A . n 
A 1 41  ASP 41  431 ?   ?   ?   A . n 
A 1 42  ASP 42  432 ?   ?   ?   A . n 
A 1 43  LYS 43  433 ?   ?   ?   A . n 
A 1 44  ALA 44  434 ?   ?   ?   A . n 
A 1 45  MET 45  435 ?   ?   ?   A . n 
A 1 46  ALA 46  436 ?   ?   ?   A . n 
A 1 47  ASP 47  437 ?   ?   ?   A . n 
A 1 48  ILE 48  438 ?   ?   ?   A . n 
A 1 49  GLY 49  439 ?   ?   ?   A . n 
A 1 50  SER 50  440 440 SER SER A . n 
A 1 51  LEU 51  441 441 LEU LEU A . n 
A 1 52  GLN 52  442 442 GLN GLN A . n 
A 1 53  ASN 53  443 443 ASN ASN A . n 
A 1 54  ILE 54  444 444 ILE ILE A . n 
A 1 55  PHE 55  445 445 PHE PHE A . n 
A 1 56  ARG 56  446 446 ARG ARG A . n 
A 1 57  ALA 57  447 447 ALA ALA A . n 
A 1 58  THR 58  448 448 THR THR A . n 
A 1 59  SER 59  449 449 SER SER A . n 
A 1 60  ASP 60  450 450 ASP ASP A . n 
A 1 61  GLU 61  451 451 GLU GLU A . n 
A 1 62  VAL 62  452 452 VAL VAL A . n 
A 1 63  ARG 63  453 453 ARG ARG A . n 
A 1 64  HIS 64  454 454 HIS HIS A . n 
A 1 65  LEU 65  455 455 LEU LEU A . n 
A 1 66  LEU 66  456 456 LEU LEU A . n 
A 1 67  SER 67  457 457 SER SER A . n 
A 1 68  CYS 68  458 458 CYS CYS A . n 
A 1 69  ASP 69  459 459 ASP ASP A . n 
A 1 70  ARG 70  460 460 ARG ARG A . n 
A 1 71  VAL 71  461 461 VAL VAL A . n 
A 1 72  LEU 72  462 462 LEU LEU A . n 
A 1 73  VAL 73  463 463 VAL VAL A . n 
A 1 74  TYR 74  464 464 TYR TYR A . n 
A 1 75  ARG 75  465 465 ARG ARG A . n 
A 1 76  PHE 76  466 466 PHE PHE A . n 
A 1 77  ASN 77  467 467 ASN ASN A . n 
A 1 78  PRO 78  468 468 PRO PRO A . n 
A 1 79  ASP 79  469 469 ASP ASP A . n 
A 1 80  TRP 80  470 470 TRP TRP A . n 
A 1 81  SER 81  471 471 SER SER A . n 
A 1 82  GLY 82  472 472 GLY GLY A . n 
A 1 83  GLU 83  473 473 GLU GLU A . n 
A 1 84  PHE 84  474 474 PHE PHE A . n 
A 1 85  ILE 85  475 475 ILE ILE A . n 
A 1 86  HIS 86  476 476 HIS HIS A . n 
A 1 87  GLU 87  477 477 GLU GLU A . n 
A 1 88  SER 88  478 478 SER SER A . n 
A 1 89  VAL 89  479 479 VAL VAL A . n 
A 1 90  ALA 90  480 480 ALA ALA A . n 
A 1 91  GLN 91  481 481 GLN GLN A . n 
A 1 92  MET 92  482 482 MET MET A . n 
A 1 93  TRP 93  483 483 TRP TRP A . n 
A 1 94  GLU 94  484 484 GLU GLU A . n 
A 1 95  PRO 95  485 485 PRO PRO A . n 
A 1 96  LEU 96  486 486 LEU LEU A . n 
A 1 97  LYS 97  487 487 LYS LYS A . n 
A 1 98  ASP 98  488 488 ASP ASP A . n 
A 1 99  LEU 99  489 489 LEU LEU A . n 
A 1 100 GLN 100 490 490 GLN GLN A . n 
A 1 101 ASN 101 491 491 ASN ASN A . n 
A 1 102 ASN 102 492 492 ASN ASN A . n 
A 1 103 PHE 103 493 493 PHE PHE A . n 
A 1 104 PRO 104 494 494 PRO PRO A . n 
A 1 105 LEU 105 495 495 LEU LEU A . n 
A 1 106 TRP 106 496 496 TRP TRP A . n 
A 1 107 GLN 107 497 497 GLN GLN A . n 
A 1 108 ASP 108 498 498 ASP ASP A . n 
A 1 109 THR 109 499 499 THR THR A . n 
A 1 110 TYR 110 500 500 TYR TYR A . n 
A 1 111 LEU 111 501 501 LEU LEU A . n 
A 1 112 GLN 112 502 502 GLN GLN A . n 
A 1 113 GLU 113 503 503 GLU GLU A . n 
A 1 114 ASN 114 504 504 ASN ASN A . n 
A 1 115 GLU 115 505 505 GLU GLU A . n 
A 1 116 GLY 116 506 506 GLY GLY A . n 
A 1 117 GLY 117 507 507 GLY GLY A . n 
A 1 118 ARG 118 508 508 ARG ARG A . n 
A 1 119 TYR 119 509 509 TYR TYR A . n 
A 1 120 ARG 120 510 510 ARG ARG A . n 
A 1 121 ASN 121 511 511 ASN ASN A . n 
A 1 122 HIS 122 512 512 HIS HIS A . n 
A 1 123 GLU 123 513 513 GLU GLU A . n 
A 1 124 SER 124 514 514 SER SER A . n 
A 1 125 LEU 125 515 515 LEU LEU A . n 
A 1 126 ALA 126 516 516 ALA ALA A . n 
A 1 127 VAL 127 517 517 VAL VAL A . n 
A 1 128 GLY 128 518 518 GLY GLY A . n 
A 1 129 ASP 129 519 519 ASP ASP A . n 
A 1 130 VAL 130 520 520 VAL VAL A . n 
A 1 131 GLU 131 521 521 GLU GLU A . n 
A 1 132 THR 132 522 522 THR THR A . n 
A 1 133 ALA 133 523 523 ALA ALA A . n 
A 1 134 GLY 134 524 524 GLY GLY A . n 
A 1 135 PHE 135 525 525 PHE PHE A . n 
A 1 136 THR 136 526 526 THR THR A . n 
A 1 137 ASP 137 527 527 ASP ASP A . n 
A 1 138 CYS 138 528 528 CYS CYS A . n 
A 1 139 HIS 139 529 529 HIS HIS A . n 
A 1 140 LEU 140 530 530 LEU LEU A . n 
A 1 141 ASP 141 531 531 ASP ASP A . n 
A 1 142 ASN 142 532 532 ASN ASN A . n 
A 1 143 LEU 143 533 533 LEU LEU A . n 
A 1 144 ARG 144 534 534 ARG ARG A . n 
A 1 145 ARG 145 535 535 ARG ARG A . n 
A 1 146 PHE 146 536 536 PHE PHE A . n 
A 1 147 GLU 147 537 537 GLU GLU A . n 
A 1 148 ILE 148 538 538 ILE ILE A . n 
A 1 149 ARG 149 539 539 ARG ARG A . n 
A 1 150 ALA 150 540 540 ALA ALA A . n 
A 1 151 PHE 151 541 541 PHE PHE A . n 
A 1 152 LEU 152 542 542 LEU LEU A . n 
A 1 153 THR 153 543 543 THR THR A . n 
A 1 154 VAL 154 544 544 VAL VAL A . n 
A 1 155 PRO 155 545 545 PRO PRO A . n 
A 1 156 VAL 156 546 546 VAL VAL A . n 
A 1 157 PHE 157 547 547 PHE PHE A . n 
A 1 158 VAL 158 548 548 VAL VAL A . n 
A 1 159 GLY 159 549 549 GLY GLY A . n 
A 1 160 GLU 160 550 550 GLU GLU A . n 
A 1 161 GLN 161 551 551 GLN GLN A . n 
A 1 162 LEU 162 552 552 LEU LEU A . n 
A 1 163 TRP 163 553 553 TRP TRP A . n 
A 1 164 GLY 164 554 554 GLY GLY A . n 
A 1 165 LEU 165 555 555 LEU LEU A . n 
A 1 166 LEU 166 556 556 LEU LEU A . n 
A 1 167 GLY 167 557 557 GLY GLY A . n 
A 1 168 ALA 168 558 558 ALA ALA A . n 
A 1 169 TYR 169 559 559 TYR TYR A . n 
A 1 170 GLN 170 560 560 GLN GLN A . n 
A 1 171 ASN 171 561 561 ASN ASN A . n 
A 1 172 GLY 172 562 562 GLY GLY A . n 
A 1 173 ALA 173 563 563 ALA ALA A . n 
A 1 174 PRO 174 564 564 PRO PRO A . n 
A 1 175 ARG 175 565 565 ARG ARG A . n 
A 1 176 HIS 176 566 566 HIS HIS A . n 
A 1 177 TRP 177 567 567 TRP TRP A . n 
A 1 178 GLN 178 568 568 GLN GLN A . n 
A 1 179 ALA 179 569 569 ALA ALA A . n 
A 1 180 ARG 180 570 570 ARG ARG A . n 
A 1 181 GLU 181 571 571 GLU GLU A . n 
A 1 182 ILE 182 572 572 ILE ILE A . n 
A 1 183 HIS 183 573 573 HIS HIS A . n 
A 1 184 LEU 184 574 574 LEU LEU A . n 
A 1 185 LEU 185 575 575 LEU LEU A . n 
A 1 186 HIS 186 576 576 HIS HIS A . n 
A 1 187 GLN 187 577 577 GLN GLN A . n 
A 1 188 ILE 188 578 578 ILE ILE A . n 
A 1 189 ALA 189 579 579 ALA ALA A . n 
A 1 190 ASN 190 580 580 ASN ASN A . n 
A 1 191 GLN 191 581 581 GLN GLN A . n 
A 1 192 LEU 192 582 582 LEU LEU A . n 
A 1 193 GLY 193 583 583 GLY GLY A . n 
A 1 194 VAL 194 584 584 VAL VAL A . n 
A 1 195 ALA 195 585 585 ALA ALA A . n 
A 1 196 VAL 196 586 586 VAL VAL A . n 
A 1 197 TYR 197 587 587 TYR TYR A . n 
A 1 198 GLN 198 588 588 GLN GLN A . n 
A 1 199 ALA 199 589 589 ALA ALA A . n 
A 1 200 GLN 200 590 590 GLN GLN A . n 
A 1 201 LEU 201 591 591 LEU LEU A . n 
A 1 202 LEU 202 592 592 LEU LEU A . n 
A 1 203 ALA 203 593 593 ALA ALA A . n 
A 1 204 ARG 204 594 594 ARG ARG A . n 
A 1 205 PHE 205 595 595 PHE PHE A . n 
A 1 206 GLN 206 596 596 GLN GLN A . n 
A 1 207 GLU 207 597 597 GLU GLU A . n 
A 1 208 LEU 208 598 ?   ?   ?   A . n 
A 1 209 GLU 209 599 ?   ?   ?   A . n 
A 1 210 HIS 210 600 ?   ?   ?   A . n 
A 1 211 HIS 211 601 ?   ?   ?   A . n 
A 1 212 HIS 212 602 ?   ?   ?   A . n 
A 1 213 HIS 213 603 ?   ?   ?   A . n 
A 1 214 HIS 214 604 ?   ?   ?   A . n 
A 1 215 HIS 215 605 ?   ?   ?   A . n 
# 
loop_
_pdbx_nonpoly_scheme.asym_id 
_pdbx_nonpoly_scheme.entity_id 
_pdbx_nonpoly_scheme.mon_id 
_pdbx_nonpoly_scheme.ndb_seq_num 
_pdbx_nonpoly_scheme.pdb_seq_num 
_pdbx_nonpoly_scheme.auth_seq_num 
_pdbx_nonpoly_scheme.pdb_mon_id 
_pdbx_nonpoly_scheme.auth_mon_id 
_pdbx_nonpoly_scheme.pdb_strand_id 
_pdbx_nonpoly_scheme.pdb_ins_code 
B 2 CYC 1  701 1  CYC CYC A . 
C 3 3CX 1  702 1  3CX 3CX A . 
D 4 NA  1  703 1  NA  NA  A . 
E 4 NA  1  704 2  NA  NA  A . 
F 4 NA  1  705 3  NA  NA  A . 
G 5 HOH 1  801 60 HOH HOH A . 
G 5 HOH 2  802 56 HOH HOH A . 
G 5 HOH 3  803 50 HOH HOH A . 
G 5 HOH 4  804 6  HOH HOH A . 
G 5 HOH 5  805 58 HOH HOH A . 
G 5 HOH 6  806 48 HOH HOH A . 
G 5 HOH 7  807 64 HOH HOH A . 
G 5 HOH 8  808 41 HOH HOH A . 
G 5 HOH 9  809 29 HOH HOH A . 
G 5 HOH 10 810 11 HOH HOH A . 
G 5 HOH 11 811 12 HOH HOH A . 
G 5 HOH 12 812 57 HOH HOH A . 
G 5 HOH 13 813 17 HOH HOH A . 
G 5 HOH 14 814 9  HOH HOH A . 
G 5 HOH 15 815 45 HOH HOH A . 
G 5 HOH 16 816 2  HOH HOH A . 
G 5 HOH 17 817 1  HOH HOH A . 
G 5 HOH 18 818 26 HOH HOH A . 
G 5 HOH 19 819 51 HOH HOH A . 
G 5 HOH 20 820 38 HOH HOH A . 
G 5 HOH 21 821 14 HOH HOH A . 
G 5 HOH 22 822 24 HOH HOH A . 
G 5 HOH 23 823 21 HOH HOH A . 
G 5 HOH 24 824 34 HOH HOH A . 
G 5 HOH 25 825 43 HOH HOH A . 
G 5 HOH 26 826 8  HOH HOH A . 
G 5 HOH 27 827 7  HOH HOH A . 
G 5 HOH 28 828 31 HOH HOH A . 
G 5 HOH 29 829 46 HOH HOH A . 
G 5 HOH 30 830 10 HOH HOH A . 
G 5 HOH 31 831 25 HOH HOH A . 
G 5 HOH 32 832 4  HOH HOH A . 
G 5 HOH 33 833 52 HOH HOH A . 
G 5 HOH 34 834 67 HOH HOH A . 
G 5 HOH 35 835 54 HOH HOH A . 
G 5 HOH 36 836 22 HOH HOH A . 
G 5 HOH 37 837 44 HOH HOH A . 
G 5 HOH 38 838 5  HOH HOH A . 
G 5 HOH 39 839 37 HOH HOH A . 
G 5 HOH 40 840 33 HOH HOH A . 
G 5 HOH 41 841 18 HOH HOH A . 
G 5 HOH 42 842 62 HOH HOH A . 
G 5 HOH 43 843 32 HOH HOH A . 
G 5 HOH 44 844 16 HOH HOH A . 
G 5 HOH 45 845 61 HOH HOH A . 
G 5 HOH 46 846 19 HOH HOH A . 
G 5 HOH 47 847 27 HOH HOH A . 
G 5 HOH 48 848 47 HOH HOH A . 
G 5 HOH 49 849 30 HOH HOH A . 
G 5 HOH 50 850 49 HOH HOH A . 
G 5 HOH 51 851 20 HOH HOH A . 
G 5 HOH 52 852 35 HOH HOH A . 
G 5 HOH 53 853 3  HOH HOH A . 
G 5 HOH 54 854 66 HOH HOH A . 
G 5 HOH 55 855 53 HOH HOH A . 
G 5 HOH 56 856 13 HOH HOH A . 
G 5 HOH 57 857 28 HOH HOH A . 
G 5 HOH 58 858 59 HOH HOH A . 
G 5 HOH 59 859 36 HOH HOH A . 
G 5 HOH 60 860 63 HOH HOH A . 
G 5 HOH 61 861 55 HOH HOH A . 
G 5 HOH 62 862 23 HOH HOH A . 
G 5 HOH 63 863 15 HOH HOH A . 
G 5 HOH 64 864 39 HOH HOH A . 
G 5 HOH 65 865 65 HOH HOH A . 
G 5 HOH 66 866 40 HOH HOH A . 
G 5 HOH 67 867 42 HOH HOH A . 
# 
loop_
_software.citation_id 
_software.classification 
_software.compiler_name 
_software.compiler_version 
_software.contact_author 
_software.contact_author_email 
_software.date 
_software.description 
_software.dependencies 
_software.hardware 
_software.language 
_software.location 
_software.mods 
_software.name 
_software.os 
_software.os_version 
_software.type 
_software.version 
_software.pdbx_ordinal 
? refinement       ? ? ? ? ? ? ? ? ? ? ? REFMAC ? ? ? 5.8.0131 1 
? 'data reduction' ? ? ? ? ? ? ? ? ? ? ? XDS    ? ? ? .        2 
? phasing          ? ? ? ? ? ? ? ? ? ? ? PHASER ? ? ? .        3 
# 
_cell.angle_alpha                  90.00 
_cell.angle_alpha_esd              ? 
_cell.angle_beta                   90.00 
_cell.angle_beta_esd               ? 
_cell.angle_gamma                  120.00 
_cell.angle_gamma_esd              ? 
_cell.entry_id                     5M82 
_cell.details                      ? 
_cell.formula_units_Z              ? 
_cell.length_a                     75.286 
_cell.length_a_esd                 ? 
_cell.length_b                     75.286 
_cell.length_b_esd                 ? 
_cell.length_c                     71.380 
_cell.length_c_esd                 ? 
_cell.volume                       ? 
_cell.volume_esd                   ? 
_cell.Z_PDB                        6 
_cell.reciprocal_angle_alpha       ? 
_cell.reciprocal_angle_beta        ? 
_cell.reciprocal_angle_gamma       ? 
_cell.reciprocal_angle_alpha_esd   ? 
_cell.reciprocal_angle_beta_esd    ? 
_cell.reciprocal_angle_gamma_esd   ? 
_cell.reciprocal_length_a          ? 
_cell.reciprocal_length_b          ? 
_cell.reciprocal_length_c          ? 
_cell.reciprocal_length_a_esd      ? 
_cell.reciprocal_length_b_esd      ? 
_cell.reciprocal_length_c_esd      ? 
_cell.pdbx_unique_axis             ? 
# 
_symmetry.entry_id                         5M82 
_symmetry.cell_setting                     ? 
_symmetry.Int_Tables_number                170 
_symmetry.space_group_name_Hall            ? 
_symmetry.space_group_name_H-M             'P 65' 
_symmetry.pdbx_full_space_group_name_H-M   ? 
# 
_exptl.absorpt_coefficient_mu     ? 
_exptl.absorpt_correction_T_max   ? 
_exptl.absorpt_correction_T_min   ? 
_exptl.absorpt_correction_type    ? 
_exptl.absorpt_process_details    ? 
_exptl.entry_id                   5M82 
_exptl.crystals_number            1 
_exptl.details                    ? 
_exptl.method                     'X-RAY DIFFRACTION' 
_exptl.method_details             ? 
# 
_exptl_crystal.colour                      ? 
_exptl_crystal.density_diffrn              ? 
_exptl_crystal.density_Matthews            2.35 
_exptl_crystal.density_method              ? 
_exptl_crystal.density_percent_sol         47.64 
_exptl_crystal.description                 ? 
_exptl_crystal.F_000                       ? 
_exptl_crystal.id                          1 
_exptl_crystal.preparation                 ? 
_exptl_crystal.size_max                    ? 
_exptl_crystal.size_mid                    ? 
_exptl_crystal.size_min                    ? 
_exptl_crystal.size_rad                    ? 
_exptl_crystal.colour_lustre               ? 
_exptl_crystal.colour_modifier             ? 
_exptl_crystal.colour_primary              ? 
_exptl_crystal.density_meas                ? 
_exptl_crystal.density_meas_esd            ? 
_exptl_crystal.density_meas_gt             ? 
_exptl_crystal.density_meas_lt             ? 
_exptl_crystal.density_meas_temp           ? 
_exptl_crystal.density_meas_temp_esd       ? 
_exptl_crystal.density_meas_temp_gt        ? 
_exptl_crystal.density_meas_temp_lt        ? 
_exptl_crystal.pdbx_crystal_image_url      ? 
_exptl_crystal.pdbx_crystal_image_format   ? 
_exptl_crystal.pdbx_mosaicity              ? 
_exptl_crystal.pdbx_mosaicity_esd          ? 
# 
_exptl_crystal_grow.apparatus       ? 
_exptl_crystal_grow.atmosphere      ? 
_exptl_crystal_grow.crystal_id      1 
_exptl_crystal_grow.details         ? 
_exptl_crystal_grow.method          'VAPOR DIFFUSION, SITTING DROP' 
_exptl_crystal_grow.method_ref      ? 
_exptl_crystal_grow.pH              9.5 
_exptl_crystal_grow.pressure        ? 
_exptl_crystal_grow.pressure_esd    ? 
_exptl_crystal_grow.seeding         ? 
_exptl_crystal_grow.seeding_ref     ? 
_exptl_crystal_grow.temp            277 
_exptl_crystal_grow.temp_details    ? 
_exptl_crystal_grow.temp_esd        ? 
_exptl_crystal_grow.time            ? 
_exptl_crystal_grow.pdbx_details    '0.1 M NaCl, 0.1 M CAPSO pH 9.5, 0.175 M LiSO4, 14% PEG 4000' 
_exptl_crystal_grow.pdbx_pH_range   ? 
# 
_diffrn.ambient_environment    ? 
_diffrn.ambient_temp           100 
_diffrn.ambient_temp_details   ? 
_diffrn.ambient_temp_esd       ? 
_diffrn.crystal_id             1 
_diffrn.crystal_support        ? 
_diffrn.crystal_treatment      ? 
_diffrn.details                ? 
_diffrn.id                     1 
_diffrn.ambient_pressure       ? 
_diffrn.ambient_pressure_esd   ? 
_diffrn.ambient_pressure_gt    ? 
_diffrn.ambient_pressure_lt    ? 
_diffrn.ambient_temp_gt        ? 
_diffrn.ambient_temp_lt        ? 
# 
_diffrn_detector.details                      'KB mirrors' 
_diffrn_detector.detector                     PIXEL 
_diffrn_detector.diffrn_id                    1 
_diffrn_detector.type                         'DECTRIS PILATUS 6M-F' 
_diffrn_detector.area_resol_mean              ? 
_diffrn_detector.dtime                        ? 
_diffrn_detector.pdbx_frames_total            ? 
_diffrn_detector.pdbx_collection_time_total   ? 
_diffrn_detector.pdbx_collection_date         2015-10-01 
# 
_diffrn_radiation.collimation                      ? 
_diffrn_radiation.diffrn_id                        1 
_diffrn_radiation.filter_edge                      ? 
_diffrn_radiation.inhomogeneity                    ? 
_diffrn_radiation.monochromator                    'Si(111)' 
_diffrn_radiation.polarisn_norm                    ? 
_diffrn_radiation.polarisn_ratio                   ? 
_diffrn_radiation.probe                            ? 
_diffrn_radiation.type                             ? 
_diffrn_radiation.xray_symbol                      ? 
_diffrn_radiation.wavelength_id                    1 
_diffrn_radiation.pdbx_monochromatic_or_laue_m_l   M 
_diffrn_radiation.pdbx_wavelength_list             ? 
_diffrn_radiation.pdbx_wavelength                  ? 
_diffrn_radiation.pdbx_diffrn_protocol             'SINGLE WAVELENGTH' 
_diffrn_radiation.pdbx_analyzer                    ? 
_diffrn_radiation.pdbx_scattering_type             x-ray 
# 
_diffrn_radiation_wavelength.id           1 
_diffrn_radiation_wavelength.wavelength   0.976252 
_diffrn_radiation_wavelength.wt           1.0 
# 
_diffrn_source.current                     ? 
_diffrn_source.details                     ? 
_diffrn_source.diffrn_id                   1 
_diffrn_source.power                       ? 
_diffrn_source.size                        ? 
_diffrn_source.source                      SYNCHROTRON 
_diffrn_source.target                      ? 
_diffrn_source.type                        'PETRA III, EMBL c/o DESY BEAMLINE P13 (MX1)' 
_diffrn_source.voltage                     ? 
_diffrn_source.take-off_angle              ? 
_diffrn_source.pdbx_wavelength_list        0.976252 
_diffrn_source.pdbx_wavelength             ? 
_diffrn_source.pdbx_synchrotron_beamline   'P13 (MX1)' 
_diffrn_source.pdbx_synchrotron_site       'PETRA III, EMBL c/o DESY' 
# 
_reflns.B_iso_Wilson_estimate            ? 
_reflns.entry_id                         5M82 
_reflns.data_reduction_details           ? 
_reflns.data_reduction_method            ? 
_reflns.d_resolution_high                1.86 
_reflns.d_resolution_low                 65.2 
_reflns.details                          ? 
_reflns.limit_h_max                      ? 
_reflns.limit_h_min                      ? 
_reflns.limit_k_max                      ? 
_reflns.limit_k_min                      ? 
_reflns.limit_l_max                      ? 
_reflns.limit_l_min                      ? 
_reflns.number_all                       ? 
_reflns.number_obs                       18191 
_reflns.observed_criterion               ? 
_reflns.observed_criterion_F_max         ? 
_reflns.observed_criterion_F_min         ? 
_reflns.observed_criterion_I_max         ? 
_reflns.observed_criterion_I_min         ? 
_reflns.observed_criterion_sigma_F       ? 
_reflns.observed_criterion_sigma_I       ? 
_reflns.percent_possible_obs             94.4 
_reflns.R_free_details                   ? 
_reflns.Rmerge_F_all                     ? 
_reflns.Rmerge_F_obs                     ? 
_reflns.Friedel_coverage                 ? 
_reflns.number_gt                        ? 
_reflns.threshold_expression             ? 
_reflns.pdbx_redundancy                  3.89 
_reflns.pdbx_Rmerge_I_obs                ? 
_reflns.pdbx_Rmerge_I_all                ? 
_reflns.pdbx_Rsym_value                  0.027 
_reflns.pdbx_netI_over_av_sigmaI         ? 
_reflns.pdbx_netI_over_sigmaI            25.79 
_reflns.pdbx_res_netI_over_av_sigmaI_2   ? 
_reflns.pdbx_res_netI_over_sigmaI_2      ? 
_reflns.pdbx_chi_squared                 ? 
_reflns.pdbx_scaling_rejects             ? 
_reflns.pdbx_d_res_high_opt              ? 
_reflns.pdbx_d_res_low_opt               ? 
_reflns.pdbx_d_res_opt_method            ? 
_reflns.phase_calculation_details        ? 
_reflns.pdbx_Rrim_I_all                  ? 
_reflns.pdbx_Rpim_I_all                  ? 
_reflns.pdbx_d_opt                       ? 
_reflns.pdbx_number_measured_all         ? 
_reflns.pdbx_diffrn_id                   1 
_reflns.pdbx_ordinal                     1 
_reflns.pdbx_CC_half                     1.0 
_reflns.pdbx_R_split                     ? 
# 
_reflns_shell.d_res_high                  1.86 
_reflns_shell.d_res_low                   1.98 
_reflns_shell.meanI_over_sigI_all         ? 
_reflns_shell.meanI_over_sigI_obs         3.37 
_reflns_shell.number_measured_all         ? 
_reflns_shell.number_measured_obs         ? 
_reflns_shell.number_possible             ? 
_reflns_shell.number_unique_all           ? 
_reflns_shell.number_unique_obs           ? 
_reflns_shell.percent_possible_all        78.9 
_reflns_shell.percent_possible_obs        ? 
_reflns_shell.Rmerge_F_all                ? 
_reflns_shell.Rmerge_F_obs                ? 
_reflns_shell.Rmerge_I_all                ? 
_reflns_shell.Rmerge_I_obs                ? 
_reflns_shell.meanI_over_sigI_gt          ? 
_reflns_shell.meanI_over_uI_all           ? 
_reflns_shell.meanI_over_uI_gt            ? 
_reflns_shell.number_measured_gt          ? 
_reflns_shell.number_unique_gt            ? 
_reflns_shell.percent_possible_gt         ? 
_reflns_shell.Rmerge_F_gt                 ? 
_reflns_shell.Rmerge_I_gt                 ? 
_reflns_shell.pdbx_redundancy             3.07 
_reflns_shell.pdbx_Rsym_value             ? 
_reflns_shell.pdbx_chi_squared            ? 
_reflns_shell.pdbx_netI_over_sigmaI_all   ? 
_reflns_shell.pdbx_netI_over_sigmaI_obs   ? 
_reflns_shell.pdbx_Rrim_I_all             ? 
_reflns_shell.pdbx_Rpim_I_all             ? 
_reflns_shell.pdbx_rejects                ? 
_reflns_shell.pdbx_ordinal                1 
_reflns_shell.pdbx_diffrn_id              1 
_reflns_shell.pdbx_CC_half                0.92 
_reflns_shell.pdbx_R_split                ? 
# 
_refine.aniso_B[1][1]                            0.53 
_refine.aniso_B[1][2]                            0.26 
_refine.aniso_B[1][3]                            0.00 
_refine.aniso_B[2][2]                            0.53 
_refine.aniso_B[2][3]                            0.00 
_refine.aniso_B[3][3]                            -1.71 
_refine.B_iso_max                                ? 
_refine.B_iso_mean                               38.426 
_refine.B_iso_min                                ? 
_refine.correlation_coeff_Fo_to_Fc               0.962 
_refine.correlation_coeff_Fo_to_Fc_free          0.944 
_refine.details                                  'HYDROGENS HAVE BEEN ADDED IN THE RIDING POSITIONS' 
_refine.diff_density_max                         ? 
_refine.diff_density_max_esd                     ? 
_refine.diff_density_min                         ? 
_refine.diff_density_min_esd                     ? 
_refine.diff_density_rms                         ? 
_refine.diff_density_rms_esd                     ? 
_refine.entry_id                                 5M82 
_refine.pdbx_refine_id                           'X-RAY DIFFRACTION' 
_refine.ls_abs_structure_details                 ? 
_refine.ls_abs_structure_Flack                   ? 
_refine.ls_abs_structure_Flack_esd               ? 
_refine.ls_abs_structure_Rogers                  ? 
_refine.ls_abs_structure_Rogers_esd              ? 
_refine.ls_d_res_high                            1.86 
_refine.ls_d_res_low                             65.20 
_refine.ls_extinction_coef                       ? 
_refine.ls_extinction_coef_esd                   ? 
_refine.ls_extinction_expression                 ? 
_refine.ls_extinction_method                     ? 
_refine.ls_goodness_of_fit_all                   ? 
_refine.ls_goodness_of_fit_all_esd               ? 
_refine.ls_goodness_of_fit_obs                   ? 
_refine.ls_goodness_of_fit_obs_esd               ? 
_refine.ls_hydrogen_treatment                    ? 
_refine.ls_matrix_type                           ? 
_refine.ls_number_constraints                    ? 
_refine.ls_number_parameters                     ? 
_refine.ls_number_reflns_all                     ? 
_refine.ls_number_reflns_obs                     17263 
_refine.ls_number_reflns_R_free                  921 
_refine.ls_number_reflns_R_work                  ? 
_refine.ls_number_restraints                     ? 
_refine.ls_percent_reflns_obs                    94.33 
_refine.ls_percent_reflns_R_free                 5.1 
_refine.ls_R_factor_all                          ? 
_refine.ls_R_factor_obs                          0.19596 
_refine.ls_R_factor_R_free                       0.22872 
_refine.ls_R_factor_R_free_error                 ? 
_refine.ls_R_factor_R_free_error_details         ? 
_refine.ls_R_factor_R_work                       0.19410 
_refine.ls_R_Fsqd_factor_obs                     ? 
_refine.ls_R_I_factor_obs                        ? 
_refine.ls_redundancy_reflns_all                 ? 
_refine.ls_redundancy_reflns_obs                 ? 
_refine.ls_restrained_S_all                      ? 
_refine.ls_restrained_S_obs                      ? 
_refine.ls_shift_over_esd_max                    ? 
_refine.ls_shift_over_esd_mean                   ? 
_refine.ls_structure_factor_coef                 ? 
_refine.ls_weighting_details                     ? 
_refine.ls_weighting_scheme                      ? 
_refine.ls_wR_factor_all                         ? 
_refine.ls_wR_factor_obs                         ? 
_refine.ls_wR_factor_R_free                      ? 
_refine.ls_wR_factor_R_work                      ? 
_refine.occupancy_max                            ? 
_refine.occupancy_min                            ? 
_refine.solvent_model_details                    ? 
_refine.solvent_model_param_bsol                 ? 
_refine.solvent_model_param_ksol                 ? 
_refine.ls_R_factor_gt                           ? 
_refine.ls_goodness_of_fit_gt                    ? 
_refine.ls_goodness_of_fit_ref                   ? 
_refine.ls_shift_over_su_max                     ? 
_refine.ls_shift_over_su_max_lt                  ? 
_refine.ls_shift_over_su_mean                    ? 
_refine.ls_shift_over_su_mean_lt                 ? 
_refine.pdbx_ls_sigma_I                          ? 
_refine.pdbx_ls_sigma_F                          ? 
_refine.pdbx_ls_sigma_Fsqd                       ? 
_refine.pdbx_data_cutoff_high_absF               ? 
_refine.pdbx_data_cutoff_high_rms_absF           ? 
_refine.pdbx_data_cutoff_low_absF                ? 
_refine.pdbx_isotropic_thermal_model             ? 
_refine.pdbx_ls_cross_valid_method               THROUGHOUT 
_refine.pdbx_method_to_determine_struct          'MOLECULAR REPLACEMENT' 
_refine.pdbx_starting_model                      5M85 
_refine.pdbx_stereochemistry_target_values       ? 
_refine.pdbx_R_Free_selection_details            RANDOM 
_refine.pdbx_stereochem_target_val_spec_case     ? 
_refine.pdbx_overall_ESU_R                       0.132 
_refine.pdbx_overall_ESU_R_Free                  0.128 
_refine.pdbx_solvent_vdw_probe_radii             1.20 
_refine.pdbx_solvent_ion_probe_radii             0.80 
_refine.pdbx_solvent_shrinkage_radii             0.80 
_refine.pdbx_real_space_R                        ? 
_refine.pdbx_density_correlation                 ? 
_refine.pdbx_pd_number_of_powder_patterns        ? 
_refine.pdbx_pd_number_of_points                 ? 
_refine.pdbx_pd_meas_number_of_points            ? 
_refine.pdbx_pd_proc_ls_prof_R_factor            ? 
_refine.pdbx_pd_proc_ls_prof_wR_factor           ? 
_refine.pdbx_pd_Marquardt_correlation_coeff      ? 
_refine.pdbx_pd_Fsqrd_R_factor                   ? 
_refine.pdbx_pd_ls_matrix_band_width             ? 
_refine.pdbx_overall_phase_error                 ? 
_refine.pdbx_overall_SU_R_free_Cruickshank_DPI   ? 
_refine.pdbx_overall_SU_R_free_Blow_DPI          ? 
_refine.pdbx_overall_SU_R_Blow_DPI               ? 
_refine.pdbx_TLS_residual_ADP_flag               ? 
_refine.pdbx_diffrn_id                           1 
_refine.overall_SU_B                             3.398 
_refine.overall_SU_ML                            0.098 
_refine.overall_SU_R_Cruickshank_DPI             ? 
_refine.overall_SU_R_free                        ? 
_refine.overall_FOM_free_R_set                   ? 
_refine.overall_FOM_work_R_set                   ? 
_refine.pdbx_average_fsc_overall                 ? 
_refine.pdbx_average_fsc_work                    ? 
_refine.pdbx_average_fsc_free                    ? 
# 
_refine_hist.pdbx_refine_id                   'X-RAY DIFFRACTION' 
_refine_hist.cycle_id                         1 
_refine_hist.pdbx_number_atoms_protein        1304 
_refine_hist.pdbx_number_atoms_nucleic_acid   0 
_refine_hist.pdbx_number_atoms_ligand         61 
_refine_hist.number_atoms_solvent             67 
_refine_hist.number_atoms_total               1432 
_refine_hist.d_res_high                       1.86 
_refine_hist.d_res_low                        65.20 
# 
loop_
_refine_ls_restr.pdbx_refine_id 
_refine_ls_restr.criterion 
_refine_ls_restr.dev_ideal 
_refine_ls_restr.dev_ideal_target 
_refine_ls_restr.number 
_refine_ls_restr.rejects 
_refine_ls_restr.type 
_refine_ls_restr.weight 
_refine_ls_restr.pdbx_restraint_function 
'X-RAY DIFFRACTION' ? 0.020  0.019  1405 ? r_bond_refined_d             ? ? 
'X-RAY DIFFRACTION' ? 0.005  0.020  1289 ? r_bond_other_d               ? ? 
'X-RAY DIFFRACTION' ? 2.376  1.963  1914 ? r_angle_refined_deg          ? ? 
'X-RAY DIFFRACTION' ? 1.480  3.001  2933 ? r_angle_other_deg            ? ? 
'X-RAY DIFFRACTION' ? 6.737  5.000  159  ? r_dihedral_angle_1_deg       ? ? 
'X-RAY DIFFRACTION' ? 34.767 23.750 80   ? r_dihedral_angle_2_deg       ? ? 
'X-RAY DIFFRACTION' ? 12.798 15.000 211  ? r_dihedral_angle_3_deg       ? ? 
'X-RAY DIFFRACTION' ? 15.857 15.000 12   ? r_dihedral_angle_4_deg       ? ? 
'X-RAY DIFFRACTION' ? 0.144  0.200  195  ? r_chiral_restr               ? ? 
'X-RAY DIFFRACTION' ? 0.013  0.020  1627 ? r_gen_planes_refined         ? ? 
'X-RAY DIFFRACTION' ? 0.020  0.020  379  ? r_gen_planes_other           ? ? 
'X-RAY DIFFRACTION' ? ?      ?      ?    ? r_nbd_refined                ? ? 
'X-RAY DIFFRACTION' ? ?      ?      ?    ? r_nbd_other                  ? ? 
'X-RAY DIFFRACTION' ? ?      ?      ?    ? r_nbtor_refined              ? ? 
'X-RAY DIFFRACTION' ? ?      ?      ?    ? r_nbtor_other                ? ? 
'X-RAY DIFFRACTION' ? ?      ?      ?    ? r_xyhbond_nbd_refined        ? ? 
'X-RAY DIFFRACTION' ? ?      ?      ?    ? r_xyhbond_nbd_other          ? ? 
'X-RAY DIFFRACTION' ? ?      ?      ?    ? r_metal_ion_refined          ? ? 
'X-RAY DIFFRACTION' ? ?      ?      ?    ? r_metal_ion_other            ? ? 
'X-RAY DIFFRACTION' ? ?      ?      ?    ? r_symmetry_vdw_refined       ? ? 
'X-RAY DIFFRACTION' ? ?      ?      ?    ? r_symmetry_vdw_other         ? ? 
'X-RAY DIFFRACTION' ? ?      ?      ?    ? r_symmetry_hbond_refined     ? ? 
'X-RAY DIFFRACTION' ? ?      ?      ?    ? r_symmetry_hbond_other       ? ? 
'X-RAY DIFFRACTION' ? ?      ?      ?    ? r_symmetry_metal_ion_refined ? ? 
'X-RAY DIFFRACTION' ? ?      ?      ?    ? r_symmetry_metal_ion_other   ? ? 
'X-RAY DIFFRACTION' ? 3.492  3.532  633  ? r_mcbond_it                  ? ? 
'X-RAY DIFFRACTION' ? 3.490  3.523  632  ? r_mcbond_other               ? ? 
'X-RAY DIFFRACTION' ? 4.394  5.272  790  ? r_mcangle_it                 ? ? 
'X-RAY DIFFRACTION' ? 4.393  5.282  791  ? r_mcangle_other              ? ? 
'X-RAY DIFFRACTION' ? 4.414  3.993  772  ? r_scbond_it                  ? ? 
'X-RAY DIFFRACTION' ? 4.411  3.992  773  ? r_scbond_other               ? ? 
'X-RAY DIFFRACTION' ? ?      ?      ?    ? r_scangle_it                 ? ? 
'X-RAY DIFFRACTION' ? 6.544  5.825  1124 ? r_scangle_other              ? ? 
'X-RAY DIFFRACTION' ? 8.030  29.104 1650 ? r_long_range_B_refined       ? ? 
'X-RAY DIFFRACTION' ? 8.055  29.060 1633 ? r_long_range_B_other         ? ? 
'X-RAY DIFFRACTION' ? ?      ?      ?    ? r_rigid_bond_restr           ? ? 
'X-RAY DIFFRACTION' ? ?      ?      ?    ? r_sphericity_free            ? ? 
'X-RAY DIFFRACTION' ? ?      ?      ?    ? r_sphericity_bonded          ? ? 
# 
_refine_ls_shell.pdbx_refine_id                   'X-RAY DIFFRACTION' 
_refine_ls_shell.d_res_high                       1.864 
_refine_ls_shell.d_res_low                        1.912 
_refine_ls_shell.number_reflns_all                ? 
_refine_ls_shell.number_reflns_obs                ? 
_refine_ls_shell.number_reflns_R_free             35 
_refine_ls_shell.number_reflns_R_work             788 
_refine_ls_shell.percent_reflns_obs               58.24 
_refine_ls_shell.percent_reflns_R_free            ? 
_refine_ls_shell.R_factor_all                     ? 
_refine_ls_shell.R_factor_obs                     ? 
_refine_ls_shell.R_factor_R_free                  0.347 
_refine_ls_shell.R_factor_R_free_error            ? 
_refine_ls_shell.R_factor_R_work                  0.332 
_refine_ls_shell.redundancy_reflns_all            ? 
_refine_ls_shell.redundancy_reflns_obs            ? 
_refine_ls_shell.wR_factor_all                    ? 
_refine_ls_shell.wR_factor_obs                    ? 
_refine_ls_shell.wR_factor_R_free                 ? 
_refine_ls_shell.wR_factor_R_work                 ? 
_refine_ls_shell.pdbx_total_number_of_bins_used   20 
_refine_ls_shell.pdbx_phase_error                 ? 
_refine_ls_shell.pdbx_fsc_work                    ? 
_refine_ls_shell.pdbx_fsc_free                    ? 
# 
_struct.entry_id                     5M82 
_struct.title                        
'Three-dimensional structure of the photoproduct state of GAF3 from Slr1393 of Synechocystis sp. PCC6803' 
_struct.pdbx_model_details           ? 
_struct.pdbx_formula_weight          ? 
_struct.pdbx_formula_weight_method   ? 
_struct.pdbx_model_type_details      ? 
_struct.pdbx_CASP_flag               N 
# 
_struct_keywords.entry_id        5M82 
_struct_keywords.text            
'Cyanobacteriochrome, Phycocyanobilin chromophore, Photochromicity, bilin-binding GAF domain, transferase' 
_struct_keywords.pdbx_keywords   TRANSFERASE 
# 
loop_
_struct_asym.id 
_struct_asym.pdbx_blank_PDB_chainid_flag 
_struct_asym.pdbx_modified 
_struct_asym.entity_id 
_struct_asym.details 
A N N 1 ? 
B N N 2 ? 
C N N 3 ? 
D N N 4 ? 
E N N 4 ? 
F N N 4 ? 
G N N 5 ? 
# 
_struct_ref.id                         1 
_struct_ref.db_name                    UNP 
_struct_ref.db_code                    P73184_SYNY3 
_struct_ref.pdbx_db_accession          P73184 
_struct_ref.pdbx_db_isoform            ? 
_struct_ref.entity_id                  1 
_struct_ref.pdbx_seq_one_letter_code   
;LQNIFRATSDEVRHLLSCDRVLVYRFNPDWSGEFIHESVAQMWEPLKDLQNNFPLWQDTYLQENEGGRYRNHESLAVGDV
ETAGFTDCHLDNLRRFEIRAFLTVPVFVGEQLWGLLGAYQNGAPRHWQAREIHLLHQIANQLGVAVYQAQLLARFQE
;
_struct_ref.pdbx_align_begin           441 
# 
_struct_ref_seq.align_id                      1 
_struct_ref_seq.ref_id                        1 
_struct_ref_seq.pdbx_PDB_id_code              5M82 
_struct_ref_seq.pdbx_strand_id                A 
_struct_ref_seq.seq_align_beg                 51 
_struct_ref_seq.pdbx_seq_align_beg_ins_code   ? 
_struct_ref_seq.seq_align_end                 207 
_struct_ref_seq.pdbx_seq_align_end_ins_code   ? 
_struct_ref_seq.pdbx_db_accession             P73184 
_struct_ref_seq.db_align_beg                  441 
_struct_ref_seq.pdbx_db_align_beg_ins_code    ? 
_struct_ref_seq.db_align_end                  597 
_struct_ref_seq.pdbx_db_align_end_ins_code    ? 
_struct_ref_seq.pdbx_auth_seq_align_beg       441 
_struct_ref_seq.pdbx_auth_seq_align_end       597 
# 
loop_
_struct_ref_seq_dif.align_id 
_struct_ref_seq_dif.pdbx_pdb_id_code 
_struct_ref_seq_dif.mon_id 
_struct_ref_seq_dif.pdbx_pdb_strand_id 
_struct_ref_seq_dif.seq_num 
_struct_ref_seq_dif.pdbx_pdb_ins_code 
_struct_ref_seq_dif.pdbx_seq_db_name 
_struct_ref_seq_dif.pdbx_seq_db_accession_code 
_struct_ref_seq_dif.db_mon_id 
_struct_ref_seq_dif.pdbx_seq_db_seq_num 
_struct_ref_seq_dif.details 
_struct_ref_seq_dif.pdbx_auth_seq_num 
_struct_ref_seq_dif.pdbx_ordinal 
1 5M82 MET A 1   ? UNP P73184 ? ? 'initiating methionine' 391 1  
1 5M82 HIS A 2   ? UNP P73184 ? ? 'expression tag'        392 2  
1 5M82 HIS A 3   ? UNP P73184 ? ? 'expression tag'        393 3  
1 5M82 HIS A 4   ? UNP P73184 ? ? 'expression tag'        394 4  
1 5M82 HIS A 5   ? UNP P73184 ? ? 'expression tag'        395 5  
1 5M82 HIS A 6   ? UNP P73184 ? ? 'expression tag'        396 6  
1 5M82 HIS A 7   ? UNP P73184 ? ? 'expression tag'        397 7  
1 5M82 SER A 8   ? UNP P73184 ? ? 'expression tag'        398 8  
1 5M82 SER A 9   ? UNP P73184 ? ? 'expression tag'        399 9  
1 5M82 GLY A 10  ? UNP P73184 ? ? 'expression tag'        400 10 
1 5M82 LEU A 11  ? UNP P73184 ? ? 'expression tag'        401 11 
1 5M82 VAL A 12  ? UNP P73184 ? ? 'expression tag'        402 12 
1 5M82 PRO A 13  ? UNP P73184 ? ? 'expression tag'        403 13 
1 5M82 ARG A 14  ? UNP P73184 ? ? 'expression tag'        404 14 
1 5M82 GLY A 15  ? UNP P73184 ? ? 'expression tag'        405 15 
1 5M82 SER A 16  ? UNP P73184 ? ? 'expression tag'        406 16 
1 5M82 GLY A 17  ? UNP P73184 ? ? 'expression tag'        407 17 
1 5M82 MET A 18  ? UNP P73184 ? ? 'expression tag'        408 18 
1 5M82 LYS A 19  ? UNP P73184 ? ? 'expression tag'        409 19 
1 5M82 GLU A 20  ? UNP P73184 ? ? 'expression tag'        410 20 
1 5M82 THR A 21  ? UNP P73184 ? ? 'expression tag'        411 21 
1 5M82 ALA A 22  ? UNP P73184 ? ? 'expression tag'        412 22 
1 5M82 ALA A 23  ? UNP P73184 ? ? 'expression tag'        413 23 
1 5M82 ALA A 24  ? UNP P73184 ? ? 'expression tag'        414 24 
1 5M82 LYS A 25  ? UNP P73184 ? ? 'expression tag'        415 25 
1 5M82 PHE A 26  ? UNP P73184 ? ? 'expression tag'        416 26 
1 5M82 GLU A 27  ? UNP P73184 ? ? 'expression tag'        417 27 
1 5M82 ARG A 28  ? UNP P73184 ? ? 'expression tag'        418 28 
1 5M82 GLN A 29  ? UNP P73184 ? ? 'expression tag'        419 29 
1 5M82 HIS A 30  ? UNP P73184 ? ? 'expression tag'        420 30 
1 5M82 MET A 31  ? UNP P73184 ? ? 'expression tag'        421 31 
1 5M82 ASP A 32  ? UNP P73184 ? ? 'expression tag'        422 32 
1 5M82 SER A 33  ? UNP P73184 ? ? 'expression tag'        423 33 
1 5M82 PRO A 34  ? UNP P73184 ? ? 'expression tag'        424 34 
1 5M82 ASP A 35  ? UNP P73184 ? ? 'expression tag'        425 35 
1 5M82 LEU A 36  ? UNP P73184 ? ? 'expression tag'        426 36 
1 5M82 GLY A 37  ? UNP P73184 ? ? 'expression tag'        427 37 
1 5M82 THR A 38  ? UNP P73184 ? ? 'expression tag'        428 38 
1 5M82 ASP A 39  ? UNP P73184 ? ? 'expression tag'        429 39 
1 5M82 ASP A 40  ? UNP P73184 ? ? 'expression tag'        430 40 
1 5M82 ASP A 41  ? UNP P73184 ? ? 'expression tag'        431 41 
1 5M82 ASP A 42  ? UNP P73184 ? ? 'expression tag'        432 42 
1 5M82 LYS A 43  ? UNP P73184 ? ? 'expression tag'        433 43 
1 5M82 ALA A 44  ? UNP P73184 ? ? 'expression tag'        434 44 
1 5M82 MET A 45  ? UNP P73184 ? ? 'expression tag'        435 45 
1 5M82 ALA A 46  ? UNP P73184 ? ? 'expression tag'        436 46 
1 5M82 ASP A 47  ? UNP P73184 ? ? 'expression tag'        437 47 
1 5M82 ILE A 48  ? UNP P73184 ? ? 'expression tag'        438 48 
1 5M82 GLY A 49  ? UNP P73184 ? ? 'expression tag'        439 49 
1 5M82 SER A 50  ? UNP P73184 ? ? 'expression tag'        440 50 
1 5M82 LEU A 208 ? UNP P73184 ? ? 'expression tag'        598 51 
1 5M82 GLU A 209 ? UNP P73184 ? ? 'expression tag'        599 52 
1 5M82 HIS A 210 ? UNP P73184 ? ? 'expression tag'        600 53 
1 5M82 HIS A 211 ? UNP P73184 ? ? 'expression tag'        601 54 
1 5M82 HIS A 212 ? UNP P73184 ? ? 'expression tag'        602 55 
1 5M82 HIS A 213 ? UNP P73184 ? ? 'expression tag'        603 56 
1 5M82 HIS A 214 ? UNP P73184 ? ? 'expression tag'        604 57 
1 5M82 HIS A 215 ? UNP P73184 ? ? 'expression tag'        605 58 
# 
_pdbx_struct_assembly.id                   1 
_pdbx_struct_assembly.details              software_defined_assembly 
_pdbx_struct_assembly.method_details       PISA 
_pdbx_struct_assembly.oligomeric_details   monomeric 
_pdbx_struct_assembly.oligomeric_count     1 
# 
loop_
_pdbx_struct_assembly_prop.biol_id 
_pdbx_struct_assembly_prop.type 
_pdbx_struct_assembly_prop.value 
_pdbx_struct_assembly_prop.details 
1 'ABSA (A^2)' 1870 ? 
1 MORE         -57  ? 
1 'SSA (A^2)'  8830 ? 
# 
_pdbx_struct_assembly_gen.assembly_id       1 
_pdbx_struct_assembly_gen.oper_expression   1 
_pdbx_struct_assembly_gen.asym_id_list      A,B,C,D,E,F,G 
# 
_pdbx_struct_oper_list.id                   1 
_pdbx_struct_oper_list.type                 'identity operation' 
_pdbx_struct_oper_list.name                 1_555 
_pdbx_struct_oper_list.symmetry_operation   x,y,z 
_pdbx_struct_oper_list.matrix[1][1]         1.0000000000 
_pdbx_struct_oper_list.matrix[1][2]         0.0000000000 
_pdbx_struct_oper_list.matrix[1][3]         0.0000000000 
_pdbx_struct_oper_list.vector[1]            0.0000000000 
_pdbx_struct_oper_list.matrix[2][1]         0.0000000000 
_pdbx_struct_oper_list.matrix[2][2]         1.0000000000 
_pdbx_struct_oper_list.matrix[2][3]         0.0000000000 
_pdbx_struct_oper_list.vector[2]            0.0000000000 
_pdbx_struct_oper_list.matrix[3][1]         0.0000000000 
_pdbx_struct_oper_list.matrix[3][2]         0.0000000000 
_pdbx_struct_oper_list.matrix[3][3]         1.0000000000 
_pdbx_struct_oper_list.vector[3]            0.0000000000 
# 
loop_
_struct_conf.conf_type_id 
_struct_conf.id 
_struct_conf.pdbx_PDB_helix_id 
_struct_conf.beg_label_comp_id 
_struct_conf.beg_label_asym_id 
_struct_conf.beg_label_seq_id 
_struct_conf.pdbx_beg_PDB_ins_code 
_struct_conf.end_label_comp_id 
_struct_conf.end_label_asym_id 
_struct_conf.end_label_seq_id 
_struct_conf.pdbx_end_PDB_ins_code 
_struct_conf.beg_auth_comp_id 
_struct_conf.beg_auth_asym_id 
_struct_conf.beg_auth_seq_id 
_struct_conf.end_auth_comp_id 
_struct_conf.end_auth_asym_id 
_struct_conf.end_auth_seq_id 
_struct_conf.pdbx_PDB_helix_class 
_struct_conf.details 
_struct_conf.pdbx_PDB_helix_length 
HELX_P HELX_P1 AA1 SER A 50  ? SER A 67  ? SER A 440 SER A 457 1 ? 18 
HELX_P HELX_P2 AA2 PRO A 95  ? ASN A 101 ? PRO A 485 ASN A 491 1 ? 7  
HELX_P HELX_P3 AA3 THR A 109 ? ASN A 114 ? THR A 499 ASN A 504 1 ? 6  
HELX_P HELX_P4 AA4 GLY A 116 ? HIS A 122 ? GLY A 506 HIS A 512 5 ? 7  
HELX_P HELX_P5 AA5 THR A 136 ? PHE A 146 ? THR A 526 PHE A 536 1 ? 11 
HELX_P HELX_P6 AA6 GLN A 178 ? PHE A 205 ? GLN A 568 PHE A 595 1 ? 28 
# 
_struct_conf_type.id          HELX_P 
_struct_conf_type.criteria    ? 
_struct_conf_type.reference   ? 
# 
loop_
_struct_conn.id 
_struct_conn.conn_type_id 
_struct_conn.pdbx_leaving_atom_flag 
_struct_conn.pdbx_PDB_id 
_struct_conn.ptnr1_label_asym_id 
_struct_conn.ptnr1_label_comp_id 
_struct_conn.ptnr1_label_seq_id 
_struct_conn.ptnr1_label_atom_id 
_struct_conn.pdbx_ptnr1_label_alt_id 
_struct_conn.pdbx_ptnr1_PDB_ins_code 
_struct_conn.pdbx_ptnr1_standard_comp_id 
_struct_conn.ptnr1_symmetry 
_struct_conn.ptnr2_label_asym_id 
_struct_conn.ptnr2_label_comp_id 
_struct_conn.ptnr2_label_seq_id 
_struct_conn.ptnr2_label_atom_id 
_struct_conn.pdbx_ptnr2_label_alt_id 
_struct_conn.pdbx_ptnr2_PDB_ins_code 
_struct_conn.ptnr1_auth_asym_id 
_struct_conn.ptnr1_auth_comp_id 
_struct_conn.ptnr1_auth_seq_id 
_struct_conn.ptnr2_auth_asym_id 
_struct_conn.ptnr2_auth_comp_id 
_struct_conn.ptnr2_auth_seq_id 
_struct_conn.ptnr2_symmetry 
_struct_conn.pdbx_ptnr3_label_atom_id 
_struct_conn.pdbx_ptnr3_label_seq_id 
_struct_conn.pdbx_ptnr3_label_comp_id 
_struct_conn.pdbx_ptnr3_label_asym_id 
_struct_conn.pdbx_ptnr3_label_alt_id 
_struct_conn.pdbx_ptnr3_PDB_ins_code 
_struct_conn.details 
_struct_conn.pdbx_dist_value 
_struct_conn.pdbx_value_order 
_struct_conn.pdbx_role 
covale1 covale one ? A CYS 138 SG  ? ? ? 1_555 B CYC . CAC ? ? A CYS 528 A CYC 701 1_555 ? ? ? ? ? ? ? 1.734 ? ? 
metalc1 metalc ?   ? A THR 136 OG1 ? ? ? 1_555 F NA  . NA  ? ? A THR 526 A NA  705 1_555 ? ? ? ? ? ? ? 3.080 ? ? 
metalc2 metalc ?   ? A THR 153 OG1 ? ? ? 1_555 D NA  . NA  ? ? A THR 543 A NA  703 1_555 ? ? ? ? ? ? ? 2.914 ? ? 
metalc3 metalc ?   ? A TYR 169 OH  ? ? ? 1_555 D NA  . NA  ? ? A TYR 559 A NA  703 1_555 ? ? ? ? ? ? ? 2.539 ? ? 
metalc4 metalc ?   ? B CYC .   OB  ? ? ? 1_555 E NA  . NA  ? ? A CYC 701 A NA  704 1_555 ? ? ? ? ? ? ? 2.476 ? ? 
metalc5 metalc ?   ? D NA  .   NA  ? ? ? 1_555 G HOH . O   ? ? A NA  703 A HOH 823 1_555 ? ? ? ? ? ? ? 2.438 ? ? 
metalc6 metalc ?   ? F NA  .   NA  ? ? ? 1_555 G HOH . O   ? ? A NA  705 A HOH 854 1_555 ? ? ? ? ? ? ? 2.795 ? ? 
# 
loop_
_struct_conn_type.id 
_struct_conn_type.criteria 
_struct_conn_type.reference 
covale ? ? 
metalc ? ? 
# 
loop_
_pdbx_struct_conn_angle.id 
_pdbx_struct_conn_angle.ptnr1_label_atom_id 
_pdbx_struct_conn_angle.ptnr1_label_alt_id 
_pdbx_struct_conn_angle.ptnr1_label_asym_id 
_pdbx_struct_conn_angle.ptnr1_label_comp_id 
_pdbx_struct_conn_angle.ptnr1_label_seq_id 
_pdbx_struct_conn_angle.ptnr1_auth_atom_id 
_pdbx_struct_conn_angle.ptnr1_auth_asym_id 
_pdbx_struct_conn_angle.ptnr1_auth_comp_id 
_pdbx_struct_conn_angle.ptnr1_auth_seq_id 
_pdbx_struct_conn_angle.ptnr1_PDB_ins_code 
_pdbx_struct_conn_angle.ptnr1_symmetry 
_pdbx_struct_conn_angle.ptnr2_label_atom_id 
_pdbx_struct_conn_angle.ptnr2_label_alt_id 
_pdbx_struct_conn_angle.ptnr2_label_asym_id 
_pdbx_struct_conn_angle.ptnr2_label_comp_id 
_pdbx_struct_conn_angle.ptnr2_label_seq_id 
_pdbx_struct_conn_angle.ptnr2_auth_atom_id 
_pdbx_struct_conn_angle.ptnr2_auth_asym_id 
_pdbx_struct_conn_angle.ptnr2_auth_comp_id 
_pdbx_struct_conn_angle.ptnr2_auth_seq_id 
_pdbx_struct_conn_angle.ptnr2_PDB_ins_code 
_pdbx_struct_conn_angle.ptnr2_symmetry 
_pdbx_struct_conn_angle.ptnr3_label_atom_id 
_pdbx_struct_conn_angle.ptnr3_label_alt_id 
_pdbx_struct_conn_angle.ptnr3_label_asym_id 
_pdbx_struct_conn_angle.ptnr3_label_comp_id 
_pdbx_struct_conn_angle.ptnr3_label_seq_id 
_pdbx_struct_conn_angle.ptnr3_auth_atom_id 
_pdbx_struct_conn_angle.ptnr3_auth_asym_id 
_pdbx_struct_conn_angle.ptnr3_auth_comp_id 
_pdbx_struct_conn_angle.ptnr3_auth_seq_id 
_pdbx_struct_conn_angle.ptnr3_PDB_ins_code 
_pdbx_struct_conn_angle.ptnr3_symmetry 
_pdbx_struct_conn_angle.value 
_pdbx_struct_conn_angle.value_esd 
1 OG1 ? A THR 136 ? A THR 526 ? 1_555 NA ? F NA . ? A NA 705 ? 1_555 O  ? G HOH .   ? A HOH 854 ? 1_555 109.2 ? 
2 OG1 ? A THR 153 ? A THR 543 ? 1_555 NA ? D NA . ? A NA 703 ? 1_555 OH ? A TYR 169 ? A TYR 559 ? 1_555 104.5 ? 
3 OG1 ? A THR 153 ? A THR 543 ? 1_555 NA ? D NA . ? A NA 703 ? 1_555 O  ? G HOH .   ? A HOH 823 ? 1_555 105.0 ? 
4 OH  ? A TYR 169 ? A TYR 559 ? 1_555 NA ? D NA . ? A NA 703 ? 1_555 O  ? G HOH .   ? A HOH 823 ? 1_555 118.5 ? 
# 
_pdbx_modification_feature.ordinal                            1 
_pdbx_modification_feature.label_comp_id                      CYC 
_pdbx_modification_feature.label_asym_id                      B 
_pdbx_modification_feature.label_seq_id                       . 
_pdbx_modification_feature.label_alt_id                       ? 
_pdbx_modification_feature.modified_residue_label_comp_id     CYS 
_pdbx_modification_feature.modified_residue_label_asym_id     A 
_pdbx_modification_feature.modified_residue_label_seq_id      138 
_pdbx_modification_feature.modified_residue_label_alt_id      ? 
_pdbx_modification_feature.auth_comp_id                       CYC 
_pdbx_modification_feature.auth_asym_id                       A 
_pdbx_modification_feature.auth_seq_id                        701 
_pdbx_modification_feature.PDB_ins_code                       ? 
_pdbx_modification_feature.symmetry                           1_555 
_pdbx_modification_feature.modified_residue_auth_comp_id      CYS 
_pdbx_modification_feature.modified_residue_auth_asym_id      A 
_pdbx_modification_feature.modified_residue_auth_seq_id       528 
_pdbx_modification_feature.modified_residue_PDB_ins_code      ? 
_pdbx_modification_feature.modified_residue_symmetry          1_555 
_pdbx_modification_feature.comp_id_linking_atom               CAC 
_pdbx_modification_feature.modified_residue_id_linking_atom   SG 
_pdbx_modification_feature.modified_residue_id                CYS 
_pdbx_modification_feature.ref_pcm_id                         1 
_pdbx_modification_feature.ref_comp_id                        CYC 
_pdbx_modification_feature.type                               None 
_pdbx_modification_feature.category                           'Covalent chemical modification' 
# 
_struct_sheet.id               AA1 
_struct_sheet.type             ? 
_struct_sheet.number_strands   5 
_struct_sheet.details          ? 
# 
loop_
_struct_sheet_order.sheet_id 
_struct_sheet_order.range_id_1 
_struct_sheet_order.range_id_2 
_struct_sheet_order.offset 
_struct_sheet_order.sense 
AA1 1 2 ? anti-parallel 
AA1 2 3 ? anti-parallel 
AA1 3 4 ? anti-parallel 
AA1 4 5 ? anti-parallel 
# 
loop_
_struct_sheet_range.sheet_id 
_struct_sheet_range.id 
_struct_sheet_range.beg_label_comp_id 
_struct_sheet_range.beg_label_asym_id 
_struct_sheet_range.beg_label_seq_id 
_struct_sheet_range.pdbx_beg_PDB_ins_code 
_struct_sheet_range.end_label_comp_id 
_struct_sheet_range.end_label_asym_id 
_struct_sheet_range.end_label_seq_id 
_struct_sheet_range.pdbx_end_PDB_ins_code 
_struct_sheet_range.beg_auth_comp_id 
_struct_sheet_range.beg_auth_asym_id 
_struct_sheet_range.beg_auth_seq_id 
_struct_sheet_range.end_auth_comp_id 
_struct_sheet_range.end_auth_asym_id 
_struct_sheet_range.end_auth_seq_id 
AA1 1 GLY A 82  ? VAL A 89  ? GLY A 472 VAL A 479 
AA1 2 ARG A 70  ? PHE A 76  ? ARG A 460 PHE A 466 
AA1 3 GLN A 161 ? ASN A 171 ? GLN A 551 ASN A 561 
AA1 4 ILE A 148 ? VAL A 158 ? ILE A 538 VAL A 548 
AA1 5 LEU A 125 ? VAL A 127 ? LEU A 515 VAL A 517 
# 
loop_
_pdbx_struct_sheet_hbond.sheet_id 
_pdbx_struct_sheet_hbond.range_id_1 
_pdbx_struct_sheet_hbond.range_id_2 
_pdbx_struct_sheet_hbond.range_1_label_atom_id 
_pdbx_struct_sheet_hbond.range_1_label_comp_id 
_pdbx_struct_sheet_hbond.range_1_label_asym_id 
_pdbx_struct_sheet_hbond.range_1_label_seq_id 
_pdbx_struct_sheet_hbond.range_1_PDB_ins_code 
_pdbx_struct_sheet_hbond.range_1_auth_atom_id 
_pdbx_struct_sheet_hbond.range_1_auth_comp_id 
_pdbx_struct_sheet_hbond.range_1_auth_asym_id 
_pdbx_struct_sheet_hbond.range_1_auth_seq_id 
_pdbx_struct_sheet_hbond.range_2_label_atom_id 
_pdbx_struct_sheet_hbond.range_2_label_comp_id 
_pdbx_struct_sheet_hbond.range_2_label_asym_id 
_pdbx_struct_sheet_hbond.range_2_label_seq_id 
_pdbx_struct_sheet_hbond.range_2_PDB_ins_code 
_pdbx_struct_sheet_hbond.range_2_auth_atom_id 
_pdbx_struct_sheet_hbond.range_2_auth_comp_id 
_pdbx_struct_sheet_hbond.range_2_auth_asym_id 
_pdbx_struct_sheet_hbond.range_2_auth_seq_id 
AA1 1 2 O ILE A 85  ? O ILE A 475 N VAL A 73  ? N VAL A 463 
AA1 2 3 N LEU A 72  ? N LEU A 462 O GLY A 167 ? O GLY A 557 
AA1 3 4 O GLN A 170 ? O GLN A 560 N ALA A 150 ? N ALA A 540 
AA1 4 5 O THR A 153 ? O THR A 543 N LEU A 125 ? N LEU A 515 
# 
loop_
_struct_site.id 
_struct_site.pdbx_evidence_code 
_struct_site.pdbx_auth_asym_id 
_struct_site.pdbx_auth_comp_id 
_struct_site.pdbx_auth_seq_id 
_struct_site.pdbx_auth_ins_code 
_struct_site.pdbx_num_residues 
_struct_site.details 
AC1 Software A CYC 701 ? 21 'binding site for residue CYC A 701' 
AC2 Software A 3CX 702 ? 13 'binding site for residue 3CX A 702' 
AC3 Software A NA  703 ? 4  'binding site for residue NA A 703'  
AC4 Software A NA  704 ? 3  'binding site for residue NA A 704'  
AC5 Software A NA  705 ? 5  'binding site for residue NA A 705'  
# 
loop_
_struct_site_gen.id 
_struct_site_gen.site_id 
_struct_site_gen.pdbx_num_res 
_struct_site_gen.label_comp_id 
_struct_site_gen.label_asym_id 
_struct_site_gen.label_seq_id 
_struct_site_gen.pdbx_auth_ins_code 
_struct_site_gen.auth_comp_id 
_struct_site_gen.auth_asym_id 
_struct_site_gen.auth_seq_id 
_struct_site_gen.label_atom_id 
_struct_site_gen.label_alt_id 
_struct_site_gen.symmetry 
_struct_site_gen.details 
1  AC1 21 LEU A 105 ? LEU A 495 . ? 1_555 ? 
2  AC1 21 GLN A 107 ? GLN A 497 . ? 1_555 ? 
3  AC1 21 ASP A 108 ? ASP A 498 . ? 1_555 ? 
4  AC1 21 THR A 109 ? THR A 499 . ? 1_555 ? 
5  AC1 21 TYR A 110 ? TYR A 500 . ? 1_555 ? 
6  AC1 21 ARG A 118 ? ARG A 508 . ? 1_555 ? 
7  AC1 21 TYR A 119 ? TYR A 509 . ? 1_555 ? 
8  AC1 21 LEU A 125 ? LEU A 515 . ? 1_555 ? 
9  AC1 21 THR A 136 ? THR A 526 . ? 1_555 ? 
10 AC1 21 CYS A 138 ? CYS A 528 . ? 1_555 ? 
11 AC1 21 HIS A 139 ? HIS A 529 . ? 1_555 ? 
12 AC1 21 PHE A 146 ? PHE A 536 . ? 1_555 ? 
13 AC1 21 PHE A 151 ? PHE A 541 . ? 1_555 ? 
14 AC1 21 3CX C .   ? 3CX A 702 . ? 1_555 ? 
15 AC1 21 NA  D .   ? NA  A 703 . ? 1_555 ? 
16 AC1 21 NA  E .   ? NA  A 704 . ? 1_555 ? 
17 AC1 21 NA  F .   ? NA  A 705 . ? 1_555 ? 
18 AC1 21 HOH G .   ? HOH A 811 . ? 1_555 ? 
19 AC1 21 HOH G .   ? HOH A 823 . ? 1_555 ? 
20 AC1 21 HOH G .   ? HOH A 832 . ? 1_555 ? 
21 AC1 21 HOH G .   ? HOH A 848 . ? 1_555 ? 
22 AC2 13 LEU A 105 ? LEU A 495 . ? 6_544 ? 
23 AC2 13 TRP A 106 ? TRP A 496 . ? 6_544 ? 
24 AC2 13 GLN A 107 ? GLN A 497 . ? 6_544 ? 
25 AC2 13 TYR A 110 ? TYR A 500 . ? 1_555 ? 
26 AC2 13 ARG A 118 ? ARG A 508 . ? 1_555 ? 
27 AC2 13 ALA A 133 ? ALA A 523 . ? 1_555 ? 
28 AC2 13 GLY A 134 ? GLY A 524 . ? 1_555 ? 
29 AC2 13 PHE A 135 ? PHE A 525 . ? 1_555 ? 
30 AC2 13 CYC B .   ? CYC A 701 . ? 1_555 ? 
31 AC2 13 HOH G .   ? HOH A 809 . ? 1_555 ? 
32 AC2 13 HOH G .   ? HOH A 818 . ? 6_544 ? 
33 AC2 13 HOH G .   ? HOH A 832 . ? 1_555 ? 
34 AC2 13 HOH G .   ? HOH A 854 . ? 1_555 ? 
35 AC3 4  THR A 153 ? THR A 543 . ? 1_555 ? 
36 AC3 4  TYR A 169 ? TYR A 559 . ? 1_555 ? 
37 AC3 4  CYC B .   ? CYC A 701 . ? 1_555 ? 
38 AC3 4  HOH G .   ? HOH A 823 . ? 1_555 ? 
39 AC4 3  GLN A 100 ? GLN A 490 . ? 1_555 ? 
40 AC4 3  LEU A 105 ? LEU A 495 . ? 1_555 ? 
41 AC4 3  CYC B .   ? CYC A 701 . ? 1_555 ? 
42 AC5 5  PHE A 135 ? PHE A 525 . ? 1_555 ? 
43 AC5 5  THR A 136 ? THR A 526 . ? 1_555 ? 
44 AC5 5  HIS A 139 ? HIS A 529 . ? 1_555 ? 
45 AC5 5  CYC B .   ? CYC A 701 . ? 1_555 ? 
46 AC5 5  HOH G .   ? HOH A 854 . ? 1_555 ? 
# 
_pdbx_entry_details.entry_id                   5M82 
_pdbx_entry_details.compound_details           ? 
_pdbx_entry_details.source_details             ? 
_pdbx_entry_details.nonpolymer_details         ? 
_pdbx_entry_details.sequence_details           ? 
_pdbx_entry_details.has_ligand_of_interest     ? 
_pdbx_entry_details.has_protein_modification   Y 
# 
loop_
_pdbx_validate_rmsd_angle.id 
_pdbx_validate_rmsd_angle.PDB_model_num 
_pdbx_validate_rmsd_angle.auth_atom_id_1 
_pdbx_validate_rmsd_angle.auth_asym_id_1 
_pdbx_validate_rmsd_angle.auth_comp_id_1 
_pdbx_validate_rmsd_angle.auth_seq_id_1 
_pdbx_validate_rmsd_angle.PDB_ins_code_1 
_pdbx_validate_rmsd_angle.label_alt_id_1 
_pdbx_validate_rmsd_angle.auth_atom_id_2 
_pdbx_validate_rmsd_angle.auth_asym_id_2 
_pdbx_validate_rmsd_angle.auth_comp_id_2 
_pdbx_validate_rmsd_angle.auth_seq_id_2 
_pdbx_validate_rmsd_angle.PDB_ins_code_2 
_pdbx_validate_rmsd_angle.label_alt_id_2 
_pdbx_validate_rmsd_angle.auth_atom_id_3 
_pdbx_validate_rmsd_angle.auth_asym_id_3 
_pdbx_validate_rmsd_angle.auth_comp_id_3 
_pdbx_validate_rmsd_angle.auth_seq_id_3 
_pdbx_validate_rmsd_angle.PDB_ins_code_3 
_pdbx_validate_rmsd_angle.label_alt_id_3 
_pdbx_validate_rmsd_angle.angle_value 
_pdbx_validate_rmsd_angle.angle_target_value 
_pdbx_validate_rmsd_angle.angle_deviation 
_pdbx_validate_rmsd_angle.angle_standard_deviation 
_pdbx_validate_rmsd_angle.linker_flag 
1 1 CA A CYS 528 ? ? CB A CYS 528 ? ? SG  A CYS 528 ? ? 121.03 114.20 6.83  1.10 N 
2 1 NE A ARG 535 ? ? CZ A ARG 535 ? ? NH2 A ARG 535 ? ? 117.04 120.30 -3.26 0.50 N 
# 
loop_
_pdbx_validate_torsion.id 
_pdbx_validate_torsion.PDB_model_num 
_pdbx_validate_torsion.auth_comp_id 
_pdbx_validate_torsion.auth_asym_id 
_pdbx_validate_torsion.auth_seq_id 
_pdbx_validate_torsion.PDB_ins_code 
_pdbx_validate_torsion.label_alt_id 
_pdbx_validate_torsion.phi 
_pdbx_validate_torsion.psi 
1 1 SER A 457 ? ? 33.43 65.49 
2 1 GLU A 505 ? ? 37.50 49.41 
3 1 GLU A 537 ? ? 46.90 29.09 
# 
loop_
_pdbx_unobs_or_zero_occ_residues.id 
_pdbx_unobs_or_zero_occ_residues.PDB_model_num 
_pdbx_unobs_or_zero_occ_residues.polymer_flag 
_pdbx_unobs_or_zero_occ_residues.occupancy_flag 
_pdbx_unobs_or_zero_occ_residues.auth_asym_id 
_pdbx_unobs_or_zero_occ_residues.auth_comp_id 
_pdbx_unobs_or_zero_occ_residues.auth_seq_id 
_pdbx_unobs_or_zero_occ_residues.PDB_ins_code 
_pdbx_unobs_or_zero_occ_residues.label_asym_id 
_pdbx_unobs_or_zero_occ_residues.label_comp_id 
_pdbx_unobs_or_zero_occ_residues.label_seq_id 
1  1 Y 1 A MET 391 ? A MET 1   
2  1 Y 1 A HIS 392 ? A HIS 2   
3  1 Y 1 A HIS 393 ? A HIS 3   
4  1 Y 1 A HIS 394 ? A HIS 4   
5  1 Y 1 A HIS 395 ? A HIS 5   
6  1 Y 1 A HIS 396 ? A HIS 6   
7  1 Y 1 A HIS 397 ? A HIS 7   
8  1 Y 1 A SER 398 ? A SER 8   
9  1 Y 1 A SER 399 ? A SER 9   
10 1 Y 1 A GLY 400 ? A GLY 10  
11 1 Y 1 A LEU 401 ? A LEU 11  
12 1 Y 1 A VAL 402 ? A VAL 12  
13 1 Y 1 A PRO 403 ? A PRO 13  
14 1 Y 1 A ARG 404 ? A ARG 14  
15 1 Y 1 A GLY 405 ? A GLY 15  
16 1 Y 1 A SER 406 ? A SER 16  
17 1 Y 1 A GLY 407 ? A GLY 17  
18 1 Y 1 A MET 408 ? A MET 18  
19 1 Y 1 A LYS 409 ? A LYS 19  
20 1 Y 1 A GLU 410 ? A GLU 20  
21 1 Y 1 A THR 411 ? A THR 21  
22 1 Y 1 A ALA 412 ? A ALA 22  
23 1 Y 1 A ALA 413 ? A ALA 23  
24 1 Y 1 A ALA 414 ? A ALA 24  
25 1 Y 1 A LYS 415 ? A LYS 25  
26 1 Y 1 A PHE 416 ? A PHE 26  
27 1 Y 1 A GLU 417 ? A GLU 27  
28 1 Y 1 A ARG 418 ? A ARG 28  
29 1 Y 1 A GLN 419 ? A GLN 29  
30 1 Y 1 A HIS 420 ? A HIS 30  
31 1 Y 1 A MET 421 ? A MET 31  
32 1 Y 1 A ASP 422 ? A ASP 32  
33 1 Y 1 A SER 423 ? A SER 33  
34 1 Y 1 A PRO 424 ? A PRO 34  
35 1 Y 1 A ASP 425 ? A ASP 35  
36 1 Y 1 A LEU 426 ? A LEU 36  
37 1 Y 1 A GLY 427 ? A GLY 37  
38 1 Y 1 A THR 428 ? A THR 38  
39 1 Y 1 A ASP 429 ? A ASP 39  
40 1 Y 1 A ASP 430 ? A ASP 40  
41 1 Y 1 A ASP 431 ? A ASP 41  
42 1 Y 1 A ASP 432 ? A ASP 42  
43 1 Y 1 A LYS 433 ? A LYS 43  
44 1 Y 1 A ALA 434 ? A ALA 44  
45 1 Y 1 A MET 435 ? A MET 45  
46 1 Y 1 A ALA 436 ? A ALA 46  
47 1 Y 1 A ASP 437 ? A ASP 47  
48 1 Y 1 A ILE 438 ? A ILE 48  
49 1 Y 1 A GLY 439 ? A GLY 49  
50 1 Y 1 A LEU 598 ? A LEU 208 
51 1 Y 1 A GLU 599 ? A GLU 209 
52 1 Y 1 A HIS 600 ? A HIS 210 
53 1 Y 1 A HIS 601 ? A HIS 211 
54 1 Y 1 A HIS 602 ? A HIS 212 
55 1 Y 1 A HIS 603 ? A HIS 213 
56 1 Y 1 A HIS 604 ? A HIS 214 
57 1 Y 1 A HIS 605 ? A HIS 215 
# 
loop_
_chem_comp_atom.comp_id 
_chem_comp_atom.atom_id 
_chem_comp_atom.type_symbol 
_chem_comp_atom.pdbx_aromatic_flag 
_chem_comp_atom.pdbx_stereo_config 
_chem_comp_atom.pdbx_ordinal 
3CX OAA  O  N N 1   
3CX OAB  O  N N 2   
3CX OAC  O  N N 3   
3CX OAD  O  N N 4   
3CX CAE  C  N N 5   
3CX CAF  C  N N 6   
3CX CAG  C  N N 7   
3CX CAH  C  N N 8   
3CX CAI  C  N N 9   
3CX CAJ  C  N N 10  
3CX CAK  C  N N 11  
3CX NAL  N  N N 12  
3CX CAM  C  N S 13  
3CX CAN  C  N N 14  
3CX SAO  S  N N 15  
3CX HOAC H  N N 16  
3CX HOAD H  N N 17  
3CX HAE  H  N N 18  
3CX HAEA H  N N 19  
3CX HAF  H  N N 20  
3CX HAFA H  N N 21  
3CX HAG  H  N N 22  
3CX HAGA H  N N 23  
3CX HAH  H  N N 24  
3CX HAHA H  N N 25  
3CX HAI  H  N N 26  
3CX HAIA H  N N 27  
3CX HAJ  H  N N 28  
3CX HAJA H  N N 29  
3CX HAK  H  N N 30  
3CX HAKA H  N N 31  
3CX HNAL H  N N 32  
3CX HAM  H  N N 33  
3CX HAN  H  N N 34  
ALA N    N  N N 35  
ALA CA   C  N S 36  
ALA C    C  N N 37  
ALA O    O  N N 38  
ALA CB   C  N N 39  
ALA OXT  O  N N 40  
ALA H    H  N N 41  
ALA H2   H  N N 42  
ALA HA   H  N N 43  
ALA HB1  H  N N 44  
ALA HB2  H  N N 45  
ALA HB3  H  N N 46  
ALA HXT  H  N N 47  
ARG N    N  N N 48  
ARG CA   C  N S 49  
ARG C    C  N N 50  
ARG O    O  N N 51  
ARG CB   C  N N 52  
ARG CG   C  N N 53  
ARG CD   C  N N 54  
ARG NE   N  N N 55  
ARG CZ   C  N N 56  
ARG NH1  N  N N 57  
ARG NH2  N  N N 58  
ARG OXT  O  N N 59  
ARG H    H  N N 60  
ARG H2   H  N N 61  
ARG HA   H  N N 62  
ARG HB2  H  N N 63  
ARG HB3  H  N N 64  
ARG HG2  H  N N 65  
ARG HG3  H  N N 66  
ARG HD2  H  N N 67  
ARG HD3  H  N N 68  
ARG HE   H  N N 69  
ARG HH11 H  N N 70  
ARG HH12 H  N N 71  
ARG HH21 H  N N 72  
ARG HH22 H  N N 73  
ARG HXT  H  N N 74  
ASN N    N  N N 75  
ASN CA   C  N S 76  
ASN C    C  N N 77  
ASN O    O  N N 78  
ASN CB   C  N N 79  
ASN CG   C  N N 80  
ASN OD1  O  N N 81  
ASN ND2  N  N N 82  
ASN OXT  O  N N 83  
ASN H    H  N N 84  
ASN H2   H  N N 85  
ASN HA   H  N N 86  
ASN HB2  H  N N 87  
ASN HB3  H  N N 88  
ASN HD21 H  N N 89  
ASN HD22 H  N N 90  
ASN HXT  H  N N 91  
ASP N    N  N N 92  
ASP CA   C  N S 93  
ASP C    C  N N 94  
ASP O    O  N N 95  
ASP CB   C  N N 96  
ASP CG   C  N N 97  
ASP OD1  O  N N 98  
ASP OD2  O  N N 99  
ASP OXT  O  N N 100 
ASP H    H  N N 101 
ASP H2   H  N N 102 
ASP HA   H  N N 103 
ASP HB2  H  N N 104 
ASP HB3  H  N N 105 
ASP HD2  H  N N 106 
ASP HXT  H  N N 107 
CYC CHA  C  N N 108 
CYC NA   N  N N 109 
CYC C1A  C  N N 110 
CYC C2A  C  N N 111 
CYC C3A  C  N N 112 
CYC C4A  C  N N 113 
CYC CMA  C  N N 114 
CYC CAA  C  N N 115 
CYC CBA  C  N N 116 
CYC CGA  C  N N 117 
CYC O1A  O  N N 118 
CYC O2A  O  N N 119 
CYC CHB  C  N N 120 
CYC NB   N  N N 121 
CYC C1B  C  N N 122 
CYC C2B  C  N N 123 
CYC C3B  C  N N 124 
CYC C4B  C  N N 125 
CYC CMB  C  N N 126 
CYC CAB  C  N N 127 
CYC CBB  C  N N 128 
CYC OB   O  N N 129 
CYC NC   N  N N 130 
CYC C1C  C  N N 131 
CYC C2C  C  N R 132 
CYC C3C  C  N R 133 
CYC C4C  C  N N 134 
CYC CMC  C  N N 135 
CYC CAC  C  N N 136 
CYC CBC  C  N N 137 
CYC OC   O  N N 138 
CYC CHD  C  N N 139 
CYC ND   N  Y N 140 
CYC C1D  C  Y N 141 
CYC C2D  C  Y N 142 
CYC C3D  C  Y N 143 
CYC C4D  C  Y N 144 
CYC CMD  C  N N 145 
CYC CAD  C  N N 146 
CYC CBD  C  N N 147 
CYC CGD  C  N N 148 
CYC O1D  O  N N 149 
CYC O2D  O  N N 150 
CYC HHA  H  N N 151 
CYC HMA1 H  N N 152 
CYC HMA2 H  N N 153 
CYC HMA3 H  N N 154 
CYC HAA1 H  N N 155 
CYC HAA2 H  N N 156 
CYC HBA1 H  N N 157 
CYC HBA2 H  N N 158 
CYC H2A  H  N N 159 
CYC HHB  H  N N 160 
CYC HB   H  N N 161 
CYC HMB1 H  N N 162 
CYC HMB2 H  N N 163 
CYC HMB3 H  N N 164 
CYC HAB1 H  N N 165 
CYC HAB2 H  N N 166 
CYC HBB1 H  N N 167 
CYC HBB2 H  N N 168 
CYC HBB3 H  N N 169 
CYC HC   H  N N 170 
CYC H2C  H  N N 171 
CYC H3C  H  N N 172 
CYC HMC1 H  N N 173 
CYC HMC2 H  N N 174 
CYC HMC3 H  N N 175 
CYC HAC1 H  N N 176 
CYC HAC2 H  N N 177 
CYC HBC1 H  N N 178 
CYC HBC2 H  N N 179 
CYC HBC3 H  N N 180 
CYC HHD  H  N N 181 
CYC HD   H  N N 182 
CYC HMD1 H  N N 183 
CYC HMD2 H  N N 184 
CYC HMD3 H  N N 185 
CYC HAD1 H  N N 186 
CYC HAD2 H  N N 187 
CYC HBD1 H  N N 188 
CYC HBD2 H  N N 189 
CYC H2D  H  N N 190 
CYS N    N  N N 191 
CYS CA   C  N R 192 
CYS C    C  N N 193 
CYS O    O  N N 194 
CYS CB   C  N N 195 
CYS SG   S  N N 196 
CYS OXT  O  N N 197 
CYS H    H  N N 198 
CYS H2   H  N N 199 
CYS HA   H  N N 200 
CYS HB2  H  N N 201 
CYS HB3  H  N N 202 
CYS HG   H  N N 203 
CYS HXT  H  N N 204 
GLN N    N  N N 205 
GLN CA   C  N S 206 
GLN C    C  N N 207 
GLN O    O  N N 208 
GLN CB   C  N N 209 
GLN CG   C  N N 210 
GLN CD   C  N N 211 
GLN OE1  O  N N 212 
GLN NE2  N  N N 213 
GLN OXT  O  N N 214 
GLN H    H  N N 215 
GLN H2   H  N N 216 
GLN HA   H  N N 217 
GLN HB2  H  N N 218 
GLN HB3  H  N N 219 
GLN HG2  H  N N 220 
GLN HG3  H  N N 221 
GLN HE21 H  N N 222 
GLN HE22 H  N N 223 
GLN HXT  H  N N 224 
GLU N    N  N N 225 
GLU CA   C  N S 226 
GLU C    C  N N 227 
GLU O    O  N N 228 
GLU CB   C  N N 229 
GLU CG   C  N N 230 
GLU CD   C  N N 231 
GLU OE1  O  N N 232 
GLU OE2  O  N N 233 
GLU OXT  O  N N 234 
GLU H    H  N N 235 
GLU H2   H  N N 236 
GLU HA   H  N N 237 
GLU HB2  H  N N 238 
GLU HB3  H  N N 239 
GLU HG2  H  N N 240 
GLU HG3  H  N N 241 
GLU HE2  H  N N 242 
GLU HXT  H  N N 243 
GLY N    N  N N 244 
GLY CA   C  N N 245 
GLY C    C  N N 246 
GLY O    O  N N 247 
GLY OXT  O  N N 248 
GLY H    H  N N 249 
GLY H2   H  N N 250 
GLY HA2  H  N N 251 
GLY HA3  H  N N 252 
GLY HXT  H  N N 253 
HIS N    N  N N 254 
HIS CA   C  N S 255 
HIS C    C  N N 256 
HIS O    O  N N 257 
HIS CB   C  N N 258 
HIS CG   C  Y N 259 
HIS ND1  N  Y N 260 
HIS CD2  C  Y N 261 
HIS CE1  C  Y N 262 
HIS NE2  N  Y N 263 
HIS OXT  O  N N 264 
HIS H    H  N N 265 
HIS H2   H  N N 266 
HIS HA   H  N N 267 
HIS HB2  H  N N 268 
HIS HB3  H  N N 269 
HIS HD1  H  N N 270 
HIS HD2  H  N N 271 
HIS HE1  H  N N 272 
HIS HE2  H  N N 273 
HIS HXT  H  N N 274 
HOH O    O  N N 275 
HOH H1   H  N N 276 
HOH H2   H  N N 277 
ILE N    N  N N 278 
ILE CA   C  N S 279 
ILE C    C  N N 280 
ILE O    O  N N 281 
ILE CB   C  N S 282 
ILE CG1  C  N N 283 
ILE CG2  C  N N 284 
ILE CD1  C  N N 285 
ILE OXT  O  N N 286 
ILE H    H  N N 287 
ILE H2   H  N N 288 
ILE HA   H  N N 289 
ILE HB   H  N N 290 
ILE HG12 H  N N 291 
ILE HG13 H  N N 292 
ILE HG21 H  N N 293 
ILE HG22 H  N N 294 
ILE HG23 H  N N 295 
ILE HD11 H  N N 296 
ILE HD12 H  N N 297 
ILE HD13 H  N N 298 
ILE HXT  H  N N 299 
LEU N    N  N N 300 
LEU CA   C  N S 301 
LEU C    C  N N 302 
LEU O    O  N N 303 
LEU CB   C  N N 304 
LEU CG   C  N N 305 
LEU CD1  C  N N 306 
LEU CD2  C  N N 307 
LEU OXT  O  N N 308 
LEU H    H  N N 309 
LEU H2   H  N N 310 
LEU HA   H  N N 311 
LEU HB2  H  N N 312 
LEU HB3  H  N N 313 
LEU HG   H  N N 314 
LEU HD11 H  N N 315 
LEU HD12 H  N N 316 
LEU HD13 H  N N 317 
LEU HD21 H  N N 318 
LEU HD22 H  N N 319 
LEU HD23 H  N N 320 
LEU HXT  H  N N 321 
LYS N    N  N N 322 
LYS CA   C  N S 323 
LYS C    C  N N 324 
LYS O    O  N N 325 
LYS CB   C  N N 326 
LYS CG   C  N N 327 
LYS CD   C  N N 328 
LYS CE   C  N N 329 
LYS NZ   N  N N 330 
LYS OXT  O  N N 331 
LYS H    H  N N 332 
LYS H2   H  N N 333 
LYS HA   H  N N 334 
LYS HB2  H  N N 335 
LYS HB3  H  N N 336 
LYS HG2  H  N N 337 
LYS HG3  H  N N 338 
LYS HD2  H  N N 339 
LYS HD3  H  N N 340 
LYS HE2  H  N N 341 
LYS HE3  H  N N 342 
LYS HZ1  H  N N 343 
LYS HZ2  H  N N 344 
LYS HZ3  H  N N 345 
LYS HXT  H  N N 346 
MET N    N  N N 347 
MET CA   C  N S 348 
MET C    C  N N 349 
MET O    O  N N 350 
MET CB   C  N N 351 
MET CG   C  N N 352 
MET SD   S  N N 353 
MET CE   C  N N 354 
MET OXT  O  N N 355 
MET H    H  N N 356 
MET H2   H  N N 357 
MET HA   H  N N 358 
MET HB2  H  N N 359 
MET HB3  H  N N 360 
MET HG2  H  N N 361 
MET HG3  H  N N 362 
MET HE1  H  N N 363 
MET HE2  H  N N 364 
MET HE3  H  N N 365 
MET HXT  H  N N 366 
NA  NA   NA N N 367 
PHE N    N  N N 368 
PHE CA   C  N S 369 
PHE C    C  N N 370 
PHE O    O  N N 371 
PHE CB   C  N N 372 
PHE CG   C  Y N 373 
PHE CD1  C  Y N 374 
PHE CD2  C  Y N 375 
PHE CE1  C  Y N 376 
PHE CE2  C  Y N 377 
PHE CZ   C  Y N 378 
PHE OXT  O  N N 379 
PHE H    H  N N 380 
PHE H2   H  N N 381 
PHE HA   H  N N 382 
PHE HB2  H  N N 383 
PHE HB3  H  N N 384 
PHE HD1  H  N N 385 
PHE HD2  H  N N 386 
PHE HE1  H  N N 387 
PHE HE2  H  N N 388 
PHE HZ   H  N N 389 
PHE HXT  H  N N 390 
PRO N    N  N N 391 
PRO CA   C  N S 392 
PRO C    C  N N 393 
PRO O    O  N N 394 
PRO CB   C  N N 395 
PRO CG   C  N N 396 
PRO CD   C  N N 397 
PRO OXT  O  N N 398 
PRO H    H  N N 399 
PRO HA   H  N N 400 
PRO HB2  H  N N 401 
PRO HB3  H  N N 402 
PRO HG2  H  N N 403 
PRO HG3  H  N N 404 
PRO HD2  H  N N 405 
PRO HD3  H  N N 406 
PRO HXT  H  N N 407 
SER N    N  N N 408 
SER CA   C  N S 409 
SER C    C  N N 410 
SER O    O  N N 411 
SER CB   C  N N 412 
SER OG   O  N N 413 
SER OXT  O  N N 414 
SER H    H  N N 415 
SER H2   H  N N 416 
SER HA   H  N N 417 
SER HB2  H  N N 418 
SER HB3  H  N N 419 
SER HG   H  N N 420 
SER HXT  H  N N 421 
THR N    N  N N 422 
THR CA   C  N S 423 
THR C    C  N N 424 
THR O    O  N N 425 
THR CB   C  N R 426 
THR OG1  O  N N 427 
THR CG2  C  N N 428 
THR OXT  O  N N 429 
THR H    H  N N 430 
THR H2   H  N N 431 
THR HA   H  N N 432 
THR HB   H  N N 433 
THR HG1  H  N N 434 
THR HG21 H  N N 435 
THR HG22 H  N N 436 
THR HG23 H  N N 437 
THR HXT  H  N N 438 
TRP N    N  N N 439 
TRP CA   C  N S 440 
TRP C    C  N N 441 
TRP O    O  N N 442 
TRP CB   C  N N 443 
TRP CG   C  Y N 444 
TRP CD1  C  Y N 445 
TRP CD2  C  Y N 446 
TRP NE1  N  Y N 447 
TRP CE2  C  Y N 448 
TRP CE3  C  Y N 449 
TRP CZ2  C  Y N 450 
TRP CZ3  C  Y N 451 
TRP CH2  C  Y N 452 
TRP OXT  O  N N 453 
TRP H    H  N N 454 
TRP H2   H  N N 455 
TRP HA   H  N N 456 
TRP HB2  H  N N 457 
TRP HB3  H  N N 458 
TRP HD1  H  N N 459 
TRP HE1  H  N N 460 
TRP HE3  H  N N 461 
TRP HZ2  H  N N 462 
TRP HZ3  H  N N 463 
TRP HH2  H  N N 464 
TRP HXT  H  N N 465 
TYR N    N  N N 466 
TYR CA   C  N S 467 
TYR C    C  N N 468 
TYR O    O  N N 469 
TYR CB   C  N N 470 
TYR CG   C  Y N 471 
TYR CD1  C  Y N 472 
TYR CD2  C  Y N 473 
TYR CE1  C  Y N 474 
TYR CE2  C  Y N 475 
TYR CZ   C  Y N 476 
TYR OH   O  N N 477 
TYR OXT  O  N N 478 
TYR H    H  N N 479 
TYR H2   H  N N 480 
TYR HA   H  N N 481 
TYR HB2  H  N N 482 
TYR HB3  H  N N 483 
TYR HD1  H  N N 484 
TYR HD2  H  N N 485 
TYR HE1  H  N N 486 
TYR HE2  H  N N 487 
TYR HH   H  N N 488 
TYR HXT  H  N N 489 
VAL N    N  N N 490 
VAL CA   C  N S 491 
VAL C    C  N N 492 
VAL O    O  N N 493 
VAL CB   C  N N 494 
VAL CG1  C  N N 495 
VAL CG2  C  N N 496 
VAL OXT  O  N N 497 
VAL H    H  N N 498 
VAL H2   H  N N 499 
VAL HA   H  N N 500 
VAL HB   H  N N 501 
VAL HG11 H  N N 502 
VAL HG12 H  N N 503 
VAL HG13 H  N N 504 
VAL HG21 H  N N 505 
VAL HG22 H  N N 506 
VAL HG23 H  N N 507 
VAL HXT  H  N N 508 
# 
loop_
_chem_comp_bond.comp_id 
_chem_comp_bond.atom_id_1 
_chem_comp_bond.atom_id_2 
_chem_comp_bond.value_order 
_chem_comp_bond.pdbx_aromatic_flag 
_chem_comp_bond.pdbx_stereo_config 
_chem_comp_bond.pdbx_ordinal 
3CX OAA SAO  doub N N 1   
3CX OAB SAO  doub N N 2   
3CX OAC CAM  sing N N 3   
3CX OAD SAO  sing N N 4   
3CX CAE CAF  sing N N 5   
3CX CAE CAG  sing N N 6   
3CX CAF CAH  sing N N 7   
3CX CAG CAI  sing N N 8   
3CX CAH CAN  sing N N 9   
3CX CAI CAN  sing N N 10  
3CX CAJ NAL  sing N N 11  
3CX CAJ CAM  sing N N 12  
3CX CAK CAM  sing N N 13  
3CX CAK SAO  sing N N 14  
3CX NAL CAN  sing N N 15  
3CX OAC HOAC sing N N 16  
3CX OAD HOAD sing N N 17  
3CX CAE HAE  sing N N 18  
3CX CAE HAEA sing N N 19  
3CX CAF HAF  sing N N 20  
3CX CAF HAFA sing N N 21  
3CX CAG HAG  sing N N 22  
3CX CAG HAGA sing N N 23  
3CX CAH HAH  sing N N 24  
3CX CAH HAHA sing N N 25  
3CX CAI HAI  sing N N 26  
3CX CAI HAIA sing N N 27  
3CX CAJ HAJ  sing N N 28  
3CX CAJ HAJA sing N N 29  
3CX CAK HAK  sing N N 30  
3CX CAK HAKA sing N N 31  
3CX NAL HNAL sing N N 32  
3CX CAM HAM  sing N N 33  
3CX CAN HAN  sing N N 34  
ALA N   CA   sing N N 35  
ALA N   H    sing N N 36  
ALA N   H2   sing N N 37  
ALA CA  C    sing N N 38  
ALA CA  CB   sing N N 39  
ALA CA  HA   sing N N 40  
ALA C   O    doub N N 41  
ALA C   OXT  sing N N 42  
ALA CB  HB1  sing N N 43  
ALA CB  HB2  sing N N 44  
ALA CB  HB3  sing N N 45  
ALA OXT HXT  sing N N 46  
ARG N   CA   sing N N 47  
ARG N   H    sing N N 48  
ARG N   H2   sing N N 49  
ARG CA  C    sing N N 50  
ARG CA  CB   sing N N 51  
ARG CA  HA   sing N N 52  
ARG C   O    doub N N 53  
ARG C   OXT  sing N N 54  
ARG CB  CG   sing N N 55  
ARG CB  HB2  sing N N 56  
ARG CB  HB3  sing N N 57  
ARG CG  CD   sing N N 58  
ARG CG  HG2  sing N N 59  
ARG CG  HG3  sing N N 60  
ARG CD  NE   sing N N 61  
ARG CD  HD2  sing N N 62  
ARG CD  HD3  sing N N 63  
ARG NE  CZ   sing N N 64  
ARG NE  HE   sing N N 65  
ARG CZ  NH1  sing N N 66  
ARG CZ  NH2  doub N N 67  
ARG NH1 HH11 sing N N 68  
ARG NH1 HH12 sing N N 69  
ARG NH2 HH21 sing N N 70  
ARG NH2 HH22 sing N N 71  
ARG OXT HXT  sing N N 72  
ASN N   CA   sing N N 73  
ASN N   H    sing N N 74  
ASN N   H2   sing N N 75  
ASN CA  C    sing N N 76  
ASN CA  CB   sing N N 77  
ASN CA  HA   sing N N 78  
ASN C   O    doub N N 79  
ASN C   OXT  sing N N 80  
ASN CB  CG   sing N N 81  
ASN CB  HB2  sing N N 82  
ASN CB  HB3  sing N N 83  
ASN CG  OD1  doub N N 84  
ASN CG  ND2  sing N N 85  
ASN ND2 HD21 sing N N 86  
ASN ND2 HD22 sing N N 87  
ASN OXT HXT  sing N N 88  
ASP N   CA   sing N N 89  
ASP N   H    sing N N 90  
ASP N   H2   sing N N 91  
ASP CA  C    sing N N 92  
ASP CA  CB   sing N N 93  
ASP CA  HA   sing N N 94  
ASP C   O    doub N N 95  
ASP C   OXT  sing N N 96  
ASP CB  CG   sing N N 97  
ASP CB  HB2  sing N N 98  
ASP CB  HB3  sing N N 99  
ASP CG  OD1  doub N N 100 
ASP CG  OD2  sing N N 101 
ASP OD2 HD2  sing N N 102 
ASP OXT HXT  sing N N 103 
CYC CHA C1A  doub N Z 104 
CYC CHA C4D  sing N N 105 
CYC CHA HHA  sing N N 106 
CYC NA  C1A  sing N N 107 
CYC NA  C4A  doub N N 108 
CYC C1A C2A  sing N N 109 
CYC C2A C3A  doub N N 110 
CYC C2A CAA  sing N N 111 
CYC C3A C4A  sing N N 112 
CYC C3A CMA  sing N N 113 
CYC C4A CHB  sing N N 114 
CYC CMA HMA1 sing N N 115 
CYC CMA HMA2 sing N N 116 
CYC CMA HMA3 sing N N 117 
CYC CAA CBA  sing N N 118 
CYC CAA HAA1 sing N N 119 
CYC CAA HAA2 sing N N 120 
CYC CBA CGA  sing N N 121 
CYC CBA HBA1 sing N N 122 
CYC CBA HBA2 sing N N 123 
CYC CGA O1A  doub N N 124 
CYC CGA O2A  sing N N 125 
CYC O2A H2A  sing N N 126 
CYC CHB C1B  doub N Z 127 
CYC CHB HHB  sing N N 128 
CYC NB  C1B  sing N N 129 
CYC NB  C4B  sing N N 130 
CYC NB  HB   sing N N 131 
CYC C1B C2B  sing N N 132 
CYC C2B C3B  doub N N 133 
CYC C2B CMB  sing N N 134 
CYC C3B C4B  sing N N 135 
CYC C3B CAB  sing N N 136 
CYC C4B OB   doub N N 137 
CYC CMB HMB1 sing N N 138 
CYC CMB HMB2 sing N N 139 
CYC CMB HMB3 sing N N 140 
CYC CAB CBB  sing N N 141 
CYC CAB HAB1 sing N N 142 
CYC CAB HAB2 sing N N 143 
CYC CBB HBB1 sing N N 144 
CYC CBB HBB2 sing N N 145 
CYC CBB HBB3 sing N N 146 
CYC NC  C1C  sing N N 147 
CYC NC  C4C  sing N N 148 
CYC NC  HC   sing N N 149 
CYC C1C C2C  sing N N 150 
CYC C1C OC   doub N N 151 
CYC C2C C3C  sing N N 152 
CYC C2C CMC  sing N N 153 
CYC C2C H2C  sing N N 154 
CYC C3C C4C  sing N N 155 
CYC C3C CAC  sing N N 156 
CYC C3C H3C  sing N N 157 
CYC C4C CHD  doub N Z 158 
CYC CMC HMC1 sing N N 159 
CYC CMC HMC2 sing N N 160 
CYC CMC HMC3 sing N N 161 
CYC CAC CBC  sing N N 162 
CYC CAC HAC1 sing N N 163 
CYC CAC HAC2 sing N N 164 
CYC CBC HBC1 sing N N 165 
CYC CBC HBC2 sing N N 166 
CYC CBC HBC3 sing N N 167 
CYC CHD C1D  sing N N 168 
CYC CHD HHD  sing N N 169 
CYC ND  C1D  sing Y N 170 
CYC ND  C4D  sing Y N 171 
CYC ND  HD   sing N N 172 
CYC C1D C2D  doub Y N 173 
CYC C2D C3D  sing Y N 174 
CYC C2D CMD  sing N N 175 
CYC C3D C4D  doub Y N 176 
CYC C3D CAD  sing N N 177 
CYC CMD HMD1 sing N N 178 
CYC CMD HMD2 sing N N 179 
CYC CMD HMD3 sing N N 180 
CYC CAD CBD  sing N N 181 
CYC CAD HAD1 sing N N 182 
CYC CAD HAD2 sing N N 183 
CYC CBD CGD  sing N N 184 
CYC CBD HBD1 sing N N 185 
CYC CBD HBD2 sing N N 186 
CYC CGD O1D  doub N N 187 
CYC CGD O2D  sing N N 188 
CYC O2D H2D  sing N N 189 
CYS N   CA   sing N N 190 
CYS N   H    sing N N 191 
CYS N   H2   sing N N 192 
CYS CA  C    sing N N 193 
CYS CA  CB   sing N N 194 
CYS CA  HA   sing N N 195 
CYS C   O    doub N N 196 
CYS C   OXT  sing N N 197 
CYS CB  SG   sing N N 198 
CYS CB  HB2  sing N N 199 
CYS CB  HB3  sing N N 200 
CYS SG  HG   sing N N 201 
CYS OXT HXT  sing N N 202 
GLN N   CA   sing N N 203 
GLN N   H    sing N N 204 
GLN N   H2   sing N N 205 
GLN CA  C    sing N N 206 
GLN CA  CB   sing N N 207 
GLN CA  HA   sing N N 208 
GLN C   O    doub N N 209 
GLN C   OXT  sing N N 210 
GLN CB  CG   sing N N 211 
GLN CB  HB2  sing N N 212 
GLN CB  HB3  sing N N 213 
GLN CG  CD   sing N N 214 
GLN CG  HG2  sing N N 215 
GLN CG  HG3  sing N N 216 
GLN CD  OE1  doub N N 217 
GLN CD  NE2  sing N N 218 
GLN NE2 HE21 sing N N 219 
GLN NE2 HE22 sing N N 220 
GLN OXT HXT  sing N N 221 
GLU N   CA   sing N N 222 
GLU N   H    sing N N 223 
GLU N   H2   sing N N 224 
GLU CA  C    sing N N 225 
GLU CA  CB   sing N N 226 
GLU CA  HA   sing N N 227 
GLU C   O    doub N N 228 
GLU C   OXT  sing N N 229 
GLU CB  CG   sing N N 230 
GLU CB  HB2  sing N N 231 
GLU CB  HB3  sing N N 232 
GLU CG  CD   sing N N 233 
GLU CG  HG2  sing N N 234 
GLU CG  HG3  sing N N 235 
GLU CD  OE1  doub N N 236 
GLU CD  OE2  sing N N 237 
GLU OE2 HE2  sing N N 238 
GLU OXT HXT  sing N N 239 
GLY N   CA   sing N N 240 
GLY N   H    sing N N 241 
GLY N   H2   sing N N 242 
GLY CA  C    sing N N 243 
GLY CA  HA2  sing N N 244 
GLY CA  HA3  sing N N 245 
GLY C   O    doub N N 246 
GLY C   OXT  sing N N 247 
GLY OXT HXT  sing N N 248 
HIS N   CA   sing N N 249 
HIS N   H    sing N N 250 
HIS N   H2   sing N N 251 
HIS CA  C    sing N N 252 
HIS CA  CB   sing N N 253 
HIS CA  HA   sing N N 254 
HIS C   O    doub N N 255 
HIS C   OXT  sing N N 256 
HIS CB  CG   sing N N 257 
HIS CB  HB2  sing N N 258 
HIS CB  HB3  sing N N 259 
HIS CG  ND1  sing Y N 260 
HIS CG  CD2  doub Y N 261 
HIS ND1 CE1  doub Y N 262 
HIS ND1 HD1  sing N N 263 
HIS CD2 NE2  sing Y N 264 
HIS CD2 HD2  sing N N 265 
HIS CE1 NE2  sing Y N 266 
HIS CE1 HE1  sing N N 267 
HIS NE2 HE2  sing N N 268 
HIS OXT HXT  sing N N 269 
HOH O   H1   sing N N 270 
HOH O   H2   sing N N 271 
ILE N   CA   sing N N 272 
ILE N   H    sing N N 273 
ILE N   H2   sing N N 274 
ILE CA  C    sing N N 275 
ILE CA  CB   sing N N 276 
ILE CA  HA   sing N N 277 
ILE C   O    doub N N 278 
ILE C   OXT  sing N N 279 
ILE CB  CG1  sing N N 280 
ILE CB  CG2  sing N N 281 
ILE CB  HB   sing N N 282 
ILE CG1 CD1  sing N N 283 
ILE CG1 HG12 sing N N 284 
ILE CG1 HG13 sing N N 285 
ILE CG2 HG21 sing N N 286 
ILE CG2 HG22 sing N N 287 
ILE CG2 HG23 sing N N 288 
ILE CD1 HD11 sing N N 289 
ILE CD1 HD12 sing N N 290 
ILE CD1 HD13 sing N N 291 
ILE OXT HXT  sing N N 292 
LEU N   CA   sing N N 293 
LEU N   H    sing N N 294 
LEU N   H2   sing N N 295 
LEU CA  C    sing N N 296 
LEU CA  CB   sing N N 297 
LEU CA  HA   sing N N 298 
LEU C   O    doub N N 299 
LEU C   OXT  sing N N 300 
LEU CB  CG   sing N N 301 
LEU CB  HB2  sing N N 302 
LEU CB  HB3  sing N N 303 
LEU CG  CD1  sing N N 304 
LEU CG  CD2  sing N N 305 
LEU CG  HG   sing N N 306 
LEU CD1 HD11 sing N N 307 
LEU CD1 HD12 sing N N 308 
LEU CD1 HD13 sing N N 309 
LEU CD2 HD21 sing N N 310 
LEU CD2 HD22 sing N N 311 
LEU CD2 HD23 sing N N 312 
LEU OXT HXT  sing N N 313 
LYS N   CA   sing N N 314 
LYS N   H    sing N N 315 
LYS N   H2   sing N N 316 
LYS CA  C    sing N N 317 
LYS CA  CB   sing N N 318 
LYS CA  HA   sing N N 319 
LYS C   O    doub N N 320 
LYS C   OXT  sing N N 321 
LYS CB  CG   sing N N 322 
LYS CB  HB2  sing N N 323 
LYS CB  HB3  sing N N 324 
LYS CG  CD   sing N N 325 
LYS CG  HG2  sing N N 326 
LYS CG  HG3  sing N N 327 
LYS CD  CE   sing N N 328 
LYS CD  HD2  sing N N 329 
LYS CD  HD3  sing N N 330 
LYS CE  NZ   sing N N 331 
LYS CE  HE2  sing N N 332 
LYS CE  HE3  sing N N 333 
LYS NZ  HZ1  sing N N 334 
LYS NZ  HZ2  sing N N 335 
LYS NZ  HZ3  sing N N 336 
LYS OXT HXT  sing N N 337 
MET N   CA   sing N N 338 
MET N   H    sing N N 339 
MET N   H2   sing N N 340 
MET CA  C    sing N N 341 
MET CA  CB   sing N N 342 
MET CA  HA   sing N N 343 
MET C   O    doub N N 344 
MET C   OXT  sing N N 345 
MET CB  CG   sing N N 346 
MET CB  HB2  sing N N 347 
MET CB  HB3  sing N N 348 
MET CG  SD   sing N N 349 
MET CG  HG2  sing N N 350 
MET CG  HG3  sing N N 351 
MET SD  CE   sing N N 352 
MET CE  HE1  sing N N 353 
MET CE  HE2  sing N N 354 
MET CE  HE3  sing N N 355 
MET OXT HXT  sing N N 356 
PHE N   CA   sing N N 357 
PHE N   H    sing N N 358 
PHE N   H2   sing N N 359 
PHE CA  C    sing N N 360 
PHE CA  CB   sing N N 361 
PHE CA  HA   sing N N 362 
PHE C   O    doub N N 363 
PHE C   OXT  sing N N 364 
PHE CB  CG   sing N N 365 
PHE CB  HB2  sing N N 366 
PHE CB  HB3  sing N N 367 
PHE CG  CD1  doub Y N 368 
PHE CG  CD2  sing Y N 369 
PHE CD1 CE1  sing Y N 370 
PHE CD1 HD1  sing N N 371 
PHE CD2 CE2  doub Y N 372 
PHE CD2 HD2  sing N N 373 
PHE CE1 CZ   doub Y N 374 
PHE CE1 HE1  sing N N 375 
PHE CE2 CZ   sing Y N 376 
PHE CE2 HE2  sing N N 377 
PHE CZ  HZ   sing N N 378 
PHE OXT HXT  sing N N 379 
PRO N   CA   sing N N 380 
PRO N   CD   sing N N 381 
PRO N   H    sing N N 382 
PRO CA  C    sing N N 383 
PRO CA  CB   sing N N 384 
PRO CA  HA   sing N N 385 
PRO C   O    doub N N 386 
PRO C   OXT  sing N N 387 
PRO CB  CG   sing N N 388 
PRO CB  HB2  sing N N 389 
PRO CB  HB3  sing N N 390 
PRO CG  CD   sing N N 391 
PRO CG  HG2  sing N N 392 
PRO CG  HG3  sing N N 393 
PRO CD  HD2  sing N N 394 
PRO CD  HD3  sing N N 395 
PRO OXT HXT  sing N N 396 
SER N   CA   sing N N 397 
SER N   H    sing N N 398 
SER N   H2   sing N N 399 
SER CA  C    sing N N 400 
SER CA  CB   sing N N 401 
SER CA  HA   sing N N 402 
SER C   O    doub N N 403 
SER C   OXT  sing N N 404 
SER CB  OG   sing N N 405 
SER CB  HB2  sing N N 406 
SER CB  HB3  sing N N 407 
SER OG  HG   sing N N 408 
SER OXT HXT  sing N N 409 
THR N   CA   sing N N 410 
THR N   H    sing N N 411 
THR N   H2   sing N N 412 
THR CA  C    sing N N 413 
THR CA  CB   sing N N 414 
THR CA  HA   sing N N 415 
THR C   O    doub N N 416 
THR C   OXT  sing N N 417 
THR CB  OG1  sing N N 418 
THR CB  CG2  sing N N 419 
THR CB  HB   sing N N 420 
THR OG1 HG1  sing N N 421 
THR CG2 HG21 sing N N 422 
THR CG2 HG22 sing N N 423 
THR CG2 HG23 sing N N 424 
THR OXT HXT  sing N N 425 
TRP N   CA   sing N N 426 
TRP N   H    sing N N 427 
TRP N   H2   sing N N 428 
TRP CA  C    sing N N 429 
TRP CA  CB   sing N N 430 
TRP CA  HA   sing N N 431 
TRP C   O    doub N N 432 
TRP C   OXT  sing N N 433 
TRP CB  CG   sing N N 434 
TRP CB  HB2  sing N N 435 
TRP CB  HB3  sing N N 436 
TRP CG  CD1  doub Y N 437 
TRP CG  CD2  sing Y N 438 
TRP CD1 NE1  sing Y N 439 
TRP CD1 HD1  sing N N 440 
TRP CD2 CE2  doub Y N 441 
TRP CD2 CE3  sing Y N 442 
TRP NE1 CE2  sing Y N 443 
TRP NE1 HE1  sing N N 444 
TRP CE2 CZ2  sing Y N 445 
TRP CE3 CZ3  doub Y N 446 
TRP CE3 HE3  sing N N 447 
TRP CZ2 CH2  doub Y N 448 
TRP CZ2 HZ2  sing N N 449 
TRP CZ3 CH2  sing Y N 450 
TRP CZ3 HZ3  sing N N 451 
TRP CH2 HH2  sing N N 452 
TRP OXT HXT  sing N N 453 
TYR N   CA   sing N N 454 
TYR N   H    sing N N 455 
TYR N   H2   sing N N 456 
TYR CA  C    sing N N 457 
TYR CA  CB   sing N N 458 
TYR CA  HA   sing N N 459 
TYR C   O    doub N N 460 
TYR C   OXT  sing N N 461 
TYR CB  CG   sing N N 462 
TYR CB  HB2  sing N N 463 
TYR CB  HB3  sing N N 464 
TYR CG  CD1  doub Y N 465 
TYR CG  CD2  sing Y N 466 
TYR CD1 CE1  sing Y N 467 
TYR CD1 HD1  sing N N 468 
TYR CD2 CE2  doub Y N 469 
TYR CD2 HD2  sing N N 470 
TYR CE1 CZ   doub Y N 471 
TYR CE1 HE1  sing N N 472 
TYR CE2 CZ   sing Y N 473 
TYR CE2 HE2  sing N N 474 
TYR CZ  OH   sing N N 475 
TYR OH  HH   sing N N 476 
TYR OXT HXT  sing N N 477 
VAL N   CA   sing N N 478 
VAL N   H    sing N N 479 
VAL N   H2   sing N N 480 
VAL CA  C    sing N N 481 
VAL CA  CB   sing N N 482 
VAL CA  HA   sing N N 483 
VAL C   O    doub N N 484 
VAL C   OXT  sing N N 485 
VAL CB  CG1  sing N N 486 
VAL CB  CG2  sing N N 487 
VAL CB  HB   sing N N 488 
VAL CG1 HG11 sing N N 489 
VAL CG1 HG12 sing N N 490 
VAL CG1 HG13 sing N N 491 
VAL CG2 HG21 sing N N 492 
VAL CG2 HG22 sing N N 493 
VAL CG2 HG23 sing N N 494 
VAL OXT HXT  sing N N 495 
# 
_pdbx_initial_refinement_model.id               1 
_pdbx_initial_refinement_model.entity_id_list   ? 
_pdbx_initial_refinement_model.type             'experimental model' 
_pdbx_initial_refinement_model.source_name      PDB 
_pdbx_initial_refinement_model.accession_code   5M85 
_pdbx_initial_refinement_model.details          ? 
# 
_atom_sites.entry_id                    5M82 
_atom_sites.fract_transf_matrix[1][1]   0.00724900 
_atom_sites.fract_transf_matrix[1][2]   -0.00548519 
_atom_sites.fract_transf_matrix[1][3]   0.01235380 
_atom_sites.fract_transf_matrix[2][1]   0.00335223 
_atom_sites.fract_transf_matrix[2][2]   0.00933502 
_atom_sites.fract_transf_matrix[2][3]   0.01169933 
_atom_sites.fract_transf_matrix[3][1]   -0.01234320 
_atom_sites.fract_transf_matrix[3][2]   -0.00298415 
_atom_sites.fract_transf_matrix[3][3]   0.00591780 
_atom_sites.fract_transf_vector[1]      0.968010 
_atom_sites.fract_transf_vector[2]      -0.421084 
_atom_sites.fract_transf_vector[3]      -0.082872 
# 
loop_
_atom_type.symbol 
C  
N  
NA 
O  
S  
# 
loop_
_atom_site.group_PDB 
_atom_site.id 
_atom_site.type_symbol 
_atom_site.label_atom_id 
_atom_site.label_alt_id 
_atom_site.label_comp_id 
_atom_site.label_asym_id 
_atom_site.label_entity_id 
_atom_site.label_seq_id 
_atom_site.pdbx_PDB_ins_code 
_atom_site.Cartn_x 
_atom_site.Cartn_y 
_atom_site.Cartn_z 
_atom_site.occupancy 
_atom_site.B_iso_or_equiv 
_atom_site.pdbx_formal_charge 
_atom_site.auth_seq_id 
_atom_site.auth_comp_id 
_atom_site.auth_asym_id 
_atom_site.auth_atom_id 
_atom_site.pdbx_PDB_model_num 
ATOM   1    N  N   . SER A 1 50  ? -0.896  -8.672  -17.487 1.00 78.79  ? 440 SER A N   1 
ATOM   2    C  CA  . SER A 1 50  ? 0.369   -7.953  -17.802 1.00 81.49  ? 440 SER A CA  1 
ATOM   3    C  C   . SER A 1 50  ? 1.044   -7.633  -16.460 1.00 81.36  ? 440 SER A C   1 
ATOM   4    O  O   . SER A 1 50  ? 1.365   -8.542  -15.689 1.00 78.29  ? 440 SER A O   1 
ATOM   5    C  CB  . SER A 1 50  ? 0.066   -6.688  -18.627 1.00 79.34  ? 440 SER A CB  1 
ATOM   6    O  OG  . SER A 1 50  ? -0.708  -5.770  -17.868 1.00 73.22  ? 440 SER A OG  1 
ATOM   7    N  N   . LEU A 1 51  ? 1.271   -6.350  -16.190 1.00 76.96  ? 441 LEU A N   1 
ATOM   8    C  CA  . LEU A 1 51  ? 1.459   -5.883  -14.826 1.00 69.38  ? 441 LEU A CA  1 
ATOM   9    C  C   . LEU A 1 51  ? 0.217   -6.079  -13.971 1.00 64.75  ? 441 LEU A C   1 
ATOM   10   O  O   . LEU A 1 51  ? 0.354   -6.237  -12.768 1.00 57.86  ? 441 LEU A O   1 
ATOM   11   C  CB  . LEU A 1 51  ? 1.889   -4.401  -14.780 1.00 72.08  ? 441 LEU A CB  1 
ATOM   12   C  CG  . LEU A 1 51  ? 3.396   -4.147  -14.962 1.00 67.82  ? 441 LEU A CG  1 
ATOM   13   C  CD1 . LEU A 1 51  ? 3.718   -2.681  -14.728 1.00 64.72  ? 441 LEU A CD1 1 
ATOM   14   C  CD2 . LEU A 1 51  ? 4.216   -5.036  -14.028 1.00 68.06  ? 441 LEU A CD2 1 
ATOM   15   N  N   . GLN A 1 52  ? -0.971  -6.096  -14.580 1.00 63.19  ? 442 GLN A N   1 
ATOM   16   C  CA  . GLN A 1 52  ? -2.195  -6.333  -13.834 1.00 63.65  ? 442 GLN A CA  1 
ATOM   17   C  C   . GLN A 1 52  ? -2.200  -7.685  -13.101 1.00 57.18  ? 442 GLN A C   1 
ATOM   18   O  O   . GLN A 1 52  ? -2.408  -7.735  -11.882 1.00 47.17  ? 442 GLN A O   1 
ATOM   19   C  CB  . GLN A 1 52  ? -3.428  -6.178  -14.743 1.00 71.10  ? 442 GLN A CB  1 
ATOM   20   C  CG  . GLN A 1 52  ? -4.695  -5.793  -13.992 1.00 77.76  ? 442 GLN A CG  1 
ATOM   21   C  CD  . GLN A 1 52  ? -4.488  -4.610  -13.051 1.00 81.92  ? 442 GLN A CD  1 
ATOM   22   O  OE1 . GLN A 1 52  ? -4.637  -4.729  -11.832 1.00 88.20  ? 442 GLN A OE1 1 
ATOM   23   N  NE2 . GLN A 1 52  ? -4.113  -3.474  -13.610 1.00 85.05  ? 442 GLN A NE2 1 
ATOM   24   N  N   . ASN A 1 53  ? -1.970  -8.783  -13.807 1.00 52.81  ? 443 ASN A N   1 
ATOM   25   C  CA  . ASN A 1 53  ? -1.915  -10.091 -13.100 1.00 56.57  ? 443 ASN A CA  1 
ATOM   26   C  C   . ASN A 1 53  ? -0.730  -10.215 -12.141 1.00 48.86  ? 443 ASN A C   1 
ATOM   27   O  O   . ASN A 1 53  ? -0.785  -10.978 -11.201 1.00 50.82  ? 443 ASN A O   1 
ATOM   28   C  CB  . ASN A 1 53  ? -2.019  -11.299 -14.039 1.00 64.26  ? 443 ASN A CB  1 
ATOM   29   C  CG  . ASN A 1 53  ? -1.173  -11.157 -15.276 1.00 77.33  ? 443 ASN A CG  1 
ATOM   30   O  OD1 . ASN A 1 53  ? -0.152  -10.457 -15.270 1.00 80.53  ? 443 ASN A OD1 1 
ATOM   31   N  ND2 . ASN A 1 53  ? -1.584  -11.826 -16.350 1.00 76.85  ? 443 ASN A ND2 1 
ATOM   32   N  N   . ILE A 1 54  ? 0.323   -9.438  -12.361 1.00 47.81  ? 444 ILE A N   1 
ATOM   33   C  CA  . ILE A 1 54  ? 1.420   -9.367  -11.401 1.00 46.28  ? 444 ILE A CA  1 
ATOM   34   C  C   . ILE A 1 54  ? 0.973   -8.673  -10.111 1.00 38.49  ? 444 ILE A C   1 
ATOM   35   O  O   . ILE A 1 54  ? 1.236   -9.185  -9.049  1.00 43.62  ? 444 ILE A O   1 
ATOM   36   C  CB  . ILE A 1 54  ? 2.691   -8.716  -12.028 1.00 53.30  ? 444 ILE A CB  1 
ATOM   37   C  CG1 . ILE A 1 54  ? 3.460   -9.751  -12.928 1.00 59.52  ? 444 ILE A CG1 1 
ATOM   38   C  CG2 . ILE A 1 54  ? 3.642   -8.105  -10.982 1.00 54.45  ? 444 ILE A CG2 1 
ATOM   39   C  CD1 . ILE A 1 54  ? 3.812   -11.096 -12.286 1.00 56.25  ? 444 ILE A CD1 1 
ATOM   40   N  N   . PHE A 1 55  ? 0.288   -7.543  -10.228 1.00 38.77  ? 445 PHE A N   1 
ATOM   41   C  CA  . PHE A 1 55  ? -0.281  -6.822  -9.077  1.00 41.92  ? 445 PHE A CA  1 
ATOM   42   C  C   . PHE A 1 55  ? -1.251  -7.688  -8.371  1.00 40.07  ? 445 PHE A C   1 
ATOM   43   O  O   . PHE A 1 55  ? -1.231  -7.773  -7.155  1.00 43.28  ? 445 PHE A O   1 
ATOM   44   C  CB  . PHE A 1 55  ? -1.023  -5.541  -9.497  1.00 42.83  ? 445 PHE A CB  1 
ATOM   45   C  CG  . PHE A 1 55  ? -0.156  -4.479  -10.038 1.00 43.37  ? 445 PHE A CG  1 
ATOM   46   C  CD1 . PHE A 1 55  ? 1.120   -4.238  -9.518  1.00 44.20  ? 445 PHE A CD1 1 
ATOM   47   C  CD2 . PHE A 1 55  ? -0.610  -3.692  -11.088 1.00 48.07  ? 445 PHE A CD2 1 
ATOM   48   C  CE1 . PHE A 1 55  ? 1.935   -3.291  -10.097 1.00 44.64  ? 445 PHE A CE1 1 
ATOM   49   C  CE2 . PHE A 1 55  ? 0.204   -2.725  -11.649 1.00 54.40  ? 445 PHE A CE2 1 
ATOM   50   C  CZ  . PHE A 1 55  ? 1.480   -2.535  -11.151 1.00 47.42  ? 445 PHE A CZ  1 
ATOM   51   N  N   . ARG A 1 56  ? -2.090  -8.386  -9.134  1.00 40.08  ? 446 ARG A N   1 
ATOM   52   C  CA  . ARG A 1 56  ? -3.071  -9.284  -8.532  1.00 38.34  ? 446 ARG A CA  1 
ATOM   53   C  C   . ARG A 1 56  ? -2.436  -10.417 -7.769  1.00 36.67  ? 446 ARG A C   1 
ATOM   54   O  O   . ARG A 1 56  ? -2.833  -10.727 -6.642  1.00 40.71  ? 446 ARG A O   1 
ATOM   55   C  CB  . ARG A 1 56  ? -4.029  -9.838  -9.604  1.00 42.61  ? 446 ARG A CB  1 
ATOM   56   C  CG  . ARG A 1 56  ? -4.827  -11.096 -9.214  1.00 47.21  ? 446 ARG A CG  1 
ATOM   57   C  CD  . ARG A 1 56  ? -5.722  -11.645 -10.356 1.00 56.64  ? 446 ARG A CD  1 
ATOM   58   N  NE  . ARG A 1 56  ? -5.955  -10.652 -11.424 1.00 68.55  ? 446 ARG A NE  1 
ATOM   59   C  CZ  . ARG A 1 56  ? -6.851  -9.654  -11.396 1.00 77.76  ? 446 ARG A CZ  1 
ATOM   60   N  NH1 . ARG A 1 56  ? -7.696  -9.502  -10.357 1.00 79.32  ? 446 ARG A NH1 1 
ATOM   61   N  NH2 . ARG A 1 56  ? -6.898  -8.783  -12.418 1.00 77.19  ? 446 ARG A NH2 1 
ATOM   62   N  N   . ALA A 1 57  ? -1.479  -11.075 -8.390  1.00 40.51  ? 447 ALA A N   1 
ATOM   63   C  CA  . ALA A 1 57  ? -0.737  -12.170 -7.724  1.00 43.79  ? 447 ALA A CA  1 
ATOM   64   C  C   . ALA A 1 57  ? -0.069  -11.715 -6.402  1.00 41.26  ? 447 ALA A C   1 
ATOM   65   O  O   . ALA A 1 57  ? -0.236  -12.356 -5.363  1.00 41.82  ? 447 ALA A O   1 
ATOM   66   C  CB  . ALA A 1 57  ? 0.321   -12.727 -8.675  1.00 49.76  ? 447 ALA A CB  1 
ATOM   67   N  N   . THR A 1 58  ? 0.703   -10.622 -6.495  1.00 40.60  ? 448 THR A N   1 
ATOM   68   C  CA  . THR A 1 58  ? 1.323   -9.963  -5.335  1.00 42.60  ? 448 THR A CA  1 
ATOM   69   C  C   . THR A 1 58  ? 0.304   -9.628  -4.220  1.00 35.25  ? 448 THR A C   1 
ATOM   70   O  O   . THR A 1 58  ? 0.441   -10.102 -3.077  1.00 35.35  ? 448 THR A O   1 
ATOM   71   C  CB  . THR A 1 58  ? 2.024   -8.652  -5.761  1.00 45.48  ? 448 THR A CB  1 
ATOM   72   O  OG1 . THR A 1 58  ? 2.985   -8.924  -6.790  1.00 46.85  ? 448 THR A OG1 1 
ATOM   73   C  CG2 . THR A 1 58  ? 2.755   -8.024  -4.625  1.00 46.53  ? 448 THR A CG2 1 
ATOM   74   N  N   . SER A 1 59  ? -0.731  -8.854  -4.563  1.00 34.56  ? 449 SER A N   1 
ATOM   75   C  CA  A SER A 1 59  ? -1.707  -8.422  -3.560  0.48 34.31  ? 449 SER A CA  1 
ATOM   76   C  CA  B SER A 1 59  ? -1.726  -8.431  -3.556  0.52 35.35  ? 449 SER A CA  1 
ATOM   77   C  C   . SER A 1 59  ? -2.391  -9.623  -2.884  1.00 34.43  ? 449 SER A C   1 
ATOM   78   O  O   . SER A 1 59  ? -2.491  -9.682  -1.647  1.00 34.21  ? 449 SER A O   1 
ATOM   79   C  CB  A SER A 1 59  ? -2.708  -7.444  -4.181  0.48 34.56  ? 449 SER A CB  1 
ATOM   80   C  CB  B SER A 1 59  ? -2.775  -7.475  -4.137  0.52 36.90  ? 449 SER A CB  1 
ATOM   81   O  OG  A SER A 1 59  ? -2.025  -6.336  -4.781  0.48 34.27  ? 449 SER A OG  1 
ATOM   82   O  OG  B SER A 1 59  ? -3.521  -8.048  -5.199  0.52 39.56  ? 449 SER A OG  1 
ATOM   83   N  N   . ASP A 1 60  ? -2.838  -10.599 -3.676  1.00 38.00  ? 450 ASP A N   1 
ATOM   84   C  CA  . ASP A 1 60  ? -3.394  -11.838 -3.088  1.00 39.32  ? 450 ASP A CA  1 
ATOM   85   C  C   . ASP A 1 60  ? -2.395  -12.603 -2.228  1.00 39.55  ? 450 ASP A C   1 
ATOM   86   O  O   . ASP A 1 60  ? -2.749  -13.121 -1.189  1.00 34.65  ? 450 ASP A O   1 
ATOM   87   C  CB  . ASP A 1 60  ? -3.924  -12.784 -4.164  1.00 43.62  ? 450 ASP A CB  1 
ATOM   88   C  CG  . ASP A 1 60  ? -5.161  -12.251 -4.865  1.00 46.56  ? 450 ASP A CG  1 
ATOM   89   O  OD1 . ASP A 1 60  ? -5.791  -11.267 -4.399  1.00 40.23  ? 450 ASP A OD1 1 
ATOM   90   O  OD2 . ASP A 1 60  ? -5.480  -12.813 -5.922  1.00 39.81  ? 450 ASP A OD2 1 
ATOM   91   N  N   . GLU A 1 61  ? -1.143  -12.672 -2.666  1.00 40.76  ? 451 GLU A N   1 
ATOM   92   C  CA  . GLU A 1 61  ? -0.080  -13.325 -1.845  1.00 43.44  ? 451 GLU A CA  1 
ATOM   93   C  C   . GLU A 1 61  ? 0.062   -12.673 -0.440  1.00 39.60  ? 451 GLU A C   1 
ATOM   94   O  O   . GLU A 1 61  ? 0.007   -13.341 0.562   1.00 37.77  ? 451 GLU A O   1 
ATOM   95   C  CB  . GLU A 1 61  ? 1.287   -13.286 -2.588  1.00 44.76  ? 451 GLU A CB  1 
ATOM   96   C  CG  . GLU A 1 61  ? 2.323   -14.263 -2.035  1.00 51.19  ? 451 GLU A CG  1 
ATOM   97   C  CD  . GLU A 1 61  ? 3.750   -14.018 -2.543  1.00 52.96  ? 451 GLU A CD  1 
ATOM   98   O  OE1 . GLU A 1 61  ? 3.933   -13.249 -3.499  1.00 52.88  ? 451 GLU A OE1 1 
ATOM   99   O  OE2 . GLU A 1 61  ? 4.701   -14.586 -1.951  1.00 63.34  ? 451 GLU A OE2 1 
ATOM   100  N  N   . VAL A 1 62  ? 0.219   -11.353 -0.391  1.00 39.16  ? 452 VAL A N   1 
ATOM   101  C  CA  . VAL A 1 62  ? 0.313   -10.661 0.917   1.00 34.09  ? 452 VAL A CA  1 
ATOM   102  C  C   . VAL A 1 62  ? -0.960  -10.990 1.739   1.00 31.91  ? 452 VAL A C   1 
ATOM   103  O  O   . VAL A 1 62  ? -0.873  -11.284 2.942   1.00 31.54  ? 452 VAL A O   1 
ATOM   104  C  CB  . VAL A 1 62  ? 0.501   -9.119  0.708   1.00 35.01  ? 452 VAL A CB  1 
ATOM   105  C  CG1 . VAL A 1 62  ? 0.630   -8.373  2.027   1.00 35.86  ? 452 VAL A CG1 1 
ATOM   106  C  CG2 . VAL A 1 62  ? 1.673   -8.800  -0.249  1.00 37.39  ? 452 VAL A CG2 1 
ATOM   107  N  N   . ARG A 1 63  ? -2.160  -10.872 1.130   1.00 29.53  ? 453 ARG A N   1 
ATOM   108  C  CA  . ARG A 1 63  ? -3.375  -11.005 1.968   1.00 32.70  ? 453 ARG A CA  1 
ATOM   109  C  C   . ARG A 1 63  ? -3.435  -12.386 2.686   1.00 33.11  ? 453 ARG A C   1 
ATOM   110  O  O   . ARG A 1 63  ? -3.737  -12.481 3.878   1.00 33.72  ? 453 ARG A O   1 
ATOM   111  C  CB  . ARG A 1 63  ? -4.691  -10.784 1.170   1.00 32.80  ? 453 ARG A CB  1 
ATOM   112  C  CG  . ARG A 1 63  ? -5.893  -10.738 2.084   1.00 31.13  ? 453 ARG A CG  1 
ATOM   113  C  CD  . ARG A 1 63  ? -7.067  -10.093 1.356   1.00 31.05  ? 453 ARG A CD  1 
ATOM   114  N  NE  . ARG A 1 63  ? -7.437  -10.823 0.150   1.00 32.71  ? 453 ARG A NE  1 
ATOM   115  C  CZ  . ARG A 1 63  ? -8.250  -11.884 0.116   1.00 37.96  ? 453 ARG A CZ  1 
ATOM   116  N  NH1 . ARG A 1 63  ? -8.795  -12.373 1.242   1.00 32.78  ? 453 ARG A NH1 1 
ATOM   117  N  NH2 . ARG A 1 63  ? -8.552  -12.432 -1.078  1.00 40.06  ? 453 ARG A NH2 1 
ATOM   118  N  N   . HIS A 1 64  ? -3.078  -13.412 1.940   1.00 34.52  ? 454 HIS A N   1 
ATOM   119  C  CA  . HIS A 1 64  ? -3.068  -14.765 2.482   1.00 38.81  ? 454 HIS A CA  1 
ATOM   120  C  C   . HIS A 1 64  ? -1.942  -14.966 3.434   1.00 38.76  ? 454 HIS A C   1 
ATOM   121  O  O   . HIS A 1 64  ? -2.190  -15.350 4.548   1.00 39.47  ? 454 HIS A O   1 
ATOM   122  C  CB  . HIS A 1 64  ? -3.174  -15.786 1.348   1.00 46.40  ? 454 HIS A CB  1 
ATOM   123  C  CG  . HIS A 1 64  ? -4.508  -15.670 0.650   1.00 58.80  ? 454 HIS A CG  1 
ATOM   124  N  ND1 . HIS A 1 64  ? -4.650  -15.514 -0.717  1.00 60.20  ? 454 HIS A ND1 1 
ATOM   125  C  CD2 . HIS A 1 64  ? -5.756  -15.520 1.173   1.00 57.30  ? 454 HIS A CD2 1 
ATOM   126  C  CE1 . HIS A 1 64  ? -5.932  -15.373 -1.011  1.00 58.47  ? 454 HIS A CE1 1 
ATOM   127  N  NE2 . HIS A 1 64  ? -6.623  -15.370 0.119   1.00 55.74  ? 454 HIS A NE2 1 
ATOM   128  N  N   . LEU A 1 65  ? -0.744  -14.504 3.122   1.00 41.74  ? 455 LEU A N   1 
ATOM   129  C  CA  . LEU A 1 65  ? 0.314   -14.749 4.060   1.00 43.01  ? 455 LEU A CA  1 
ATOM   130  C  C   . LEU A 1 65  ? 0.116   -13.975 5.367   1.00 43.99  ? 455 LEU A C   1 
ATOM   131  O  O   . LEU A 1 65  ? 0.455   -14.474 6.419   1.00 40.25  ? 455 LEU A O   1 
ATOM   132  C  CB  . LEU A 1 65  ? 1.693   -14.554 3.380   1.00 49.19  ? 455 LEU A CB  1 
ATOM   133  C  CG  . LEU A 1 65  ? 1.983   -15.694 2.333   1.00 56.01  ? 455 LEU A CG  1 
ATOM   134  C  CD1 . LEU A 1 65  ? 3.212   -15.447 1.456   1.00 55.03  ? 455 LEU A CD1 1 
ATOM   135  C  CD2 . LEU A 1 65  ? 2.066   -17.109 2.964   1.00 54.32  ? 455 LEU A CD2 1 
ATOM   136  N  N   . LEU A 1 66  ? -0.471  -12.775 5.317   1.00 38.85  ? 456 LEU A N   1 
ATOM   137  C  CA  . LEU A 1 66  ? -0.750  -12.004 6.513   1.00 32.23  ? 456 LEU A CA  1 
ATOM   138  C  C   . LEU A 1 66  ? -2.111  -12.216 7.133   1.00 35.71  ? 456 LEU A C   1 
ATOM   139  O  O   . LEU A 1 66  ? -2.353  -11.681 8.182   1.00 42.04  ? 456 LEU A O   1 
ATOM   140  C  CB  . LEU A 1 66  ? -0.507  -10.486 6.252   1.00 35.02  ? 456 LEU A CB  1 
ATOM   141  C  CG  . LEU A 1 66  ? 0.912   -10.193 5.796   1.00 36.46  ? 456 LEU A CG  1 
ATOM   142  C  CD1 . LEU A 1 66  ? 1.136   -8.705  5.615   1.00 41.21  ? 456 LEU A CD1 1 
ATOM   143  C  CD2 . LEU A 1 66  ? 1.912   -10.721 6.821   1.00 40.05  ? 456 LEU A CD2 1 
ATOM   144  N  N   . SER A 1 67  ? -3.008  -12.975 6.496   1.00 36.71  ? 457 SER A N   1 
ATOM   145  C  CA  . SER A 1 67  ? -4.447  -13.008 6.851   1.00 42.73  ? 457 SER A CA  1 
ATOM   146  C  C   . SER A 1 67  ? -4.946  -11.646 7.352   1.00 38.35  ? 457 SER A C   1 
ATOM   147  O  O   . SER A 1 67  ? -5.296  -11.439 8.541   1.00 39.87  ? 457 SER A O   1 
ATOM   148  C  CB  . SER A 1 67  ? -4.812  -14.171 7.811   1.00 48.66  ? 457 SER A CB  1 
ATOM   149  O  OG  . SER A 1 67  ? -3.891  -14.250 8.862   1.00 58.06  ? 457 SER A OG  1 
ATOM   150  N  N   . CYS A 1 68  ? -4.920  -10.698 6.428   1.00 32.64  ? 458 CYS A N   1 
ATOM   151  C  CA  . CYS A 1 68  ? -5.430  -9.369  6.746   1.00 32.42  ? 458 CYS A CA  1 
ATOM   152  C  C   . CYS A 1 68  ? -6.640  -9.161  5.901   1.00 31.99  ? 458 CYS A C   1 
ATOM   153  O  O   . CYS A 1 68  ? -6.969  -10.004 5.053   1.00 31.48  ? 458 CYS A O   1 
ATOM   154  C  CB  . CYS A 1 68  ? -4.314  -8.337  6.505   1.00 31.45  ? 458 CYS A CB  1 
ATOM   155  S  SG  . CYS A 1 68  ? -3.667  -8.220  4.849   1.00 33.62  ? 458 CYS A SG  1 
ATOM   156  N  N   . ASP A 1 69  ? -7.246  -8.001  6.047   1.00 30.51  ? 459 ASP A N   1 
ATOM   157  C  CA  . ASP A 1 69  ? -8.517  -7.675  5.408   1.00 30.04  ? 459 ASP A CA  1 
ATOM   158  C  C   . ASP A 1 69  ? -8.419  -7.128  4.023   1.00 27.49  ? 459 ASP A C   1 
ATOM   159  O  O   . ASP A 1 69  ? -9.295  -7.417  3.160   1.00 31.84  ? 459 ASP A O   1 
ATOM   160  C  CB  . ASP A 1 69  ? -9.320  -6.748  6.342   1.00 32.19  ? 459 ASP A CB  1 
ATOM   161  C  CG  . ASP A 1 69  ? -9.676  -7.418  7.633   1.00 33.00  ? 459 ASP A CG  1 
ATOM   162  O  OD1 . ASP A 1 69  ? -10.674 -8.192  7.573   1.00 31.55  ? 459 ASP A OD1 1 
ATOM   163  O  OD2 . ASP A 1 69  ? -9.009  -7.222  8.735   1.00 30.47  ? 459 ASP A OD2 1 
ATOM   164  N  N   . ARG A 1 70  ? -7.399  -6.283  3.777   1.00 23.78  ? 460 ARG A N   1 
ATOM   165  C  CA  . ARG A 1 70  ? -7.266  -5.623  2.553   1.00 25.03  ? 460 ARG A CA  1 
ATOM   166  C  C   . ARG A 1 70  ? -5.727  -5.425  2.291   1.00 26.95  ? 460 ARG A C   1 
ATOM   167  O  O   . ARG A 1 70  ? -4.957  -5.240  3.217   1.00 29.12  ? 460 ARG A O   1 
ATOM   168  C  CB  . ARG A 1 70  ? -8.045  -4.297  2.778   1.00 28.66  ? 460 ARG A CB  1 
ATOM   169  C  CG  . ARG A 1 70  ? -8.149  -3.391  1.616   1.00 28.57  ? 460 ARG A CG  1 
ATOM   170  C  CD  . ARG A 1 70  ? -8.952  -2.060  1.919   1.00 25.65  ? 460 ARG A CD  1 
ATOM   171  N  NE  . ARG A 1 70  ? -10.319 -2.152  2.547   1.00 28.49  ? 460 ARG A NE  1 
ATOM   172  C  CZ  . ARG A 1 70  ? -11.469 -2.319  1.851   1.00 30.72  ? 460 ARG A CZ  1 
ATOM   173  N  NH1 . ARG A 1 70  ? -12.603 -2.323  2.493   1.00 29.03  ? 460 ARG A NH1 1 
ATOM   174  N  NH2 . ARG A 1 70  ? -11.478 -2.413  0.499   1.00 27.53  ? 460 ARG A NH2 1 
ATOM   175  N  N   . VAL A 1 71  ? -5.341  -5.525  1.044   1.00 27.34  ? 461 VAL A N   1 
ATOM   176  C  CA  . VAL A 1 71  ? -3.996  -5.181  0.542   1.00 31.00  ? 461 VAL A CA  1 
ATOM   177  C  C   . VAL A 1 71  ? -4.123  -4.247  -0.635  1.00 28.12  ? 461 VAL A C   1 
ATOM   178  O  O   . VAL A 1 71  ? -4.920  -4.449  -1.571  1.00 30.09  ? 461 VAL A O   1 
ATOM   179  C  CB  . VAL A 1 71  ? -3.169  -6.488  0.198   1.00 29.86  ? 461 VAL A CB  1 
ATOM   180  C  CG1 . VAL A 1 71  ? -1.834  -6.159  -0.491  1.00 30.91  ? 461 VAL A CG1 1 
ATOM   181  C  CG2 . VAL A 1 71  ? -3.006  -7.346  1.430   1.00 32.44  ? 461 VAL A CG2 1 
ATOM   182  N  N   . LEU A 1 72  ? -3.337  -3.172  -0.633  1.00 24.41  ? 462 LEU A N   1 
ATOM   183  C  CA  . LEU A 1 72  ? -3.405  -2.183  -1.649  1.00 26.69  ? 462 LEU A CA  1 
ATOM   184  C  C   . LEU A 1 72  ? -2.057  -1.895  -2.218  1.00 26.96  ? 462 LEU A C   1 
ATOM   185  O  O   . LEU A 1 72  ? -1.068  -1.873  -1.463  1.00 28.52  ? 462 LEU A O   1 
ATOM   186  C  CB  . LEU A 1 72  ? -4.007  -0.886  -1.067  1.00 27.22  ? 462 LEU A CB  1 
ATOM   187  C  CG  . LEU A 1 72  ? -5.467  -1.069  -0.591  1.00 27.38  ? 462 LEU A CG  1 
ATOM   188  C  CD1 . LEU A 1 72  ? -5.918  0.165   0.181   1.00 27.42  ? 462 LEU A CD1 1 
ATOM   189  C  CD2 . LEU A 1 72  ? -6.409  -1.323  -1.762  1.00 28.82  ? 462 LEU A CD2 1 
ATOM   190  N  N   . VAL A 1 73  ? -2.023  -1.667  -3.542  1.00 28.48  ? 463 VAL A N   1 
ATOM   191  C  CA  . VAL A 1 73  ? -0.855  -1.152  -4.212  1.00 26.55  ? 463 VAL A CA  1 
ATOM   192  C  C   . VAL A 1 73  ? -1.112  0.317   -4.645  1.00 28.87  ? 463 VAL A C   1 
ATOM   193  O  O   . VAL A 1 73  ? -2.078  0.604   -5.388  1.00 28.12  ? 463 VAL A O   1 
ATOM   194  C  CB  . VAL A 1 73  ? -0.582  -1.991  -5.489  1.00 28.06  ? 463 VAL A CB  1 
ATOM   195  C  CG1 . VAL A 1 73  ? 0.582   -1.454  -6.255  1.00 31.50  ? 463 VAL A CG1 1 
ATOM   196  C  CG2 . VAL A 1 73  ? -0.366  -3.462  -5.129  1.00 30.92  ? 463 VAL A CG2 1 
ATOM   197  N  N   . TYR A 1 74  ? -0.256  1.202   -4.153  1.00 27.15  ? 464 TYR A N   1 
ATOM   198  C  CA  . TYR A 1 74  ? -0.281  2.635   -4.491  1.00 28.83  ? 464 TYR A CA  1 
ATOM   199  C  C   . TYR A 1 74  ? 0.812   2.936   -5.504  1.00 28.24  ? 464 TYR A C   1 
ATOM   200  O  O   . TYR A 1 74  ? 1.897   2.476   -5.280  1.00 26.68  ? 464 TYR A O   1 
ATOM   201  C  CB  . TYR A 1 74  ? -0.042  3.392   -3.218  1.00 28.73  ? 464 TYR A CB  1 
ATOM   202  C  CG  . TYR A 1 74  ? -0.319  4.866   -3.327  1.00 27.92  ? 464 TYR A CG  1 
ATOM   203  C  CD1 . TYR A 1 74  ? -1.618  5.345   -3.281  1.00 28.57  ? 464 TYR A CD1 1 
ATOM   204  C  CD2 . TYR A 1 74  ? 0.731   5.788   -3.440  1.00 28.35  ? 464 TYR A CD2 1 
ATOM   205  C  CE1 . TYR A 1 74  ? -1.874  6.697   -3.310  1.00 32.06  ? 464 TYR A CE1 1 
ATOM   206  C  CE2 . TYR A 1 74  ? 0.476   7.159   -3.518  1.00 30.95  ? 464 TYR A CE2 1 
ATOM   207  C  CZ  . TYR A 1 74  ? -0.858  7.598   -3.452  1.00 30.17  ? 464 TYR A CZ  1 
ATOM   208  O  OH  . TYR A 1 74  ? -1.175  8.954   -3.536  1.00 30.35  ? 464 TYR A OH  1 
ATOM   209  N  N   . ARG A 1 75  ? 0.531   3.717   -6.553  1.00 28.94  ? 465 ARG A N   1 
ATOM   210  C  CA  . ARG A 1 75  ? 1.548   4.154   -7.554  1.00 31.84  ? 465 ARG A CA  1 
ATOM   211  C  C   . ARG A 1 75  ? 1.676   5.674   -7.579  1.00 32.49  ? 465 ARG A C   1 
ATOM   212  O  O   . ARG A 1 75  ? 0.662   6.393   -7.713  1.00 31.86  ? 465 ARG A O   1 
ATOM   213  C  CB  . ARG A 1 75  ? 1.177   3.679   -8.974  1.00 31.32  ? 465 ARG A CB  1 
ATOM   214  C  CG  . ARG A 1 75  ? 2.243   3.975   -10.048 1.00 39.15  ? 465 ARG A CG  1 
ATOM   215  C  CD  . ARG A 1 75  ? 1.806   3.533   -11.446 1.00 43.64  ? 465 ARG A CD  1 
ATOM   216  N  NE  . ARG A 1 75  ? 0.569   4.230   -11.812 1.00 45.69  ? 465 ARG A NE  1 
ATOM   217  C  CZ  . ARG A 1 75  ? -0.384  3.792   -12.640 1.00 48.93  ? 465 ARG A CZ  1 
ATOM   218  N  NH1 . ARG A 1 75  ? -0.312  2.612   -13.261 1.00 46.30  ? 465 ARG A NH1 1 
ATOM   219  N  NH2 . ARG A 1 75  ? -1.449  4.557   -12.843 1.00 54.13  ? 465 ARG A NH2 1 
ATOM   220  N  N   . PHE A 1 76  ? 2.909   6.163   -7.497  1.00 29.47  ? 466 PHE A N   1 
ATOM   221  C  CA  . PHE A 1 76  ? 3.140   7.615   -7.604  1.00 31.74  ? 466 PHE A CA  1 
ATOM   222  C  C   . PHE A 1 76  ? 3.128   8.083   -9.078  1.00 33.94  ? 466 PHE A C   1 
ATOM   223  O  O   . PHE A 1 76  ? 3.470   7.338   -9.996  1.00 35.40  ? 466 PHE A O   1 
ATOM   224  C  CB  . PHE A 1 76  ? 4.462   8.017   -6.942  1.00 30.68  ? 466 PHE A CB  1 
ATOM   225  C  CG  . PHE A 1 76  ? 4.490   7.870   -5.458  1.00 29.31  ? 466 PHE A CG  1 
ATOM   226  C  CD1 . PHE A 1 76  ? 3.847   8.806   -4.654  1.00 32.25  ? 466 PHE A CD1 1 
ATOM   227  C  CD2 . PHE A 1 76  ? 5.122   6.804   -4.836  1.00 27.81  ? 466 PHE A CD2 1 
ATOM   228  C  CE1 . PHE A 1 76  ? 3.842   8.652   -3.282  1.00 27.81  ? 466 PHE A CE1 1 
ATOM   229  C  CE2 . PHE A 1 76  ? 5.163   6.660   -3.463  1.00 26.34  ? 466 PHE A CE2 1 
ATOM   230  C  CZ  . PHE A 1 76  ? 4.502   7.599   -2.672  1.00 29.32  ? 466 PHE A CZ  1 
ATOM   231  N  N   . ASN A 1 77  ? 2.680   9.304   -9.292  1.00 33.53  ? 467 ASN A N   1 
ATOM   232  C  CA  . ASN A 1 77  ? 2.927   10.019  -10.518 1.00 37.86  ? 467 ASN A CA  1 
ATOM   233  C  C   . ASN A 1 77  ? 4.212   10.813  -10.449 1.00 40.05  ? 467 ASN A C   1 
ATOM   234  O  O   . ASN A 1 77  ? 4.819   10.892  -9.361  1.00 37.62  ? 467 ASN A O   1 
ATOM   235  C  CB  . ASN A 1 77  ? 1.734   10.892  -10.844 1.00 36.28  ? 467 ASN A CB  1 
ATOM   236  C  CG  . ASN A 1 77  ? 0.472   10.065  -10.979 1.00 38.55  ? 467 ASN A CG  1 
ATOM   237  O  OD1 . ASN A 1 77  ? 0.463   9.056   -11.657 1.00 39.17  ? 467 ASN A OD1 1 
ATOM   238  N  ND2 . ASN A 1 77  ? -0.523  10.402  -10.243 1.00 35.45  ? 467 ASN A ND2 1 
ATOM   239  N  N   . PRO A 1 78  ? 4.695   11.345  -11.626 1.00 43.97  ? 468 PRO A N   1 
ATOM   240  C  CA  . PRO A 1 78  ? 5.955   12.103  -11.634 1.00 45.57  ? 468 PRO A CA  1 
ATOM   241  C  C   . PRO A 1 78  ? 5.966   13.288  -10.676 1.00 41.63  ? 468 PRO A C   1 
ATOM   242  O  O   . PRO A 1 78  ? 6.999   13.571  -10.111 1.00 45.71  ? 468 PRO A O   1 
ATOM   243  C  CB  . PRO A 1 78  ? 6.084   12.548  -13.085 1.00 50.10  ? 468 PRO A CB  1 
ATOM   244  C  CG  . PRO A 1 78  ? 5.432   11.455  -13.834 1.00 48.25  ? 468 PRO A CG  1 
ATOM   245  C  CD  . PRO A 1 78  ? 4.213   11.155  -13.002 1.00 44.43  ? 468 PRO A CD  1 
ATOM   246  N  N   . ASP A 1 79  ? 4.811   13.902  -10.433 1.00 43.64  ? 469 ASP A N   1 
ATOM   247  C  CA  . ASP A 1 79  ? 4.698   15.037  -9.468  1.00 47.15  ? 469 ASP A CA  1 
ATOM   248  C  C   . ASP A 1 79  ? 4.485   14.609  -8.011  1.00 45.53  ? 469 ASP A C   1 
ATOM   249  O  O   . ASP A 1 79  ? 4.253   15.452  -7.119  1.00 41.54  ? 469 ASP A O   1 
ATOM   250  C  CB  . ASP A 1 79  ? 3.562   15.986  -9.888  1.00 45.81  ? 469 ASP A CB  1 
ATOM   251  C  CG  . ASP A 1 79  ? 2.219   15.356  -9.844  1.00 48.66  ? 469 ASP A CG  1 
ATOM   252  O  OD1 . ASP A 1 79  ? 2.073   14.136  -9.564  1.00 42.84  ? 469 ASP A OD1 1 
ATOM   253  O  OD2 . ASP A 1 79  ? 1.261   16.072  -10.157 1.00 50.10  ? 469 ASP A OD2 1 
ATOM   254  N  N   . TRP A 1 80  ? 4.517   13.290  -7.784  1.00 40.89  ? 470 TRP A N   1 
ATOM   255  C  CA  . TRP A 1 80  ? 4.344   12.659  -6.442  1.00 38.92  ? 470 TRP A CA  1 
ATOM   256  C  C   . TRP A 1 80  ? 2.935   12.637  -5.906  1.00 35.68  ? 470 TRP A C   1 
ATOM   257  O  O   . TRP A 1 80  ? 2.704   12.245  -4.759  1.00 34.60  ? 470 TRP A O   1 
ATOM   258  C  CB  . TRP A 1 80  ? 5.323   13.176  -5.406  1.00 40.67  ? 470 TRP A CB  1 
ATOM   259  C  CG  . TRP A 1 80  ? 6.744   13.014  -5.847  1.00 45.30  ? 470 TRP A CG  1 
ATOM   260  C  CD1 . TRP A 1 80  ? 7.575   13.970  -6.398  1.00 41.95  ? 470 TRP A CD1 1 
ATOM   261  C  CD2 . TRP A 1 80  ? 7.498   11.827  -5.756  1.00 42.09  ? 470 TRP A CD2 1 
ATOM   262  N  NE1 . TRP A 1 80  ? 8.818   13.436  -6.643  1.00 40.59  ? 470 TRP A NE1 1 
ATOM   263  C  CE2 . TRP A 1 80  ? 8.797   12.111  -6.282  1.00 45.19  ? 470 TRP A CE2 1 
ATOM   264  C  CE3 . TRP A 1 80  ? 7.205   10.529  -5.311  1.00 43.32  ? 470 TRP A CE3 1 
ATOM   265  C  CZ2 . TRP A 1 80  ? 9.793   11.144  -6.360  1.00 42.72  ? 470 TRP A CZ2 1 
ATOM   266  C  CZ3 . TRP A 1 80  ? 8.183   9.556   -5.408  1.00 37.12  ? 470 TRP A CZ3 1 
ATOM   267  C  CH2 . TRP A 1 80  ? 9.482   9.873   -5.892  1.00 44.36  ? 470 TRP A CH2 1 
ATOM   268  N  N   . SER A 1 81  ? 1.985   13.006  -6.746  1.00 38.53  ? 471 SER A N   1 
ATOM   269  C  CA  . SER A 1 81  ? 0.600   12.604  -6.540  1.00 33.27  ? 471 SER A CA  1 
ATOM   270  C  C   . SER A 1 81  ? 0.569   11.078  -6.802  1.00 31.94  ? 471 SER A C   1 
ATOM   271  O  O   . SER A 1 81  ? 1.537   10.519  -7.269  1.00 33.16  ? 471 SER A O   1 
ATOM   272  C  CB  . SER A 1 81  ? -0.354  13.310  -7.521  1.00 38.22  ? 471 SER A CB  1 
ATOM   273  O  OG  . SER A 1 81  ? 0.002   13.027  -8.863  1.00 40.61  ? 471 SER A OG  1 
ATOM   274  N  N   . GLY A 1 82  ? -0.521  10.428  -6.513  1.00 30.90  ? 472 GLY A N   1 
ATOM   275  C  CA  . GLY A 1 82  ? -0.657  8.988   -6.837  1.00 36.09  ? 472 GLY A CA  1 
ATOM   276  C  C   . GLY A 1 82  ? -2.055  8.449   -6.629  1.00 38.79  ? 472 GLY A C   1 
ATOM   277  O  O   . GLY A 1 82  ? -2.980  9.230   -6.359  1.00 31.86  ? 472 GLY A O   1 
ATOM   278  N  N   . GLU A 1 83  ? -2.242  7.130   -6.817  1.00 29.24  ? 473 GLU A N   1 
ATOM   279  C  CA  . GLU A 1 83  ? -3.514  6.493   -6.562  1.00 33.76  ? 473 GLU A CA  1 
ATOM   280  C  C   . GLU A 1 83  ? -3.299  5.032   -6.281  1.00 34.24  ? 473 GLU A C   1 
ATOM   281  O  O   . GLU A 1 83  ? -2.252  4.455   -6.681  1.00 30.61  ? 473 GLU A O   1 
ATOM   282  C  CB  . GLU A 1 83  ? -4.451  6.567   -7.785  1.00 40.61  ? 473 GLU A CB  1 
ATOM   283  C  CG  . GLU A 1 83  ? -3.715  6.197   -9.067  1.00 44.08  ? 473 GLU A CG  1 
ATOM   284  C  CD  . GLU A 1 83  ? -4.544  6.196   -10.336 1.00 51.48  ? 473 GLU A CD  1 
ATOM   285  O  OE1 . GLU A 1 83  ? -3.939  5.962   -11.410 1.00 53.29  ? 473 GLU A OE1 1 
ATOM   286  O  OE2 . GLU A 1 83  ? -5.747  6.391   -10.254 1.00 52.36  ? 473 GLU A OE2 1 
ATOM   287  N  N   . PHE A 1 84  ? -4.326  4.427   -5.695  1.00 30.82  ? 474 PHE A N   1 
ATOM   288  C  CA  . PHE A 1 84  ? -4.334  3.012   -5.445  1.00 34.00  ? 474 PHE A CA  1 
ATOM   289  C  C   . PHE A 1 84  ? -4.729  2.365   -6.775  1.00 34.61  ? 474 PHE A C   1 
ATOM   290  O  O   . PHE A 1 84  ? -5.780  2.694   -7.354  1.00 35.74  ? 474 PHE A O   1 
ATOM   291  C  CB  . PHE A 1 84  ? -5.315  2.654   -4.346  1.00 34.69  ? 474 PHE A CB  1 
ATOM   292  C  CG  . PHE A 1 84  ? -4.853  3.042   -2.976  1.00 33.47  ? 474 PHE A CG  1 
ATOM   293  C  CD1 . PHE A 1 84  ? -3.798  2.352   -2.373  1.00 33.00  ? 474 PHE A CD1 1 
ATOM   294  C  CD2 . PHE A 1 84  ? -5.470  4.079   -2.286  1.00 41.10  ? 474 PHE A CD2 1 
ATOM   295  C  CE1 . PHE A 1 84  ? -3.330  2.715   -1.122  1.00 32.91  ? 474 PHE A CE1 1 
ATOM   296  C  CE2 . PHE A 1 84  ? -5.016  4.463   -1.033  1.00 37.63  ? 474 PHE A CE2 1 
ATOM   297  C  CZ  . PHE A 1 84  ? -3.978  3.776   -0.436  1.00 36.52  ? 474 PHE A CZ  1 
ATOM   298  N  N   . ILE A 1 85  ? -3.880  1.479   -7.312  1.00 34.03  ? 475 ILE A N   1 
ATOM   299  C  CA  . ILE A 1 85  ? -4.140  0.903   -8.643  1.00 34.02  ? 475 ILE A CA  1 
ATOM   300  C  C   . ILE A 1 85  ? -4.544  -0.570  -8.645  1.00 36.73  ? 475 ILE A C   1 
ATOM   301  O  O   . ILE A 1 85  ? -4.876  -1.135  -9.707  1.00 32.85  ? 475 ILE A O   1 
ATOM   302  C  CB  . ILE A 1 85  ? -2.955  1.136   -9.579  1.00 36.22  ? 475 ILE A CB  1 
ATOM   303  C  CG1 . ILE A 1 85  ? -1.671  0.458   -9.025  1.00 36.50  ? 475 ILE A CG1 1 
ATOM   304  C  CG2 . ILE A 1 85  ? -2.823  2.626   -9.796  1.00 40.26  ? 475 ILE A CG2 1 
ATOM   305  C  CD1 . ILE A 1 85  ? -0.571  0.347   -10.053 1.00 40.78  ? 475 ILE A CD1 1 
ATOM   306  N  N   . HIS A 1 86  ? -4.505  -1.181  -7.483  1.00 32.09  ? 476 HIS A N   1 
ATOM   307  C  CA  . HIS A 1 86  ? -4.832  -2.570  -7.310  1.00 36.99  ? 476 HIS A CA  1 
ATOM   308  C  C   . HIS A 1 86  ? -5.119  -2.860  -5.850  1.00 31.36  ? 476 HIS A C   1 
ATOM   309  O  O   . HIS A 1 86  ? -4.485  -2.307  -4.979  1.00 31.55  ? 476 HIS A O   1 
ATOM   310  C  CB  . HIS A 1 86  ? -3.736  -3.533  -7.808  1.00 36.08  ? 476 HIS A CB  1 
ATOM   311  C  CG  . HIS A 1 86  ? -4.291  -4.884  -8.081  1.00 46.10  ? 476 HIS A CG  1 
ATOM   312  N  ND1 . HIS A 1 86  ? -4.845  -5.216  -9.300  1.00 50.06  ? 476 HIS A ND1 1 
ATOM   313  C  CD2 . HIS A 1 86  ? -4.539  -5.927  -7.252  1.00 48.65  ? 476 HIS A CD2 1 
ATOM   314  C  CE1 . HIS A 1 86  ? -5.369  -6.425  -9.220  1.00 52.57  ? 476 HIS A CE1 1 
ATOM   315  N  NE2 . HIS A 1 86  ? -5.192  -6.880  -7.991  1.00 54.27  ? 476 HIS A NE2 1 
ATOM   316  N  N   . GLU A 1 87  ? -6.058  -3.780  -5.635  1.00 28.57  ? 477 GLU A N   1 
ATOM   317  C  CA  . GLU A 1 87  ? -6.470  -4.248  -4.352  1.00 28.74  ? 477 GLU A CA  1 
ATOM   318  C  C   . GLU A 1 87  ? -6.666  -5.778  -4.341  1.00 31.12  ? 477 GLU A C   1 
ATOM   319  O  O   . GLU A 1 87  ? -7.132  -6.364  -5.336  1.00 30.47  ? 477 GLU A O   1 
ATOM   320  C  CB  . GLU A 1 87  ? -7.860  -3.592  -4.060  1.00 31.76  ? 477 GLU A CB  1 
ATOM   321  C  CG  . GLU A 1 87  ? -8.567  -4.129  -2.803  1.00 32.74  ? 477 GLU A CG  1 
ATOM   322  C  CD  . GLU A 1 87  ? -9.860  -3.361  -2.538  1.00 38.31  ? 477 GLU A CD  1 
ATOM   323  O  OE1 . GLU A 1 87  ? -10.732 -3.291  -3.416  1.00 33.40  ? 477 GLU A OE1 1 
ATOM   324  O  OE2 . GLU A 1 87  ? -9.966  -2.796  -1.461  1.00 33.36  ? 477 GLU A OE2 1 
ATOM   325  N  N   . SER A 1 88  ? -6.422  -6.377  -3.201  1.00 27.73  ? 478 SER A N   1 
ATOM   326  C  CA  . SER A 1 88  ? -6.942  -7.676  -2.835  1.00 30.34  ? 478 SER A CA  1 
ATOM   327  C  C   . SER A 1 88  ? -7.702  -7.445  -1.564  1.00 30.52  ? 478 SER A C   1 
ATOM   328  O  O   . SER A 1 88  ? -7.147  -6.848  -0.578  1.00 30.23  ? 478 SER A O   1 
ATOM   329  C  CB  . SER A 1 88  ? -5.788  -8.689  -2.546  1.00 31.22  ? 478 SER A CB  1 
ATOM   330  O  OG  . SER A 1 88  ? -6.326  -9.927  -2.103  1.00 34.22  ? 478 SER A OG  1 
ATOM   331  N  N   . VAL A 1 89  ? -8.943  -7.914  -1.508  1.00 27.82  ? 479 VAL A N   1 
ATOM   332  C  CA  . VAL A 1 89  ? -9.796  -7.681  -0.336  1.00 27.48  ? 479 VAL A CA  1 
ATOM   333  C  C   . VAL A 1 89  ? -10.611 -8.916  0.079   1.00 34.15  ? 479 VAL A C   1 
ATOM   334  O  O   . VAL A 1 89  ? -11.058 -9.655  -0.802  1.00 31.35  ? 479 VAL A O   1 
ATOM   335  C  CB  . VAL A 1 89  ? -10.722 -6.464  -0.554  1.00 28.76  ? 479 VAL A CB  1 
ATOM   336  C  CG1 . VAL A 1 89  ? -11.742 -6.677  -1.660  1.00 31.35  ? 479 VAL A CG1 1 
ATOM   337  C  CG2 . VAL A 1 89  ? -11.437 -6.048  0.752   1.00 31.06  ? 479 VAL A CG2 1 
ATOM   338  N  N   . ALA A 1 90  ? -10.771 -9.152  1.385   1.00 29.26  ? 480 ALA A N   1 
ATOM   339  C  CA  . ALA A 1 90  ? -11.611 -10.230 1.874   1.00 32.25  ? 480 ALA A CA  1 
ATOM   340  C  C   . ALA A 1 90  ? -13.095 -9.974  1.521   1.00 38.13  ? 480 ALA A C   1 
ATOM   341  O  O   . ALA A 1 90  ? -13.530 -8.808  1.326   1.00 34.39  ? 480 ALA A O   1 
ATOM   342  C  CB  . ALA A 1 90  ? -11.425 -10.478 3.360   1.00 30.43  ? 480 ALA A CB  1 
ATOM   343  N  N   . GLN A 1 91  ? -13.828 -11.096 1.363   1.00 42.96  ? 481 GLN A N   1 
ATOM   344  C  CA  . GLN A 1 91  ? -15.240 -11.122 0.950   1.00 45.95  ? 481 GLN A CA  1 
ATOM   345  C  C   . GLN A 1 91  ? -16.151 -10.271 1.801   1.00 41.15  ? 481 GLN A C   1 
ATOM   346  O  O   . GLN A 1 91  ? -17.063 -9.645  1.277   1.00 40.30  ? 481 GLN A O   1 
ATOM   347  C  CB  . GLN A 1 91  ? -15.798 -12.560 1.088   1.00 53.98  ? 481 GLN A CB  1 
ATOM   348  C  CG  . GLN A 1 91  ? -15.214 -13.596 0.132   1.00 65.07  ? 481 GLN A CG  1 
ATOM   349  C  CD  . GLN A 1 91  ? -15.403 -13.244 -1.337  1.00 72.55  ? 481 GLN A CD  1 
ATOM   350  O  OE1 . GLN A 1 91  ? -16.225 -12.392 -1.696  1.00 75.98  ? 481 GLN A OE1 1 
ATOM   351  N  NE2 . GLN A 1 91  ? -14.645 -13.917 -2.198  1.00 79.11  ? 481 GLN A NE2 1 
ATOM   352  N  N   . MET A 1 92  ? -15.901 -10.291 3.107   1.00 41.18  ? 482 MET A N   1 
ATOM   353  C  CA  . MET A 1 92  ? -16.487 -9.398  4.129   1.00 41.06  ? 482 MET A CA  1 
ATOM   354  C  C   . MET A 1 92  ? -16.651 -7.912  3.773   1.00 38.55  ? 482 MET A C   1 
ATOM   355  O  O   . MET A 1 92  ? -17.526 -7.252  4.304   1.00 38.48  ? 482 MET A O   1 
ATOM   356  C  CB  . MET A 1 92  ? -15.559 -9.408  5.350   1.00 49.38  ? 482 MET A CB  1 
ATOM   357  C  CG  . MET A 1 92  ? -15.631 -10.578 6.276   1.00 49.11  ? 482 MET A CG  1 
ATOM   358  S  SD  . MET A 1 92  ? -14.427 -10.259 7.612   1.00 49.58  ? 482 MET A SD  1 
ATOM   359  C  CE  . MET A 1 92  ? -12.971 -11.129 7.003   1.00 47.64  ? 482 MET A CE  1 
ATOM   360  N  N   . TRP A 1 93  ? -15.759 -7.342  2.964   1.00 39.83  ? 483 TRP A N   1 
ATOM   361  C  CA  . TRP A 1 93  ? -15.633 -5.885  2.829   1.00 37.36  ? 483 TRP A CA  1 
ATOM   362  C  C   . TRP A 1 93  ? -15.906 -5.458  1.400   1.00 42.33  ? 483 TRP A C   1 
ATOM   363  O  O   . TRP A 1 93  ? -15.665 -6.225  0.459   1.00 37.43  ? 483 TRP A O   1 
ATOM   364  C  CB  . TRP A 1 93  ? -14.220 -5.365  3.289   1.00 35.07  ? 483 TRP A CB  1 
ATOM   365  C  CG  . TRP A 1 93  ? -13.798 -5.893  4.602   1.00 29.31  ? 483 TRP A CG  1 
ATOM   366  C  CD1 . TRP A 1 93  ? -12.830 -6.832  4.843   1.00 30.48  ? 483 TRP A CD1 1 
ATOM   367  C  CD2 . TRP A 1 93  ? -14.399 -5.615  5.860   1.00 30.37  ? 483 TRP A CD2 1 
ATOM   368  N  NE1 . TRP A 1 93  ? -12.778 -7.129  6.179   1.00 30.01  ? 483 TRP A NE1 1 
ATOM   369  C  CE2 . TRP A 1 93  ? -13.757 -6.425  6.824   1.00 30.40  ? 483 TRP A CE2 1 
ATOM   370  C  CE3 . TRP A 1 93  ? -15.449 -4.781  6.269   1.00 35.44  ? 483 TRP A CE3 1 
ATOM   371  C  CZ2 . TRP A 1 93  ? -14.072 -6.359  8.193   1.00 30.82  ? 483 TRP A CZ2 1 
ATOM   372  C  CZ3 . TRP A 1 93  ? -15.780 -4.726  7.642   1.00 32.91  ? 483 TRP A CZ3 1 
ATOM   373  C  CH2 . TRP A 1 93  ? -15.101 -5.520  8.573   1.00 33.14  ? 483 TRP A CH2 1 
ATOM   374  N  N   . GLU A 1 94  ? -16.406 -4.232  1.240   1.00 40.94  ? 484 GLU A N   1 
ATOM   375  C  CA  . GLU A 1 94  ? -16.595 -3.633  -0.053  1.00 39.49  ? 484 GLU A CA  1 
ATOM   376  C  C   . GLU A 1 94  ? -15.230 -3.302  -0.690  1.00 42.88  ? 484 GLU A C   1 
ATOM   377  O  O   . GLU A 1 94  ? -14.300 -2.900  0.008   1.00 39.04  ? 484 GLU A O   1 
ATOM   378  C  CB  . GLU A 1 94  ? -17.421 -2.328  0.089   1.00 44.81  ? 484 GLU A CB  1 
ATOM   379  C  CG  . GLU A 1 94  ? -18.883 -2.486  0.533   1.00 49.71  ? 484 GLU A CG  1 
ATOM   380  C  CD  . GLU A 1 94  ? -19.688 -1.146  0.537   1.00 55.37  ? 484 GLU A CD  1 
ATOM   381  O  OE1 . GLU A 1 94  ? -19.741 -0.403  -0.484  1.00 63.51  ? 484 GLU A OE1 1 
ATOM   382  O  OE2 . GLU A 1 94  ? -20.269 -0.813  1.589   1.00 62.84  ? 484 GLU A OE2 1 
ATOM   383  N  N   . PRO A 1 95  ? -15.118 -3.381  -2.014  1.00 37.83  ? 485 PRO A N   1 
ATOM   384  C  CA  . PRO A 1 95  ? -13.945 -2.884  -2.706  1.00 35.46  ? 485 PRO A CA  1 
ATOM   385  C  C   . PRO A 1 95  ? -13.706 -1.433  -2.395  1.00 39.20  ? 485 PRO A C   1 
ATOM   386  O  O   . PRO A 1 95  ? -14.675 -0.674  -2.203  1.00 35.11  ? 485 PRO A O   1 
ATOM   387  C  CB  . PRO A 1 95  ? -14.315 -3.042  -4.177  1.00 39.77  ? 485 PRO A CB  1 
ATOM   388  C  CG  . PRO A 1 95  ? -15.307 -4.147  -4.165  1.00 37.42  ? 485 PRO A CG  1 
ATOM   389  C  CD  . PRO A 1 95  ? -16.135 -3.860  -2.966  1.00 38.86  ? 485 PRO A CD  1 
ATOM   390  N  N   . LEU A 1 96  ? -12.432 -1.051  -2.302  1.00 34.75  ? 486 LEU A N   1 
ATOM   391  C  CA  . LEU A 1 96  ? -12.052 0.334   -2.122  1.00 36.94  ? 486 LEU A CA  1 
ATOM   392  C  C   . LEU A 1 96  ? -12.792 1.268   -3.030  1.00 39.84  ? 486 LEU A C   1 
ATOM   393  O  O   . LEU A 1 96  ? -13.263 2.300   -2.545  1.00 37.32  ? 486 LEU A O   1 
ATOM   394  C  CB  . LEU A 1 96  ? -10.562 0.578   -2.406  1.00 37.02  ? 486 LEU A CB  1 
ATOM   395  C  CG  . LEU A 1 96  ? -10.086 1.949   -1.947  1.00 43.06  ? 486 LEU A CG  1 
ATOM   396  C  CD1 . LEU A 1 96  ? -9.901  1.899   -0.454  1.00 47.95  ? 486 LEU A CD1 1 
ATOM   397  C  CD2 . LEU A 1 96  ? -8.785  2.341   -2.638  1.00 46.05  ? 486 LEU A CD2 1 
ATOM   398  N  N   . LYS A 1 97  ? -12.805 0.984   -4.337  1.00 34.38  ? 487 LYS A N   1 
ATOM   399  C  CA  . LYS A 1 97  ? -13.449 1.878   -5.294  1.00 43.21  ? 487 LYS A CA  1 
ATOM   400  C  C   . LYS A 1 97  ? -14.907 2.219   -4.955  1.00 42.05  ? 487 LYS A C   1 
ATOM   401  O  O   . LYS A 1 97  ? -15.333 3.387   -5.131  1.00 40.24  ? 487 LYS A O   1 
ATOM   402  C  CB  . LYS A 1 97  ? -13.308 1.370   -6.723  1.00 50.47  ? 487 LYS A CB  1 
ATOM   403  C  CG  . LYS A 1 97  ? -11.901 1.624   -7.220  1.00 60.57  ? 487 LYS A CG  1 
ATOM   404  C  CD  . LYS A 1 97  ? -11.513 0.841   -8.464  1.00 65.88  ? 487 LYS A CD  1 
ATOM   405  C  CE  . LYS A 1 97  ? -10.005 0.912   -8.669  1.00 67.65  ? 487 LYS A CE  1 
ATOM   406  N  NZ  . LYS A 1 97  ? -9.546  2.326   -8.721  1.00 72.48  ? 487 LYS A NZ  1 
ATOM   407  N  N   . ASP A 1 98  ? -15.642 1.275   -4.399  1.00 41.30  ? 488 ASP A N   1 
ATOM   408  C  CA  . ASP A 1 98  ? -17.047 1.567   -4.010  1.00 43.76  ? 488 ASP A CA  1 
ATOM   409  C  C   . ASP A 1 98  ? -17.129 2.483   -2.841  1.00 48.69  ? 488 ASP A C   1 
ATOM   410  O  O   . ASP A 1 98  ? -17.934 3.421   -2.829  1.00 42.69  ? 488 ASP A O   1 
ATOM   411  C  CB  . ASP A 1 98  ? -17.816 0.303   -3.640  1.00 55.30  ? 488 ASP A CB  1 
ATOM   412  C  CG  . ASP A 1 98  ? -18.010 -0.633  -4.809  1.00 52.57  ? 488 ASP A CG  1 
ATOM   413  O  OD1 . ASP A 1 98  ? -17.606 -0.328  -5.937  1.00 61.88  ? 488 ASP A OD1 1 
ATOM   414  O  OD2 . ASP A 1 98  ? -18.554 -1.715  -4.568  1.00 71.14  ? 488 ASP A OD2 1 
ATOM   415  N  N   . LEU A 1 99  ? -16.299 2.206   -1.838  1.00 39.58  ? 489 LEU A N   1 
ATOM   416  C  CA  . LEU A 1 99  ? -16.153 3.104   -0.718  1.00 41.62  ? 489 LEU A CA  1 
ATOM   417  C  C   . LEU A 1 99  ? -15.802 4.500   -1.197  1.00 41.24  ? 489 LEU A C   1 
ATOM   418  O  O   . LEU A 1 99  ? -16.412 5.474   -0.751  1.00 45.75  ? 489 LEU A O   1 
ATOM   419  C  CB  . LEU A 1 99  ? -15.126 2.630   0.308   1.00 40.37  ? 489 LEU A CB  1 
ATOM   420  C  CG  . LEU A 1 99  ? -15.438 1.288   0.971   1.00 42.95  ? 489 LEU A CG  1 
ATOM   421  C  CD1 . LEU A 1 99  ? -14.305 0.827   1.867   1.00 48.72  ? 489 LEU A CD1 1 
ATOM   422  C  CD2 . LEU A 1 99  ? -16.710 1.331   1.796   1.00 49.65  ? 489 LEU A CD2 1 
ATOM   423  N  N   . GLN A 1 100 ? -14.842 4.620   -2.091  1.00 40.10  ? 490 GLN A N   1 
ATOM   424  C  CA  . GLN A 1 100 ? -14.405 5.939   -2.539  1.00 42.05  ? 490 GLN A CA  1 
ATOM   425  C  C   . GLN A 1 100 ? -15.527 6.733   -3.213  1.00 42.69  ? 490 GLN A C   1 
ATOM   426  O  O   . GLN A 1 100 ? -15.511 7.954   -3.102  1.00 41.10  ? 490 GLN A O   1 
ATOM   427  C  CB  . GLN A 1 100 ? -13.252 5.871   -3.514  1.00 42.74  ? 490 GLN A CB  1 
ATOM   428  C  CG  . GLN A 1 100 ? -11.939 5.399   -2.913  1.00 44.60  ? 490 GLN A CG  1 
ATOM   429  C  CD  . GLN A 1 100 ? -10.887 5.163   -4.017  1.00 48.03  ? 490 GLN A CD  1 
ATOM   430  O  OE1 . GLN A 1 100 ? -11.198 4.727   -5.147  1.00 50.09  ? 490 GLN A OE1 1 
ATOM   431  N  NE2 . GLN A 1 100 ? -9.649  5.497   -3.713  1.00 49.75  ? 490 GLN A NE2 1 
ATOM   432  N  N   . ASN A 1 101 ? -16.461 6.043   -3.888  1.00 40.32  ? 491 ASN A N   1 
ATOM   433  C  CA  . ASN A 1 101 ? -17.604 6.666   -4.568  1.00 38.38  ? 491 ASN A CA  1 
ATOM   434  C  C   . ASN A 1 101 ? -18.829 7.035   -3.685  1.00 36.79  ? 491 ASN A C   1 
ATOM   435  O  O   . ASN A 1 101 ? -19.784 7.618   -4.175  1.00 35.48  ? 491 ASN A O   1 
ATOM   436  C  CB  . ASN A 1 101 ? -18.102 5.764   -5.676  1.00 43.48  ? 491 ASN A CB  1 
ATOM   437  C  CG  . ASN A 1 101 ? -17.098 5.619   -6.801  1.00 42.15  ? 491 ASN A CG  1 
ATOM   438  O  OD1 . ASN A 1 101 ? -16.151 6.381   -6.911  1.00 45.58  ? 491 ASN A OD1 1 
ATOM   439  N  ND2 . ASN A 1 101 ? -17.351 4.703   -7.653  1.00 41.09  ? 491 ASN A ND2 1 
ATOM   440  N  N   . ASN A 1 102 ? -18.764 6.717   -2.407  1.00 34.51  ? 492 ASN A N   1 
ATOM   441  C  CA  . ASN A 1 102 ? -19.842 7.013   -1.493  1.00 36.53  ? 492 ASN A CA  1 
ATOM   442  C  C   . ASN A 1 102 ? -19.476 7.584   -0.185  1.00 36.61  ? 492 ASN A C   1 
ATOM   443  O  O   . ASN A 1 102 ? -20.361 8.115   0.512   1.00 31.11  ? 492 ASN A O   1 
ATOM   444  C  CB  . ASN A 1 102 ? -20.646 5.743   -1.286  1.00 37.71  ? 492 ASN A CB  1 
ATOM   445  C  CG  . ASN A 1 102 ? -21.419 5.403   -2.498  1.00 37.62  ? 492 ASN A CG  1 
ATOM   446  O  OD1 . ASN A 1 102 ? -21.001 4.579   -3.366  1.00 43.21  ? 492 ASN A OD1 1 
ATOM   447  N  ND2 . ASN A 1 102 ? -22.480 6.121   -2.657  1.00 32.07  ? 492 ASN A ND2 1 
ATOM   448  N  N   . PHE A 1 103 ? -18.201 7.502   0.202   1.00 35.45  ? 493 PHE A N   1 
ATOM   449  C  CA  . PHE A 1 103 ? -17.816 7.756   1.623   1.00 41.52  ? 493 PHE A CA  1 
ATOM   450  C  C   . PHE A 1 103 ? -16.657 8.720   1.528   1.00 44.03  ? 493 PHE A C   1 
ATOM   451  O  O   . PHE A 1 103 ? -15.524 8.311   1.229   1.00 45.97  ? 493 PHE A O   1 
ATOM   452  C  CB  . PHE A 1 103 ? -17.486 6.493   2.423   1.00 45.68  ? 493 PHE A CB  1 
ATOM   453  C  CG  . PHE A 1 103 ? -18.667 5.613   2.683   1.00 54.13  ? 493 PHE A CG  1 
ATOM   454  C  CD1 . PHE A 1 103 ? -19.603 5.946   3.671   1.00 59.17  ? 493 PHE A CD1 1 
ATOM   455  C  CD2 . PHE A 1 103 ? -18.882 4.458   1.921   1.00 57.80  ? 493 PHE A CD2 1 
ATOM   456  C  CE1 . PHE A 1 103 ? -20.715 5.136   3.894   1.00 58.12  ? 493 PHE A CE1 1 
ATOM   457  C  CE2 . PHE A 1 103 ? -19.991 3.648   2.128   1.00 58.78  ? 493 PHE A CE2 1 
ATOM   458  C  CZ  . PHE A 1 103 ? -20.909 3.991   3.121   1.00 62.33  ? 493 PHE A CZ  1 
ATOM   459  N  N   . PRO A 1 104 ? -16.957 10.016  1.692   1.00 36.91  ? 494 PRO A N   1 
ATOM   460  C  CA  . PRO A 1 104 ? -16.027 11.047  1.426   1.00 34.43  ? 494 PRO A CA  1 
ATOM   461  C  C   . PRO A 1 104 ? -14.859 11.037  2.455   1.00 33.55  ? 494 PRO A C   1 
ATOM   462  O  O   . PRO A 1 104 ? -15.002 10.533  3.596   1.00 31.55  ? 494 PRO A O   1 
ATOM   463  C  CB  . PRO A 1 104 ? -16.877 12.323  1.511   1.00 34.27  ? 494 PRO A CB  1 
ATOM   464  C  CG  . PRO A 1 104 ? -17.988 11.985  2.431   1.00 35.79  ? 494 PRO A CG  1 
ATOM   465  C  CD  . PRO A 1 104 ? -18.250 10.539  2.214   1.00 40.67  ? 494 PRO A CD  1 
ATOM   466  N  N   . LEU A 1 105 ? -13.708 11.549  2.025   1.00 29.32  ? 495 LEU A N   1 
ATOM   467  C  CA  . LEU A 1 105 ? -12.552 11.617  2.935   1.00 31.32  ? 495 LEU A CA  1 
ATOM   468  C  C   . LEU A 1 105 ? -12.047 12.994  3.038   1.00 28.94  ? 495 LEU A C   1 
ATOM   469  O  O   . LEU A 1 105 ? -12.254 13.789  2.147   1.00 32.00  ? 495 LEU A O   1 
ATOM   470  C  CB  . LEU A 1 105 ? -11.379 10.770  2.380   1.00 31.41  ? 495 LEU A CB  1 
ATOM   471  C  CG  . LEU A 1 105 ? -11.644 9.287   2.158   1.00 31.67  ? 495 LEU A CG  1 
ATOM   472  C  CD1 . LEU A 1 105 ? -10.340 8.707   1.668   1.00 37.10  ? 495 LEU A CD1 1 
ATOM   473  C  CD2 . LEU A 1 105 ? -12.129 8.499   3.350   1.00 31.01  ? 495 LEU A CD2 1 
ATOM   474  N  N   . TRP A 1 106 ? -11.225 13.226  4.059   1.00 29.06  ? 496 TRP A N   1 
ATOM   475  C  CA  . TRP A 1 106 ? -10.399 14.403  4.132   1.00 27.63  ? 496 TRP A CA  1 
ATOM   476  C  C   . TRP A 1 106 ? -9.355  14.392  3.027   1.00 33.28  ? 496 TRP A C   1 
ATOM   477  O  O   . TRP A 1 106 ? -8.753  13.392  2.724   1.00 30.06  ? 496 TRP A O   1 
ATOM   478  C  CB  . TRP A 1 106 ? -9.702  14.552  5.507   1.00 29.01  ? 496 TRP A CB  1 
ATOM   479  C  CG  . TRP A 1 106 ? -10.619 14.858  6.590   1.00 28.71  ? 496 TRP A CG  1 
ATOM   480  C  CD1 . TRP A 1 106 ? -11.553 14.037  7.114   1.00 31.11  ? 496 TRP A CD1 1 
ATOM   481  C  CD2 . TRP A 1 106 ? -10.756 16.128  7.277   1.00 28.78  ? 496 TRP A CD2 1 
ATOM   482  N  NE1 . TRP A 1 106 ? -12.264 14.710  8.092   1.00 34.62  ? 496 TRP A NE1 1 
ATOM   483  C  CE2 . TRP A 1 106 ? -11.820 15.996  8.177   1.00 30.41  ? 496 TRP A CE2 1 
ATOM   484  C  CE3 . TRP A 1 106 ? -10.097 17.353  7.198   1.00 34.51  ? 496 TRP A CE3 1 
ATOM   485  C  CZ2 . TRP A 1 106 ? -12.185 17.014  9.069   1.00 36.11  ? 496 TRP A CZ2 1 
ATOM   486  C  CZ3 . TRP A 1 106 ? -10.476 18.393  8.098   1.00 34.44  ? 496 TRP A CZ3 1 
ATOM   487  C  CH2 . TRP A 1 106 ? -11.521 18.218  8.976   1.00 29.45  ? 496 TRP A CH2 1 
ATOM   488  N  N   . GLN A 1 107 ? -9.101  15.539  2.437   1.00 28.89  ? 497 GLN A N   1 
ATOM   489  C  CA  . GLN A 1 107 ? -8.147  15.620  1.417   1.00 30.05  ? 497 GLN A CA  1 
ATOM   490  C  C   . GLN A 1 107 ? -6.806  15.216  2.077   1.00 30.72  ? 497 GLN A C   1 
ATOM   491  O  O   . GLN A 1 107 ? -6.629  15.521  3.283   1.00 26.80  ? 497 GLN A O   1 
ATOM   492  C  CB  . GLN A 1 107 ? -8.111  17.032  0.896   1.00 34.80  ? 497 GLN A CB  1 
ATOM   493  C  CG  . GLN A 1 107 ? -7.076  17.392  -0.067  1.00 35.54  ? 497 GLN A CG  1 
ATOM   494  C  CD  . GLN A 1 107 ? -7.423  18.686  -0.847  1.00 37.18  ? 497 GLN A CD  1 
ATOM   495  O  OE1 . GLN A 1 107 ? -7.987  19.653  -0.298  1.00 43.76  ? 497 GLN A OE1 1 
ATOM   496  N  NE2 . GLN A 1 107 ? -7.133  18.677  -2.108  1.00 34.53  ? 497 GLN A NE2 1 
ATOM   497  N  N   . ASP A 1 108 ? -5.974  14.483  1.314   1.00 27.81  ? 498 ASP A N   1 
ATOM   498  C  CA  . ASP A 1 108 ? -4.614  14.044  1.782   1.00 26.94  ? 498 ASP A CA  1 
ATOM   499  C  C   . ASP A 1 108 ? -3.578  14.242  0.687   1.00 28.40  ? 498 ASP A C   1 
ATOM   500  O  O   . ASP A 1 108 ? -3.506  13.496  -0.259  1.00 28.14  ? 498 ASP A O   1 
ATOM   501  C  CB  . ASP A 1 108 ? -4.653  12.642  2.327   1.00 26.13  ? 498 ASP A CB  1 
ATOM   502  C  CG  . ASP A 1 108 ? -3.396  12.278  3.185   1.00 23.23  ? 498 ASP A CG  1 
ATOM   503  O  OD1 . ASP A 1 108 ? -2.325  12.851  2.860   1.00 26.36  ? 498 ASP A OD1 1 
ATOM   504  O  OD2 . ASP A 1 108 ? -3.592  11.457  4.145   1.00 22.43  ? 498 ASP A OD2 1 
ATOM   505  N  N   . THR A 1 109 ? -2.790  15.300  0.812   1.00 23.71  ? 499 THR A N   1 
ATOM   506  C  CA  . THR A 1 109 ? -1.756  15.709  -0.116  1.00 25.74  ? 499 THR A CA  1 
ATOM   507  C  C   . THR A 1 109 ? -0.340  15.605  0.546   1.00 23.40  ? 499 THR A C   1 
ATOM   508  O  O   . THR A 1 109 ? 0.654   16.087  -0.002  1.00 30.21  ? 499 THR A O   1 
ATOM   509  C  CB  . THR A 1 109 ? -1.958  17.184  -0.546  1.00 30.44  ? 499 THR A CB  1 
ATOM   510  O  OG1 . THR A 1 109 ? -2.071  17.992  0.623   1.00 29.32  ? 499 THR A OG1 1 
ATOM   511  C  CG2 . THR A 1 109 ? -3.170  17.324  -1.426  1.00 30.08  ? 499 THR A CG2 1 
ATOM   512  N  N   . TYR A 1 110 ? -0.240  14.908  1.669   1.00 28.13  ? 500 TYR A N   1 
ATOM   513  C  CA  . TYR A 1 110 ? 1.011   14.853  2.407   1.00 27.80  ? 500 TYR A CA  1 
ATOM   514  C  C   . TYR A 1 110 ? 2.178   14.284  1.592   1.00 28.13  ? 500 TYR A C   1 
ATOM   515  O  O   . TYR A 1 110 ? 3.242   14.929  1.388   1.00 27.30  ? 500 TYR A O   1 
ATOM   516  C  CB  . TYR A 1 110 ? 0.844   14.163  3.742   1.00 30.41  ? 500 TYR A CB  1 
ATOM   517  C  CG  . TYR A 1 110 ? 2.165   14.176  4.492   1.00 30.25  ? 500 TYR A CG  1 
ATOM   518  C  CD1 . TYR A 1 110 ? 2.536   15.319  5.229   1.00 35.60  ? 500 TYR A CD1 1 
ATOM   519  C  CD2 . TYR A 1 110 ? 3.090   13.162  4.337   1.00 31.70  ? 500 TYR A CD2 1 
ATOM   520  C  CE1 . TYR A 1 110 ? 3.755   15.379  5.875   1.00 37.49  ? 500 TYR A CE1 1 
ATOM   521  C  CE2 . TYR A 1 110 ? 4.355   13.218  4.980   1.00 31.24  ? 500 TYR A CE2 1 
ATOM   522  C  CZ  . TYR A 1 110 ? 4.654   14.310  5.738   1.00 36.32  ? 500 TYR A CZ  1 
ATOM   523  O  OH  . TYR A 1 110 ? 5.868   14.450  6.368   1.00 39.90  ? 500 TYR A OH  1 
ATOM   524  N  N   . LEU A 1 111 ? 1.953   13.104  1.019   1.00 28.44  ? 501 LEU A N   1 
ATOM   525  C  CA  . LEU A 1 111 ? 2.994   12.446  0.246   1.00 29.89  ? 501 LEU A CA  1 
ATOM   526  C  C   . LEU A 1 111 ? 3.424   13.253  -0.927  1.00 30.72  ? 501 LEU A C   1 
ATOM   527  O  O   . LEU A 1 111 ? 4.632   13.342  -1.256  1.00 33.06  ? 501 LEU A O   1 
ATOM   528  C  CB  . LEU A 1 111 ? 2.574   11.030  -0.187  1.00 29.80  ? 501 LEU A CB  1 
ATOM   529  C  CG  . LEU A 1 111 ? 2.458   10.063  1.005   1.00 31.33  ? 501 LEU A CG  1 
ATOM   530  C  CD1 . LEU A 1 111 ? 1.989   8.737   0.503   1.00 30.18  ? 501 LEU A CD1 1 
ATOM   531  C  CD2 . LEU A 1 111 ? 3.714   9.869   1.828   1.00 31.49  ? 501 LEU A CD2 1 
ATOM   532  N  N   . GLN A 1 112 ? 2.448   13.817  -1.607  1.00 34.16  ? 502 GLN A N   1 
ATOM   533  C  CA  . GLN A 1 112 ? 2.762   14.647  -2.735  1.00 34.08  ? 502 GLN A CA  1 
ATOM   534  C  C   . GLN A 1 112 ? 3.581   15.857  -2.338  1.00 33.77  ? 502 GLN A C   1 
ATOM   535  O  O   . GLN A 1 112 ? 4.595   16.138  -2.945  1.00 32.88  ? 502 GLN A O   1 
ATOM   536  C  CB  . GLN A 1 112 ? 1.497   15.115  -3.406  1.00 33.79  ? 502 GLN A CB  1 
ATOM   537  C  CG  . GLN A 1 112 ? 1.785   16.119  -4.523  1.00 36.40  ? 502 GLN A CG  1 
ATOM   538  C  CD  . GLN A 1 112 ? 0.555   16.427  -5.277  1.00 38.19  ? 502 GLN A CD  1 
ATOM   539  O  OE1 . GLN A 1 112 ? -0.544  16.052  -4.854  1.00 36.36  ? 502 GLN A OE1 1 
ATOM   540  N  NE2 . GLN A 1 112 ? 0.713   17.080  -6.431  1.00 40.23  ? 502 GLN A NE2 1 
ATOM   541  N  N   . GLU A 1 113 ? 3.149   16.557  -1.313  1.00 34.72  ? 503 GLU A N   1 
ATOM   542  C  CA  . GLU A 1 113 ? 3.913   17.750  -0.850  1.00 37.68  ? 503 GLU A CA  1 
ATOM   543  C  C   . GLU A 1 113 ? 5.339   17.390  -0.403  1.00 42.77  ? 503 GLU A C   1 
ATOM   544  O  O   . GLU A 1 113 ? 6.230   18.200  -0.519  1.00 39.45  ? 503 GLU A O   1 
ATOM   545  C  CB  . GLU A 1 113 ? 3.183   18.444  0.294   1.00 34.81  ? 503 GLU A CB  1 
ATOM   546  C  CG  . GLU A 1 113 ? 1.960   19.131  -0.203  1.00 37.36  ? 503 GLU A CG  1 
ATOM   547  C  CD  . GLU A 1 113 ? 0.967   19.412  0.874   1.00 45.18  ? 503 GLU A CD  1 
ATOM   548  O  OE1 . GLU A 1 113 ? 1.248   19.151  2.057   1.00 46.27  ? 503 GLU A OE1 1 
ATOM   549  O  OE2 . GLU A 1 113 ? -0.123  19.873  0.512   1.00 54.77  ? 503 GLU A OE2 1 
ATOM   550  N  N   . ASN A 1 114 ? 5.541   16.176  0.102   1.00 36.89  ? 504 ASN A N   1 
ATOM   551  C  CA  . ASN A 1 114 ? 6.834   15.770  0.632   1.00 38.58  ? 504 ASN A CA  1 
ATOM   552  C  C   . ASN A 1 114 ? 7.569   14.760  -0.244  1.00 36.68  ? 504 ASN A C   1 
ATOM   553  O  O   . ASN A 1 114 ? 8.427   14.027  0.257   1.00 34.86  ? 504 ASN A O   1 
ATOM   554  C  CB  . ASN A 1 114 ? 6.637   15.270  2.063   1.00 36.48  ? 504 ASN A CB  1 
ATOM   555  C  CG  . ASN A 1 114 ? 6.127   16.350  2.939   1.00 37.52  ? 504 ASN A CG  1 
ATOM   556  O  OD1 . ASN A 1 114 ? 4.947   16.502  3.132   1.00 40.76  ? 504 ASN A OD1 1 
ATOM   557  N  ND2 . ASN A 1 114 ? 7.003   17.177  3.382   1.00 34.73  ? 504 ASN A ND2 1 
ATOM   558  N  N   . GLU A 1 115 ? 7.232   14.752  -1.537  1.00 34.82  ? 505 GLU A N   1 
ATOM   559  C  CA  . GLU A 1 115 ? 7.770   13.879  -2.560  1.00 35.29  ? 505 GLU A CA  1 
ATOM   560  C  C   . GLU A 1 115 ? 8.048   12.450  -2.105  1.00 37.62  ? 505 GLU A C   1 
ATOM   561  O  O   . GLU A 1 115 ? 9.138   11.949  -2.333  1.00 34.04  ? 505 GLU A O   1 
ATOM   562  C  CB  . GLU A 1 115 ? 9.025   14.477  -3.197  1.00 41.38  ? 505 GLU A CB  1 
ATOM   563  C  CG  . GLU A 1 115 ? 8.814   15.863  -3.806  1.00 48.25  ? 505 GLU A CG  1 
ATOM   564  C  CD  . GLU A 1 115 ? 10.096  16.463  -4.330  1.00 51.67  ? 505 GLU A CD  1 
ATOM   565  O  OE1 . GLU A 1 115 ? 11.199  15.999  -3.977  1.00 55.89  ? 505 GLU A OE1 1 
ATOM   566  O  OE2 . GLU A 1 115 ? 9.993   17.439  -5.072  1.00 58.04  ? 505 GLU A OE2 1 
ATOM   567  N  N   . GLY A 1 116 ? 7.067   11.841  -1.459  1.00 31.95  ? 506 GLY A N   1 
ATOM   568  C  CA  . GLY A 1 116 ? 7.101   10.415  -1.057  1.00 32.34  ? 506 GLY A CA  1 
ATOM   569  C  C   . GLY A 1 116 ? 7.260   10.225  0.410   1.00 28.96  ? 506 GLY A C   1 
ATOM   570  O  O   . GLY A 1 116 ? 7.117   9.092   0.907   1.00 29.05  ? 506 GLY A O   1 
ATOM   571  N  N   . GLY A 1 117 ? 7.562   11.306  1.145   1.00 26.91  ? 507 GLY A N   1 
ATOM   572  C  CA  . GLY A 1 117 ? 7.660   11.256  2.607   1.00 26.61  ? 507 GLY A CA  1 
ATOM   573  C  C   . GLY A 1 117 ? 8.752   10.290  3.026   1.00 26.95  ? 507 GLY A C   1 
ATOM   574  O  O   . GLY A 1 117 ? 9.745   10.154  2.339   1.00 28.20  ? 507 GLY A O   1 
ATOM   575  N  N   . ARG A 1 118 ? 8.523   9.573   4.115   1.00 30.49  ? 508 ARG A N   1 
ATOM   576  C  CA  . ARG A 1 118 ? 9.493   8.628   4.678   1.00 32.03  ? 508 ARG A CA  1 
ATOM   577  C  C   . ARG A 1 118 ? 9.912   7.521   3.736   1.00 32.33  ? 508 ARG A C   1 
ATOM   578  O  O   . ARG A 1 118 ? 11.061  7.051   3.817   1.00 32.69  ? 508 ARG A O   1 
ATOM   579  C  CB  . ARG A 1 118 ? 8.954   8.043   5.979   1.00 28.28  ? 508 ARG A CB  1 
ATOM   580  C  CG  . ARG A 1 118 ? 7.813   7.034   5.749   1.00 27.48  ? 508 ARG A CG  1 
ATOM   581  C  CD  . ARG A 1 118 ? 7.436   6.371   7.048   1.00 26.51  ? 508 ARG A CD  1 
ATOM   582  N  NE  . ARG A 1 118 ? 6.842   7.279   8.000   1.00 24.48  ? 508 ARG A NE  1 
ATOM   583  C  CZ  . ARG A 1 118 ? 7.201   7.496   9.263   1.00 33.12  ? 508 ARG A CZ  1 
ATOM   584  N  NH1 . ARG A 1 118 ? 8.235   6.884   9.796   1.00 40.28  ? 508 ARG A NH1 1 
ATOM   585  N  NH2 . ARG A 1 118 ? 6.562   8.371   10.027  1.00 27.97  ? 508 ARG A NH2 1 
ATOM   586  N  N   . TYR A 1 119 ? 9.048   7.181   2.775   1.00 28.04  ? 509 TYR A N   1 
ATOM   587  C  CA  . TYR A 1 119 ? 9.267   6.095   1.837   1.00 28.25  ? 509 TYR A CA  1 
ATOM   588  C  C   . TYR A 1 119 ? 10.432  6.401   0.933   1.00 35.56  ? 509 TYR A C   1 
ATOM   589  O  O   . TYR A 1 119 ? 11.080  5.502   0.385   1.00 33.36  ? 509 TYR A O   1 
ATOM   590  C  CB  . TYR A 1 119 ? 7.956   5.725   1.059   1.00 26.54  ? 509 TYR A CB  1 
ATOM   591  C  CG  . TYR A 1 119 ? 6.806   5.460   2.045   1.00 22.95  ? 509 TYR A CG  1 
ATOM   592  C  CD1 . TYR A 1 119 ? 6.791   4.338   2.829   1.00 26.17  ? 509 TYR A CD1 1 
ATOM   593  C  CD2 . TYR A 1 119 ? 5.791   6.440   2.286   1.00 25.95  ? 509 TYR A CD2 1 
ATOM   594  C  CE1 . TYR A 1 119 ? 5.817   4.090   3.779   1.00 23.33  ? 509 TYR A CE1 1 
ATOM   595  C  CE2 . TYR A 1 119 ? 4.860   6.234   3.288   1.00 21.51  ? 509 TYR A CE2 1 
ATOM   596  C  CZ  . TYR A 1 119 ? 4.836   5.060   3.984   1.00 23.16  ? 509 TYR A CZ  1 
ATOM   597  O  OH  . TYR A 1 119 ? 3.884   4.858   4.936   1.00 21.37  ? 509 TYR A OH  1 
ATOM   598  N  N   . ARG A 1 120 ? 10.636  7.683   0.702   1.00 37.80  ? 510 ARG A N   1 
ATOM   599  C  CA  . ARG A 1 120 ? 11.684  8.154   -0.149  1.00 38.66  ? 510 ARG A CA  1 
ATOM   600  C  C   . ARG A 1 120 ? 13.096  7.733   0.416   1.00 38.07  ? 510 ARG A C   1 
ATOM   601  O  O   . ARG A 1 120 ? 14.017  7.448   -0.341  1.00 40.25  ? 510 ARG A O   1 
ATOM   602  C  CB  . ARG A 1 120 ? 11.532  9.699   -0.239  1.00 40.57  ? 510 ARG A CB  1 
ATOM   603  C  CG  . ARG A 1 120 ? 12.210  10.321  -1.391  1.00 45.56  ? 510 ARG A CG  1 
ATOM   604  C  CD  . ARG A 1 120 ? 11.654  9.831   -2.701  1.00 48.38  ? 510 ARG A CD  1 
ATOM   605  N  NE  . ARG A 1 120 ? 12.488  10.340  -3.765  1.00 50.09  ? 510 ARG A NE  1 
ATOM   606  C  CZ  . ARG A 1 120 ? 12.412  11.567  -4.292  1.00 56.08  ? 510 ARG A CZ  1 
ATOM   607  N  NH1 . ARG A 1 120 ? 11.499  12.462  -3.902  1.00 51.52  ? 510 ARG A NH1 1 
ATOM   608  N  NH2 . ARG A 1 120 ? 13.259  11.899  -5.241  1.00 53.75  ? 510 ARG A NH2 1 
ATOM   609  N  N   . ASN A 1 121 ? 13.209  7.643   1.735   1.00 29.02  ? 511 ASN A N   1 
ATOM   610  C  CA  . ASN A 1 121 ? 14.402  7.224   2.424   1.00 35.76  ? 511 ASN A CA  1 
ATOM   611  C  C   . ASN A 1 121 ? 14.354  5.741   2.849   1.00 34.58  ? 511 ASN A C   1 
ATOM   612  O  O   . ASN A 1 121 ? 15.031  5.319   3.821   1.00 29.92  ? 511 ASN A O   1 
ATOM   613  C  CB  . ASN A 1 121 ? 14.647  8.155   3.614   1.00 35.78  ? 511 ASN A CB  1 
ATOM   614  C  CG  . ASN A 1 121 ? 16.132  8.136   4.096   1.00 39.72  ? 511 ASN A CG  1 
ATOM   615  O  OD1 . ASN A 1 121 ? 17.059  8.012   3.282   1.00 47.96  ? 511 ASN A OD1 1 
ATOM   616  N  ND2 . ASN A 1 121 ? 16.341  8.240   5.406   1.00 38.38  ? 511 ASN A ND2 1 
ATOM   617  N  N   . HIS A 1 122 ? 13.524  4.965   2.139   1.00 33.11  ? 512 HIS A N   1 
ATOM   618  C  CA  . HIS A 1 122 ? 13.398  3.552   2.348   1.00 33.68  ? 512 HIS A CA  1 
ATOM   619  C  C   . HIS A 1 122 ? 12.835  3.193   3.679   1.00 31.77  ? 512 HIS A C   1 
ATOM   620  O  O   . HIS A 1 122 ? 13.045  2.091   4.151   1.00 34.69  ? 512 HIS A O   1 
ATOM   621  C  CB  . HIS A 1 122 ? 14.764  2.800   2.119   1.00 32.58  ? 512 HIS A CB  1 
ATOM   622  C  CG  . HIS A 1 122 ? 15.222  2.854   0.700   1.00 37.13  ? 512 HIS A CG  1 
ATOM   623  N  ND1 . HIS A 1 122 ? 14.956  1.855   -0.198  1.00 38.74  ? 512 HIS A ND1 1 
ATOM   624  C  CD2 . HIS A 1 122 ? 15.884  3.817   0.010   1.00 36.30  ? 512 HIS A CD2 1 
ATOM   625  C  CE1 . HIS A 1 122 ? 15.436  2.191   -1.385  1.00 38.49  ? 512 HIS A CE1 1 
ATOM   626  N  NE2 . HIS A 1 122 ? 15.983  3.378   -1.287  1.00 35.45  ? 512 HIS A NE2 1 
ATOM   627  N  N   . GLU A 1 123 ? 12.112  4.103   4.299   1.00 30.95  ? 513 GLU A N   1 
ATOM   628  C  CA  . GLU A 1 123 ? 11.496  3.827   5.595   1.00 28.76  ? 513 GLU A CA  1 
ATOM   629  C  C   . GLU A 1 123 ? 10.043  3.289   5.338   1.00 29.20  ? 513 GLU A C   1 
ATOM   630  O  O   . GLU A 1 123 ? 9.466   3.474   4.273   1.00 26.97  ? 513 GLU A O   1 
ATOM   631  C  CB  . GLU A 1 123 ? 11.558  5.083   6.499   1.00 32.89  ? 513 GLU A CB  1 
ATOM   632  C  CG  . GLU A 1 123 ? 13.022  5.443   6.942   1.00 33.53  ? 513 GLU A CG  1 
ATOM   633  C  CD  . GLU A 1 123 ? 13.143  6.750   7.801   1.00 41.69  ? 513 GLU A CD  1 
ATOM   634  O  OE1 . GLU A 1 123 ? 12.428  6.905   8.820   1.00 33.73  ? 513 GLU A OE1 1 
ATOM   635  O  OE2 . GLU A 1 123 ? 13.945  7.689   7.450   1.00 44.66  ? 513 GLU A OE2 1 
ATOM   636  N  N   . SER A 1 124 ? 9.520   2.593   6.340   1.00 34.00  ? 514 SER A N   1 
ATOM   637  C  CA  . SER A 1 124 ? 8.185   1.927   6.333   1.00 33.66  ? 514 SER A CA  1 
ATOM   638  C  C   . SER A 1 124 ? 7.329   2.442   7.493   1.00 29.11  ? 514 SER A C   1 
ATOM   639  O  O   . SER A 1 124 ? 7.835   3.087   8.396   1.00 26.16  ? 514 SER A O   1 
ATOM   640  C  CB  . SER A 1 124 ? 8.397   0.416   6.470   1.00 33.86  ? 514 SER A CB  1 
ATOM   641  O  OG  . SER A 1 124 ? 8.957   -0.054  5.253   1.00 32.48  ? 514 SER A OG  1 
ATOM   642  N  N   . LEU A 1 125 ? 5.998   2.203   7.445   1.00 26.40  ? 515 LEU A N   1 
ATOM   643  C  CA  . LEU A 1 125 ? 5.174   2.447   8.570   1.00 29.26  ? 515 LEU A CA  1 
ATOM   644  C  C   . LEU A 1 125 ? 4.578   1.096   9.058   1.00 27.88  ? 515 LEU A C   1 
ATOM   645  O  O   . LEU A 1 125 ? 4.031   0.346   8.269   1.00 29.98  ? 515 LEU A O   1 
ATOM   646  C  CB  . LEU A 1 125 ? 4.040   3.401   8.157   1.00 31.47  ? 515 LEU A CB  1 
ATOM   647  C  CG  . LEU A 1 125 ? 3.537   4.394   9.210   1.00 30.44  ? 515 LEU A CG  1 
ATOM   648  C  CD1 . LEU A 1 125 ? 4.591   5.094   10.070  1.00 34.70  ? 515 LEU A CD1 1 
ATOM   649  C  CD2 . LEU A 1 125 ? 2.651   5.507   8.584   1.00 28.18  ? 515 LEU A CD2 1 
ATOM   650  N  N   . ALA A 1 126 ? 4.682   0.873   10.351  1.00 24.87  ? 516 ALA A N   1 
ATOM   651  C  CA  . ALA A 1 126 ? 4.162   -0.319  11.023  1.00 28.38  ? 516 ALA A CA  1 
ATOM   652  C  C   . ALA A 1 126 ? 3.376   0.114   12.205  1.00 29.74  ? 516 ALA A C   1 
ATOM   653  O  O   . ALA A 1 126 ? 3.911   0.704   13.168  1.00 26.55  ? 516 ALA A O   1 
ATOM   654  C  CB  . ALA A 1 126 ? 5.309   -1.266  11.394  1.00 32.49  ? 516 ALA A CB  1 
ATOM   655  N  N   . VAL A 1 127 ? 2.046   -0.126  12.142  1.00 25.11  ? 517 VAL A N   1 
ATOM   656  C  CA  . VAL A 1 127 ? 1.122   0.467   13.080  1.00 24.60  ? 517 VAL A CA  1 
ATOM   657  C  C   . VAL A 1 127 ? 0.212   -0.625  13.648  1.00 28.69  ? 517 VAL A C   1 
ATOM   658  O  O   . VAL A 1 127 ? -0.711  -1.166  12.946  1.00 25.06  ? 517 VAL A O   1 
ATOM   659  C  CB  . VAL A 1 127 ? 0.256   1.549   12.385  1.00 29.23  ? 517 VAL A CB  1 
ATOM   660  C  CG1 . VAL A 1 127 ? -0.654  2.239   13.357  1.00 34.03  ? 517 VAL A CG1 1 
ATOM   661  C  CG2 . VAL A 1 127 ? 1.123   2.576   11.650  1.00 32.28  ? 517 VAL A CG2 1 
ATOM   662  N  N   . GLY A 1 128 ? 0.382   -0.840  14.931  1.00 24.98  ? 518 GLY A N   1 
ATOM   663  C  CA  . GLY A 1 128 ? -0.332  -1.939  15.631  1.00 28.45  ? 518 GLY A CA  1 
ATOM   664  C  C   . GLY A 1 128 ? -1.740  -1.519  15.987  1.00 27.90  ? 518 GLY A C   1 
ATOM   665  O  O   . GLY A 1 128 ? -2.686  -2.385  16.068  1.00 32.81  ? 518 GLY A O   1 
ATOM   666  N  N   . ASP A 1 129 ? -1.917  -0.222  16.195  1.00 27.15  ? 519 ASP A N   1 
ATOM   667  C  CA  . ASP A 1 129 ? -3.217  0.383   16.536  1.00 28.39  ? 519 ASP A CA  1 
ATOM   668  C  C   . ASP A 1 129 ? -3.254  1.817   16.132  1.00 28.90  ? 519 ASP A C   1 
ATOM   669  O  O   . ASP A 1 129 ? -2.578  2.654   16.757  1.00 30.14  ? 519 ASP A O   1 
ATOM   670  C  CB  . ASP A 1 129 ? -3.474  0.189   18.051  1.00 27.22  ? 519 ASP A CB  1 
ATOM   671  C  CG  . ASP A 1 129 ? -4.870  0.566   18.493  1.00 32.62  ? 519 ASP A CG  1 
ATOM   672  O  OD1 . ASP A 1 129 ? -5.621  1.192   17.744  1.00 32.93  ? 519 ASP A OD1 1 
ATOM   673  O  OD2 . ASP A 1 129 ? -5.260  0.228   19.623  1.00 30.64  ? 519 ASP A OD2 1 
ATOM   674  N  N   . VAL A 1 130 ? -4.093  2.148   15.137  1.00 26.29  ? 520 VAL A N   1 
ATOM   675  C  CA  . VAL A 1 130 ? -4.191  3.522   14.627  1.00 25.72  ? 520 VAL A CA  1 
ATOM   676  C  C   . VAL A 1 130 ? -4.691  4.472   15.758  1.00 27.45  ? 520 VAL A C   1 
ATOM   677  O  O   . VAL A 1 130 ? -4.410  5.675   15.718  1.00 30.10  ? 520 VAL A O   1 
ATOM   678  C  CB  . VAL A 1 130 ? -5.125  3.642   13.409  1.00 27.81  ? 520 VAL A CB  1 
ATOM   679  C  CG1 . VAL A 1 130 ? -4.625  2.717   12.302  1.00 29.82  ? 520 VAL A CG1 1 
ATOM   680  C  CG2 . VAL A 1 130 ? -6.601  3.310   13.706  1.00 32.49  ? 520 VAL A CG2 1 
ATOM   681  N  N   . GLU A 1 131 ? -5.385  3.915   16.748  1.00 28.28  ? 521 GLU A N   1 
ATOM   682  C  CA  . GLU A 1 131 ? -6.053  4.744   17.771  1.00 29.61  ? 521 GLU A CA  1 
ATOM   683  C  C   . GLU A 1 131 ? -5.002  5.289   18.778  1.00 35.40  ? 521 GLU A C   1 
ATOM   684  O  O   . GLU A 1 131 ? -5.206  6.331   19.427  1.00 33.80  ? 521 GLU A O   1 
ATOM   685  C  CB  . GLU A 1 131 ? -7.147  3.961   18.511  1.00 36.01  ? 521 GLU A CB  1 
ATOM   686  C  CG  . GLU A 1 131 ? -8.464  3.678   17.741  1.00 35.75  ? 521 GLU A CG  1 
ATOM   687  C  CD  . GLU A 1 131 ? -9.208  4.916   17.291  1.00 35.44  ? 521 GLU A CD  1 
ATOM   688  O  OE1 . GLU A 1 131 ? -9.284  5.932   18.049  1.00 38.72  ? 521 GLU A OE1 1 
ATOM   689  O  OE2 . GLU A 1 131 ? -9.660  4.960   16.124  1.00 33.16  ? 521 GLU A OE2 1 
ATOM   690  N  N   . THR A 1 132 ? -3.871  4.618   18.858  1.00 35.01  ? 522 THR A N   1 
ATOM   691  C  CA  . THR A 1 132 ? -2.826  4.997   19.823  1.00 39.14  ? 522 THR A CA  1 
ATOM   692  C  C   . THR A 1 132 ? -1.612  5.542   19.164  1.00 36.13  ? 522 THR A C   1 
ATOM   693  O  O   . THR A 1 132 ? -0.712  6.004   19.868  1.00 39.19  ? 522 THR A O   1 
ATOM   694  C  CB  . THR A 1 132 ? -2.427  3.827   20.717  1.00 38.04  ? 522 THR A CB  1 
ATOM   695  O  OG1 . THR A 1 132 ? -1.868  2.809   19.943  1.00 40.87  ? 522 THR A OG1 1 
ATOM   696  C  CG2 . THR A 1 132 ? -3.582  3.339   21.471  1.00 41.72  ? 522 THR A CG2 1 
ATOM   697  N  N   . ALA A 1 133 ? -1.610  5.605   17.828  1.00 30.87  ? 523 ALA A N   1 
ATOM   698  C  CA  . ALA A 1 133 ? -0.456  6.010   17.079  1.00 30.76  ? 523 ALA A CA  1 
ATOM   699  C  C   . ALA A 1 133 ? -0.136  7.531   17.078  1.00 30.70  ? 523 ALA A C   1 
ATOM   700  O  O   . ALA A 1 133 ? 0.930   7.903   16.703  1.00 33.80  ? 523 ALA A O   1 
ATOM   701  C  CB  . ALA A 1 133 ? -0.594  5.527   15.666  1.00 37.01  ? 523 ALA A CB  1 
ATOM   702  N  N   . GLY A 1 134 ? -1.050  8.382   17.496  1.00 30.71  ? 524 GLY A N   1 
ATOM   703  C  CA  . GLY A 1 134 ? -0.846  9.833   17.427  1.00 32.55  ? 524 GLY A CA  1 
ATOM   704  C  C   . GLY A 1 134 ? -0.939  10.494  16.073  1.00 31.74  ? 524 GLY A C   1 
ATOM   705  O  O   . GLY A 1 134 ? -0.280  11.492  15.810  1.00 25.50  ? 524 GLY A O   1 
ATOM   706  N  N   . PHE A 1 135 ? -1.808  9.969   15.182  1.00 29.75  ? 525 PHE A N   1 
ATOM   707  C  CA  . PHE A 1 135 ? -1.991  10.592  13.884  1.00 26.53  ? 525 PHE A CA  1 
ATOM   708  C  C   . PHE A 1 135 ? -2.720  11.894  14.036  1.00 26.29  ? 525 PHE A C   1 
ATOM   709  O  O   . PHE A 1 135 ? -3.410  12.096  15.019  1.00 25.85  ? 525 PHE A O   1 
ATOM   710  C  CB  . PHE A 1 135 ? -2.847  9.696   12.945  1.00 27.45  ? 525 PHE A CB  1 
ATOM   711  C  CG  . PHE A 1 135 ? -2.146  8.456   12.478  1.00 25.29  ? 525 PHE A CG  1 
ATOM   712  C  CD1 . PHE A 1 135 ? -1.108  8.509   11.625  1.00 25.21  ? 525 PHE A CD1 1 
ATOM   713  C  CD2 . PHE A 1 135 ? -2.563  7.241   12.916  1.00 29.03  ? 525 PHE A CD2 1 
ATOM   714  C  CE1 . PHE A 1 135 ? -0.487  7.367   11.184  1.00 28.04  ? 525 PHE A CE1 1 
ATOM   715  C  CE2 . PHE A 1 135 ? -1.970  6.082   12.502  1.00 27.12  ? 525 PHE A CE2 1 
ATOM   716  C  CZ  . PHE A 1 135 ? -0.900  6.118   11.668  1.00 26.29  ? 525 PHE A CZ  1 
ATOM   717  N  N   . THR A 1 136 ? -2.602  12.768  13.059  1.00 27.00  ? 526 THR A N   1 
ATOM   718  C  CA  . THR A 1 136 ? -3.499  13.918  12.935  1.00 28.98  ? 526 THR A CA  1 
ATOM   719  C  C   . THR A 1 136 ? -4.983  13.471  12.937  1.00 29.10  ? 526 THR A C   1 
ATOM   720  O  O   . THR A 1 136 ? -5.310  12.337  12.484  1.00 24.41  ? 526 THR A O   1 
ATOM   721  C  CB  . THR A 1 136 ? -3.216  14.779  11.653  1.00 29.58  ? 526 THR A CB  1 
ATOM   722  O  OG1 . THR A 1 136 ? -3.263  14.027  10.438  1.00 28.40  ? 526 THR A OG1 1 
ATOM   723  C  CG2 . THR A 1 136 ? -1.824  15.470  11.644  1.00 30.18  ? 526 THR A CG2 1 
ATOM   724  N  N   . ASP A 1 137 ? -5.878  14.351  13.364  1.00 26.52  ? 527 ASP A N   1 
ATOM   725  C  CA  . ASP A 1 137 ? -7.278  14.006  13.370  1.00 28.28  ? 527 ASP A CA  1 
ATOM   726  C  C   . ASP A 1 137 ? -7.807  13.640  11.964  1.00 26.66  ? 527 ASP A C   1 
ATOM   727  O  O   . ASP A 1 137 ? -8.588  12.716  11.845  1.00 29.42  ? 527 ASP A O   1 
ATOM   728  C  CB  . ASP A 1 137 ? -8.096  15.128  13.963  1.00 36.71  ? 527 ASP A CB  1 
ATOM   729  C  CG  . ASP A 1 137 ? -7.831  15.330  15.470  1.00 38.10  ? 527 ASP A CG  1 
ATOM   730  O  OD1 . ASP A 1 137 ? -7.408  14.428  16.205  1.00 38.90  ? 527 ASP A OD1 1 
ATOM   731  O  OD2 . ASP A 1 137 ? -8.103  16.444  15.897  1.00 43.72  ? 527 ASP A OD2 1 
ATOM   732  N  N   . CYS A 1 138 ? -7.358  14.316  10.913  1.00 26.36  ? 528 CYS A N   1 
ATOM   733  C  CA  . CYS A 1 138 ? -7.880  14.046  9.610   1.00 26.63  ? 528 CYS A CA  1 
ATOM   734  C  C   . CYS A 1 138 ? -7.438  12.681  9.120   1.00 27.79  ? 528 CYS A C   1 
ATOM   735  O  O   . CYS A 1 138 ? -8.175  12.004  8.396   1.00 23.17  ? 528 CYS A O   1 
ATOM   736  C  CB  . CYS A 1 138 ? -7.544  15.120  8.589   1.00 25.57  ? 528 CYS A CB  1 
ATOM   737  S  SG  . CYS A 1 138 ? -5.826  15.772  8.424   1.00 27.99  ? 528 CYS A SG  1 
ATOM   738  N  N   . HIS A 1 139 ? -6.217  12.299  9.490   1.00 23.61  ? 529 HIS A N   1 
ATOM   739  C  CA  . HIS A 1 139 ? -5.636  11.024  8.998   1.00 23.28  ? 529 HIS A CA  1 
ATOM   740  C  C   . HIS A 1 139 ? -6.303  9.880   9.691   1.00 23.35  ? 529 HIS A C   1 
ATOM   741  O  O   . HIS A 1 139 ? -6.712  8.921   9.019   1.00 24.82  ? 529 HIS A O   1 
ATOM   742  C  CB  . HIS A 1 139 ? -4.098  11.057  9.323   1.00 24.61  ? 529 HIS A CB  1 
ATOM   743  C  CG  . HIS A 1 139 ? -3.313  9.945   8.696   1.00 24.54  ? 529 HIS A CG  1 
ATOM   744  N  ND1 . HIS A 1 139 ? -1.932  9.916   8.696   1.00 25.65  ? 529 HIS A ND1 1 
ATOM   745  C  CD2 . HIS A 1 139 ? -3.710  8.894   7.912   1.00 25.65  ? 529 HIS A CD2 1 
ATOM   746  C  CE1 . HIS A 1 139 ? -1.511  8.850   8.024   1.00 26.98  ? 529 HIS A CE1 1 
ATOM   747  N  NE2 . HIS A 1 139 ? -2.572  8.216   7.529   1.00 26.46  ? 529 HIS A NE2 1 
ATOM   748  N  N   . LEU A 1 140 ? -6.511  10.002  11.012  1.00 23.73  ? 530 LEU A N   1 
ATOM   749  C  CA  . LEU A 1 140 ? -7.242  9.010   11.820  1.00 27.57  ? 530 LEU A CA  1 
ATOM   750  C  C   . LEU A 1 140 ? -8.690  8.891   11.341  1.00 28.16  ? 530 LEU A C   1 
ATOM   751  O  O   . LEU A 1 140 ? -9.246  7.777   11.253  1.00 29.18  ? 530 LEU A O   1 
ATOM   752  C  CB  . LEU A 1 140 ? -7.256  9.326   13.319  1.00 28.62  ? 530 LEU A CB  1 
ATOM   753  C  CG  . LEU A 1 140 ? -7.900  8.352   14.283  1.00 32.30  ? 530 LEU A CG  1 
ATOM   754  C  CD1 . LEU A 1 140 ? -7.403  6.943   14.031  1.00 37.01  ? 530 LEU A CD1 1 
ATOM   755  C  CD2 . LEU A 1 140 ? -7.768  8.765   15.734  1.00 33.63  ? 530 LEU A CD2 1 
ATOM   756  N  N   . ASP A 1 141 ? -9.310  10.032  11.150  1.00 28.17  ? 531 ASP A N   1 
ATOM   757  C  CA  . ASP A 1 141 ? -10.695 10.016  10.653  1.00 29.69  ? 531 ASP A CA  1 
ATOM   758  C  C   . ASP A 1 141 ? -10.771 9.265   9.317   1.00 27.35  ? 531 ASP A C   1 
ATOM   759  O  O   . ASP A 1 141 ? -11.689 8.480   9.141   1.00 27.95  ? 531 ASP A O   1 
ATOM   760  C  CB  . ASP A 1 141 ? -11.220 11.432  10.453  1.00 32.98  ? 531 ASP A CB  1 
ATOM   761  C  CG  . ASP A 1 141 ? -12.716 11.430  10.200  1.00 43.58  ? 531 ASP A CG  1 
ATOM   762  O  OD1 . ASP A 1 141 ? -13.450 10.969  11.095  1.00 41.10  ? 531 ASP A OD1 1 
ATOM   763  O  OD2 . ASP A 1 141 ? -13.130 11.810  9.099   1.00 44.13  ? 531 ASP A OD2 1 
ATOM   764  N  N   . ASN A 1 142 ? -9.845  9.502   8.389   1.00 24.28  ? 532 ASN A N   1 
ATOM   765  C  CA  . ASN A 1 142 ? -9.763  8.749   7.151   1.00 25.26  ? 532 ASN A CA  1 
ATOM   766  C  C   . ASN A 1 142 ? -9.602  7.264   7.364   1.00 30.38  ? 532 ASN A C   1 
ATOM   767  O  O   . ASN A 1 142 ? -10.300 6.493   6.701   1.00 26.98  ? 532 ASN A O   1 
ATOM   768  C  CB  . ASN A 1 142 ? -8.712  9.268   6.167   1.00 26.87  ? 532 ASN A CB  1 
ATOM   769  C  CG  . ASN A 1 142 ? -9.126  10.550  5.505   1.00 30.26  ? 532 ASN A CG  1 
ATOM   770  O  OD1 . ASN A 1 142 ? -10.284 10.982  5.633   1.00 28.99  ? 532 ASN A OD1 1 
ATOM   771  N  ND2 . ASN A 1 142 ? -8.210  11.160  4.751   1.00 27.86  ? 532 ASN A ND2 1 
ATOM   772  N  N   . LEU A 1 143 ? -8.690  6.850   8.258   1.00 23.77  ? 533 LEU A N   1 
ATOM   773  C  CA  . LEU A 1 143 ? -8.445  5.465   8.499   1.00 27.67  ? 533 LEU A CA  1 
ATOM   774  C  C   . LEU A 1 143 ? -9.696  4.822   9.132   1.00 25.47  ? 533 LEU A C   1 
ATOM   775  O  O   . LEU A 1 143 ? -10.154 3.739   8.708   1.00 26.66  ? 533 LEU A O   1 
ATOM   776  C  CB  . LEU A 1 143 ? -7.270  5.269   9.469   1.00 25.38  ? 533 LEU A CB  1 
ATOM   777  C  CG  . LEU A 1 143 ? -5.942  5.684   8.857   1.00 23.95  ? 533 LEU A CG  1 
ATOM   778  C  CD1 . LEU A 1 143 ? -4.880  5.893   9.921   1.00 24.26  ? 533 LEU A CD1 1 
ATOM   779  C  CD2 . LEU A 1 143 ? -5.472  4.625   7.846   1.00 24.36  ? 533 LEU A CD2 1 
ATOM   780  N  N   . ARG A 1 144 ? -10.280 5.545   10.063  1.00 24.36  ? 534 ARG A N   1 
ATOM   781  C  CA  . ARG A 1 144 ? -11.515 5.109   10.683  1.00 28.96  ? 534 ARG A CA  1 
ATOM   782  C  C   . ARG A 1 144 ? -12.698 4.920   9.668   1.00 27.18  ? 534 ARG A C   1 
ATOM   783  O  O   . ARG A 1 144 ? -13.508 4.004   9.850   1.00 26.07  ? 534 ARG A O   1 
ATOM   784  C  CB  . ARG A 1 144 ? -11.997 6.114   11.688  1.00 31.59  ? 534 ARG A CB  1 
ATOM   785  C  CG  . ARG A 1 144 ? -11.358 5.928   13.059  1.00 32.28  ? 534 ARG A CG  1 
ATOM   786  C  CD  . ARG A 1 144 ? -11.786 7.129   13.880  1.00 34.45  ? 534 ARG A CD  1 
ATOM   787  N  NE  . ARG A 1 144 ? -11.281 7.089   15.242  1.00 33.80  ? 534 ARG A NE  1 
ATOM   788  C  CZ  . ARG A 1 144 ? -11.424 8.080   16.114  1.00 38.74  ? 534 ARG A CZ  1 
ATOM   789  N  NH1 . ARG A 1 144 ? -12.029 9.232   15.765  1.00 37.54  ? 534 ARG A NH1 1 
ATOM   790  N  NH2 . ARG A 1 144 ? -10.929 7.934   17.328  1.00 35.89  ? 534 ARG A NH2 1 
ATOM   791  N  N   . ARG A 1 145 ? -12.751 5.782   8.690   1.00 28.69  ? 535 ARG A N   1 
ATOM   792  C  CA  . ARG A 1 145 ? -13.826 5.720   7.672   1.00 34.50  ? 535 ARG A CA  1 
ATOM   793  C  C   . ARG A 1 145 ? -13.800 4.391   6.941   1.00 37.41  ? 535 ARG A C   1 
ATOM   794  O  O   . ARG A 1 145 ? -14.863 3.846   6.558   1.00 32.06  ? 535 ARG A O   1 
ATOM   795  C  CB  . ARG A 1 145 ? -13.679 6.844   6.665   1.00 36.59  ? 535 ARG A CB  1 
ATOM   796  C  CG  . ARG A 1 145 ? -14.066 8.157   7.315   1.00 46.46  ? 535 ARG A CG  1 
ATOM   797  C  CD  . ARG A 1 145 ? -13.661 9.397   6.512   1.00 55.14  ? 535 ARG A CD  1 
ATOM   798  N  NE  . ARG A 1 145 ? -14.095 10.558  7.274   1.00 57.97  ? 535 ARG A NE  1 
ATOM   799  C  CZ  . ARG A 1 145 ? -15.335 11.070  7.281   1.00 52.66  ? 535 ARG A CZ  1 
ATOM   800  N  NH1 . ARG A 1 145 ? -16.312 10.634  6.450   1.00 55.03  ? 535 ARG A NH1 1 
ATOM   801  N  NH2 . ARG A 1 145 ? -15.559 12.076  8.090   1.00 40.29  ? 535 ARG A NH2 1 
ATOM   802  N  N   . PHE A 1 146 ? -12.591 3.859   6.754   1.00 27.92  ? 536 PHE A N   1 
ATOM   803  C  CA  . PHE A 1 146 ? -12.376 2.585   6.155   1.00 27.77  ? 536 PHE A CA  1 
ATOM   804  C  C   . PHE A 1 146 ? -12.162 1.411   7.074   1.00 27.13  ? 536 PHE A C   1 
ATOM   805  O  O   . PHE A 1 146 ? -11.772 0.354   6.630   1.00 32.41  ? 536 PHE A O   1 
ATOM   806  C  CB  . PHE A 1 146 ? -11.357 2.697   5.071   1.00 31.80  ? 536 PHE A CB  1 
ATOM   807  C  CG  . PHE A 1 146 ? -11.717 3.682   3.973   1.00 38.08  ? 536 PHE A CG  1 
ATOM   808  C  CD1 . PHE A 1 146 ? -13.017 4.214   3.789   1.00 44.12  ? 536 PHE A CD1 1 
ATOM   809  C  CD2 . PHE A 1 146 ? -10.759 4.049   3.069   1.00 37.93  ? 536 PHE A CD2 1 
ATOM   810  C  CE1 . PHE A 1 146 ? -13.303 5.088   2.726   1.00 42.23  ? 536 PHE A CE1 1 
ATOM   811  C  CE2 . PHE A 1 146 ? -11.040 4.847   1.991   1.00 41.78  ? 536 PHE A CE2 1 
ATOM   812  C  CZ  . PHE A 1 146 ? -12.302 5.405   1.823   1.00 44.04  ? 536 PHE A CZ  1 
ATOM   813  N  N   . GLU A 1 147 ? -12.585 1.592   8.313   1.00 26.02  ? 537 GLU A N   1 
ATOM   814  C  CA  . GLU A 1 147 ? -12.486 0.693   9.393   1.00 28.31  ? 537 GLU A CA  1 
ATOM   815  C  C   . GLU A 1 147 ? -11.121 0.062   9.568   1.00 27.54  ? 537 GLU A C   1 
ATOM   816  O  O   . GLU A 1 147 ? -11.007 -1.025  10.089  1.00 28.79  ? 537 GLU A O   1 
ATOM   817  C  CB  . GLU A 1 147 ? -13.544 -0.418  9.256   1.00 33.96  ? 537 GLU A CB  1 
ATOM   818  C  CG  . GLU A 1 147 ? -14.937 0.124   8.966   1.00 34.20  ? 537 GLU A CG  1 
ATOM   819  C  CD  . GLU A 1 147 ? -15.996 -0.965  9.082   1.00 39.68  ? 537 GLU A CD  1 
ATOM   820  O  OE1 . GLU A 1 147 ? -16.647 -1.203  8.078   1.00 38.33  ? 537 GLU A OE1 1 
ATOM   821  O  OE2 . GLU A 1 147 ? -16.104 -1.620  10.135  1.00 39.89  ? 537 GLU A OE2 1 
ATOM   822  N  N   . ILE A 1 148 ? -10.100 0.785   9.162   1.00 25.50  ? 538 ILE A N   1 
ATOM   823  C  CA  . ILE A 1 148 ? -8.697  0.309   9.363   1.00 25.79  ? 538 ILE A CA  1 
ATOM   824  C  C   . ILE A 1 148 ? -8.323  0.534   10.811  1.00 28.46  ? 538 ILE A C   1 
ATOM   825  O  O   . ILE A 1 148 ? -8.399  1.702   11.295  1.00 29.29  ? 538 ILE A O   1 
ATOM   826  C  CB  . ILE A 1 148 ? -7.742  1.107   8.448   1.00 25.19  ? 538 ILE A CB  1 
ATOM   827  C  CG1 . ILE A 1 148 ? -8.018  0.745   7.005   1.00 25.98  ? 538 ILE A CG1 1 
ATOM   828  C  CG2 . ILE A 1 148 ? -6.266  0.766   8.780   1.00 25.53  ? 538 ILE A CG2 1 
ATOM   829  C  CD1 . ILE A 1 148 ? -7.559  1.772   6.042   1.00 23.10  ? 538 ILE A CD1 1 
ATOM   830  N  N   . ARG A 1 149 ? -7.885  -0.524  11.498  1.00 26.00  ? 539 ARG A N   1 
ATOM   831  C  CA  . ARG A 1 149 ? -7.417  -0.458  12.867  1.00 27.44  ? 539 ARG A CA  1 
ATOM   832  C  C   . ARG A 1 149 ? -5.879  -0.684  13.026  1.00 25.70  ? 539 ARG A C   1 
ATOM   833  O  O   . ARG A 1 149 ? -5.313  -0.221  13.980  1.00 30.01  ? 539 ARG A O   1 
ATOM   834  C  CB  . ARG A 1 149 ? -8.211  -1.429  13.746  1.00 31.18  ? 539 ARG A CB  1 
ATOM   835  C  CG  . ARG A 1 149 ? -8.038  -1.318  15.193  1.00 34.12  ? 539 ARG A CG  1 
ATOM   836  C  CD  . ARG A 1 149 ? -8.459  0.004   15.780  1.00 34.62  ? 539 ARG A CD  1 
ATOM   837  N  NE  . ARG A 1 149 ? -8.048  -0.050  17.162  1.00 33.47  ? 539 ARG A NE  1 
ATOM   838  C  CZ  . ARG A 1 149 ? -8.682  -0.675  18.175  1.00 37.16  ? 539 ARG A CZ  1 
ATOM   839  N  NH1 . ARG A 1 149 ? -9.810  -1.296  18.008  1.00 34.43  ? 539 ARG A NH1 1 
ATOM   840  N  NH2 . ARG A 1 149 ? -8.147  -0.705  19.377  1.00 36.61  ? 539 ARG A NH2 1 
ATOM   841  N  N   . ALA A 1 150 ? -5.238  -1.352  12.091  1.00 26.90  ? 540 ALA A N   1 
ATOM   842  C  CA  . ALA A 1 150 ? -3.770  -1.618  12.158  1.00 26.60  ? 540 ALA A CA  1 
ATOM   843  C  C   . ALA A 1 150 ? -3.357  -1.802  10.727  1.00 28.73  ? 540 ALA A C   1 
ATOM   844  O  O   . ALA A 1 150 ? -4.132  -2.324  9.921   1.00 28.43  ? 540 ALA A O   1 
ATOM   845  C  CB  . ALA A 1 150 ? -3.479  -2.914  12.929  1.00 28.25  ? 540 ALA A CB  1 
ATOM   846  N  N   . PHE A 1 151 ? -2.143  -1.368  10.380  1.00 23.14  ? 541 PHE A N   1 
ATOM   847  C  CA  . PHE A 1 151 ? -1.658  -1.538  9.059   1.00 22.31  ? 541 PHE A CA  1 
ATOM   848  C  C   . PHE A 1 151 ? -0.116  -1.509  8.966   1.00 23.24  ? 541 PHE A C   1 
ATOM   849  O  O   . PHE A 1 151 ? 0.562   -0.998  9.868   1.00 25.25  ? 541 PHE A O   1 
ATOM   850  C  CB  . PHE A 1 151 ? -2.264  -0.504  8.110   1.00 21.38  ? 541 PHE A CB  1 
ATOM   851  C  CG  . PHE A 1 151 ? -1.810  0.917   8.309   1.00 23.36  ? 541 PHE A CG  1 
ATOM   852  C  CD1 . PHE A 1 151 ? -2.435  1.749   9.180   1.00 25.58  ? 541 PHE A CD1 1 
ATOM   853  C  CD2 . PHE A 1 151 ? -0.725  1.399   7.612   1.00 26.35  ? 541 PHE A CD2 1 
ATOM   854  C  CE1 . PHE A 1 151 ? -2.093  3.112   9.295   1.00 24.83  ? 541 PHE A CE1 1 
ATOM   855  C  CE2 . PHE A 1 151 ? -0.315  2.733   7.776   1.00 28.31  ? 541 PHE A CE2 1 
ATOM   856  C  CZ  . PHE A 1 151 ? -0.991  3.567   8.632   1.00 25.48  ? 541 PHE A CZ  1 
ATOM   857  N  N   . LEU A 1 152 ? 0.338   -1.958  7.820   1.00 23.37  ? 542 LEU A N   1 
ATOM   858  C  CA  . LEU A 1 152 ? 1.738   -1.889  7.424   1.00 27.22  ? 542 LEU A CA  1 
ATOM   859  C  C   . LEU A 1 152 ? 1.766   -1.168  6.068   1.00 24.01  ? 542 LEU A C   1 
ATOM   860  O  O   . LEU A 1 152 ? 0.839   -1.312  5.296   1.00 26.02  ? 542 LEU A O   1 
ATOM   861  C  CB  . LEU A 1 152 ? 2.295   -3.299  7.273   1.00 27.09  ? 542 LEU A CB  1 
ATOM   862  C  CG  . LEU A 1 152 ? 2.998   -4.112  8.339   1.00 34.14  ? 542 LEU A CG  1 
ATOM   863  C  CD1 . LEU A 1 152 ? 2.976   -3.663  9.770   1.00 33.17  ? 542 LEU A CD1 1 
ATOM   864  C  CD2 . LEU A 1 152 ? 2.880   -5.625  8.118   1.00 35.87  ? 542 LEU A CD2 1 
ATOM   865  N  N   . THR A 1 153 ? 2.747   -0.287  5.825   1.00 20.03  ? 543 THR A N   1 
ATOM   866  C  CA  . THR A 1 153 ? 2.948   0.248   4.516   1.00 21.24  ? 543 THR A CA  1 
ATOM   867  C  C   . THR A 1 153 ? 4.459   0.286   4.273   1.00 21.53  ? 543 THR A C   1 
ATOM   868  O  O   . THR A 1 153 ? 5.180   0.771   5.145   1.00 30.30  ? 543 THR A O   1 
ATOM   869  C  CB  . THR A 1 153 ? 2.317   1.686   4.418   1.00 25.35  ? 543 THR A CB  1 
ATOM   870  O  OG1 . THR A 1 153 ? 0.890   1.544   4.641   1.00 29.37  ? 543 THR A OG1 1 
ATOM   871  C  CG2 . THR A 1 153 ? 2.511   2.194   3.045   1.00 25.86  ? 543 THR A CG2 1 
ATOM   872  N  N   . VAL A 1 154 ? 4.869   -0.252  3.131   1.00 26.23  ? 544 VAL A N   1 
ATOM   873  C  CA  . VAL A 1 154 ? 6.291   -0.322  2.758   1.00 28.07  ? 544 VAL A CA  1 
ATOM   874  C  C   . VAL A 1 154 ? 6.505   0.291   1.400   1.00 24.66  ? 544 VAL A C   1 
ATOM   875  O  O   . VAL A 1 154 ? 5.646   0.258   0.540   1.00 26.51  ? 544 VAL A O   1 
ATOM   876  C  CB  . VAL A 1 154 ? 6.825   -1.762  2.845   1.00 28.04  ? 544 VAL A CB  1 
ATOM   877  C  CG1 . VAL A 1 154 ? 6.543   -2.371  4.222   1.00 29.29  ? 544 VAL A CG1 1 
ATOM   878  C  CG2 . VAL A 1 154 ? 6.214   -2.645  1.791   1.00 30.76  ? 544 VAL A CG2 1 
ATOM   879  N  N   . PRO A 1 155 ? 7.717   0.835   1.150   1.00 25.22  ? 545 PRO A N   1 
ATOM   880  C  CA  . PRO A 1 155 ? 8.014   1.334   -0.210  1.00 27.28  ? 545 PRO A CA  1 
ATOM   881  C  C   . PRO A 1 155 ? 8.185   0.249   -1.294  1.00 29.20  ? 545 PRO A C   1 
ATOM   882  O  O   . PRO A 1 155 ? 8.590   -0.864  -0.991  1.00 29.16  ? 545 PRO A O   1 
ATOM   883  C  CB  . PRO A 1 155 ? 9.334   2.123   0.017   1.00 27.66  ? 545 PRO A CB  1 
ATOM   884  C  CG  . PRO A 1 155 ? 9.951   1.507   1.218   1.00 31.17  ? 545 PRO A CG  1 
ATOM   885  C  CD  . PRO A 1 155 ? 8.855   0.940   2.089   1.00 28.93  ? 545 PRO A CD  1 
ATOM   886  N  N   . VAL A 1 156 ? 7.870   0.580   -2.523  1.00 29.56  ? 546 VAL A N   1 
ATOM   887  C  CA  . VAL A 1 156 ? 8.186   -0.183  -3.675  1.00 32.15  ? 546 VAL A CA  1 
ATOM   888  C  C   . VAL A 1 156 ? 9.144   0.646   -4.540  1.00 35.11  ? 546 VAL A C   1 
ATOM   889  O  O   . VAL A 1 156 ? 8.734   1.691   -5.085  1.00 32.72  ? 546 VAL A O   1 
ATOM   890  C  CB  . VAL A 1 156 ? 6.931   -0.538  -4.494  1.00 33.30  ? 546 VAL A CB  1 
ATOM   891  C  CG1 . VAL A 1 156 ? 7.282   -1.295  -5.794  1.00 33.33  ? 546 VAL A CG1 1 
ATOM   892  C  CG2 . VAL A 1 156 ? 5.936   -1.333  -3.646  1.00 32.31  ? 546 VAL A CG2 1 
ATOM   893  N  N   . PHE A 1 157 ? 10.383  0.130   -4.705  1.00 31.99  ? 547 PHE A N   1 
ATOM   894  C  CA  . PHE A 1 157 ? 11.411  0.763   -5.553  1.00 36.46  ? 547 PHE A CA  1 
ATOM   895  C  C   . PHE A 1 157 ? 11.550  0.037   -6.874  1.00 34.25  ? 547 PHE A C   1 
ATOM   896  O  O   . PHE A 1 157 ? 11.487  -1.222  -6.952  1.00 37.53  ? 547 PHE A O   1 
ATOM   897  C  CB  . PHE A 1 157 ? 12.736  0.871   -4.818  1.00 37.99  ? 547 PHE A CB  1 
ATOM   898  C  CG  . PHE A 1 157 ? 12.808  2.043   -3.892  1.00 38.60  ? 547 PHE A CG  1 
ATOM   899  C  CD1 . PHE A 1 157 ? 12.223  1.998   -2.623  1.00 38.66  ? 547 PHE A CD1 1 
ATOM   900  C  CD2 . PHE A 1 157 ? 13.444  3.212   -4.303  1.00 37.73  ? 547 PHE A CD2 1 
ATOM   901  C  CE1 . PHE A 1 157 ? 12.259  3.105   -1.773  1.00 37.60  ? 547 PHE A CE1 1 
ATOM   902  C  CE2 . PHE A 1 157 ? 13.503  4.302   -3.461  1.00 40.38  ? 547 PHE A CE2 1 
ATOM   903  C  CZ  . PHE A 1 157 ? 12.895  4.257   -2.198  1.00 35.79  ? 547 PHE A CZ  1 
ATOM   904  N  N   . VAL A 1 158 ? 11.647  0.813   -7.929  1.00 35.89  ? 548 VAL A N   1 
ATOM   905  C  CA  . VAL A 1 158 ? 11.776  0.294   -9.291  1.00 40.62  ? 548 VAL A CA  1 
ATOM   906  C  C   . VAL A 1 158 ? 13.085  0.931   -9.733  1.00 46.03  ? 548 VAL A C   1 
ATOM   907  O  O   . VAL A 1 158 ? 13.213  2.156   -9.769  1.00 38.80  ? 548 VAL A O   1 
ATOM   908  C  CB  . VAL A 1 158 ? 10.591  0.667   -10.172 1.00 39.15  ? 548 VAL A CB  1 
ATOM   909  C  CG1 . VAL A 1 158 ? 10.870  0.357   -11.664 1.00 47.93  ? 548 VAL A CG1 1 
ATOM   910  C  CG2 . VAL A 1 158 ? 9.368   -0.069  -9.687  1.00 45.87  ? 548 VAL A CG2 1 
ATOM   911  N  N   . GLY A 1 159 ? 14.095  0.101   -9.974  1.00 54.83  ? 549 GLY A N   1 
ATOM   912  C  CA  . GLY A 1 159 ? 15.433  0.623   -10.201 1.00 53.09  ? 549 GLY A CA  1 
ATOM   913  C  C   . GLY A 1 159 ? 15.799  1.320   -8.922  1.00 48.18  ? 549 GLY A C   1 
ATOM   914  O  O   . GLY A 1 159 ? 15.582  0.828   -7.834  1.00 50.92  ? 549 GLY A O   1 
ATOM   915  N  N   . GLU A 1 160 ? 16.323  2.513   -8.991  1.00 52.80  ? 550 GLU A N   1 
ATOM   916  C  CA  . GLU A 1 160 ? 16.708  3.062   -7.697  1.00 59.25  ? 550 GLU A CA  1 
ATOM   917  C  C   . GLU A 1 160 ? 15.756  4.214   -7.268  1.00 57.23  ? 550 GLU A C   1 
ATOM   918  O  O   . GLU A 1 160 ? 16.047  4.913   -6.332  1.00 57.83  ? 550 GLU A O   1 
ATOM   919  C  CB  . GLU A 1 160 ? 18.255  3.239   -7.667  1.00 64.22  ? 550 GLU A CB  1 
ATOM   920  C  CG  . GLU A 1 160 ? 18.941  1.918   -8.177  1.00 65.56  ? 550 GLU A CG  1 
ATOM   921  C  CD  . GLU A 1 160 ? 20.374  1.661   -7.711  1.00 65.26  ? 550 GLU A CD  1 
ATOM   922  O  OE1 . GLU A 1 160 ? 21.276  2.398   -8.158  1.00 72.19  ? 550 GLU A OE1 1 
ATOM   923  O  OE2 . GLU A 1 160 ? 20.612  0.697   -6.935  1.00 49.46  ? 550 GLU A OE2 1 
ATOM   924  N  N   . GLN A 1 161 ? 14.566  4.280   -7.905  1.00 49.49  ? 551 GLN A N   1 
ATOM   925  C  CA  . GLN A 1 161 ? 13.551  5.309   -7.696  1.00 51.15  ? 551 GLN A CA  1 
ATOM   926  C  C   . GLN A 1 161 ? 12.239  4.764   -6.982  1.00 41.04  ? 551 GLN A C   1 
ATOM   927  O  O   . GLN A 1 161 ? 11.733  3.689   -7.256  1.00 38.07  ? 551 GLN A O   1 
ATOM   928  C  CB  . GLN A 1 161 ? 13.267  5.962   -9.054  1.00 59.32  ? 551 GLN A CB  1 
ATOM   929  C  CG  . GLN A 1 161 ? 11.922  6.668   -9.253  1.00 71.09  ? 551 GLN A CG  1 
ATOM   930  C  CD  . GLN A 1 161 ? 11.773  7.963   -8.436  1.00 80.12  ? 551 GLN A CD  1 
ATOM   931  O  OE1 . GLN A 1 161 ? 12.440  8.166   -7.406  1.00 97.31  ? 551 GLN A OE1 1 
ATOM   932  N  NE2 . GLN A 1 161 ? 10.881  8.838   -8.885  1.00 74.56  ? 551 GLN A NE2 1 
ATOM   933  N  N   . LEU A 1 162 ? 11.756  5.501   -6.013  1.00 38.01  ? 552 LEU A N   1 
ATOM   934  C  CA  . LEU A 1 162 ? 10.453  5.191   -5.319  1.00 35.29  ? 552 LEU A CA  1 
ATOM   935  C  C   . LEU A 1 162 ? 9.292   5.200   -6.282  1.00 33.05  ? 552 LEU A C   1 
ATOM   936  O  O   . LEU A 1 162 ? 8.926   6.256   -6.792  1.00 33.47  ? 552 LEU A O   1 
ATOM   937  C  CB  . LEU A 1 162 ? 10.197  6.223   -4.203  1.00 34.28  ? 552 LEU A CB  1 
ATOM   938  C  CG  . LEU A 1 162 ? 8.897   6.101   -3.412  1.00 31.39  ? 552 LEU A CG  1 
ATOM   939  C  CD1 . LEU A 1 162 ? 8.836   4.729   -2.745  1.00 29.18  ? 552 LEU A CD1 1 
ATOM   940  C  CD2 . LEU A 1 162 ? 8.736   7.248   -2.416  1.00 34.58  ? 552 LEU A CD2 1 
ATOM   941  N  N   . TRP A 1 163 ? 8.661   4.046   -6.520  1.00 30.51  ? 553 TRP A N   1 
ATOM   942  C  CA  . TRP A 1 163 ? 7.613   3.921   -7.532  1.00 30.22  ? 553 TRP A CA  1 
ATOM   943  C  C   . TRP A 1 163 ? 6.174   3.929   -6.908  1.00 28.99  ? 553 TRP A C   1 
ATOM   944  O  O   . TRP A 1 163 ? 5.211   4.355   -7.538  1.00 31.19  ? 553 TRP A O   1 
ATOM   945  C  CB  . TRP A 1 163 ? 7.829   2.606   -8.308  1.00 30.43  ? 553 TRP A CB  1 
ATOM   946  C  CG  . TRP A 1 163 ? 6.787   2.207   -9.229  1.00 30.91  ? 553 TRP A CG  1 
ATOM   947  C  CD1 . TRP A 1 163 ? 6.704   2.480   -10.574 1.00 33.28  ? 553 TRP A CD1 1 
ATOM   948  C  CD2 . TRP A 1 163 ? 5.644   1.411   -8.914  1.00 31.53  ? 553 TRP A CD2 1 
ATOM   949  N  NE1 . TRP A 1 163 ? 5.583   1.888   -11.108 1.00 31.44  ? 553 TRP A NE1 1 
ATOM   950  C  CE2 . TRP A 1 163 ? 4.897   1.260   -10.098 1.00 32.87  ? 553 TRP A CE2 1 
ATOM   951  C  CE3 . TRP A 1 163 ? 5.153   0.859   -7.727  1.00 36.07  ? 553 TRP A CE3 1 
ATOM   952  C  CZ2 . TRP A 1 163 ? 3.684   0.577   -10.129 1.00 29.93  ? 553 TRP A CZ2 1 
ATOM   953  C  CZ3 . TRP A 1 163 ? 3.926   0.169   -7.765  1.00 35.35  ? 553 TRP A CZ3 1 
ATOM   954  C  CH2 . TRP A 1 163 ? 3.229   0.025   -8.957  1.00 31.29  ? 553 TRP A CH2 1 
ATOM   955  N  N   . GLY A 1 164 ? 6.058   3.440   -5.685  1.00 28.28  ? 554 GLY A N   1 
ATOM   956  C  CA  . GLY A 1 164 ? 4.741   3.211   -5.068  1.00 28.78  ? 554 GLY A CA  1 
ATOM   957  C  C   . GLY A 1 164 ? 4.902   2.703   -3.678  1.00 26.61  ? 554 GLY A C   1 
ATOM   958  O  O   . GLY A 1 164 ? 6.006   2.801   -3.112  1.00 34.40  ? 554 GLY A O   1 
ATOM   959  N  N   . LEU A 1 165 ? 3.814   2.157   -3.124  1.00 23.15  ? 555 LEU A N   1 
ATOM   960  C  CA  . LEU A 1 165 ? 3.728   1.604   -1.798  1.00 24.08  ? 555 LEU A CA  1 
ATOM   961  C  C   . LEU A 1 165 ? 2.875   0.340   -1.827  1.00 26.18  ? 555 LEU A C   1 
ATOM   962  O  O   . LEU A 1 165 ? 1.970   0.178   -2.698  1.00 25.61  ? 555 LEU A O   1 
ATOM   963  C  CB  . LEU A 1 165 ? 3.056   2.553   -0.800  1.00 25.04  ? 555 LEU A CB  1 
ATOM   964  C  CG  . LEU A 1 165 ? 3.382   4.050   -0.910  1.00 26.98  ? 555 LEU A CG  1 
ATOM   965  C  CD1 . LEU A 1 165 ? 2.445   4.867   -0.039  1.00 27.08  ? 555 LEU A CD1 1 
ATOM   966  C  CD2 . LEU A 1 165 ? 4.813   4.277   -0.396  1.00 27.37  ? 555 LEU A CD2 1 
ATOM   967  N  N   . LEU A 1 166 ? 3.170   -0.511  -0.866  1.00 26.50  ? 556 LEU A N   1 
ATOM   968  C  CA  . LEU A 1 166 ? 2.436   -1.734  -0.667  1.00 26.54  ? 556 LEU A CA  1 
ATOM   969  C  C   . LEU A 1 166 ? 1.912   -1.681  0.720   1.00 24.76  ? 556 LEU A C   1 
ATOM   970  O  O   . LEU A 1 166 ? 2.638   -1.475  1.702   1.00 27.66  ? 556 LEU A O   1 
ATOM   971  C  CB  . LEU A 1 166 ? 3.340   -2.952  -0.904  1.00 32.07  ? 556 LEU A CB  1 
ATOM   972  C  CG  . LEU A 1 166 ? 2.680   -4.312  -1.017  1.00 34.97  ? 556 LEU A CG  1 
ATOM   973  C  CD1 . LEU A 1 166 ? 1.585   -4.291  -2.071  1.00 36.07  ? 556 LEU A CD1 1 
ATOM   974  C  CD2 . LEU A 1 166 ? 3.756   -5.363  -1.391  1.00 33.69  ? 556 LEU A CD2 1 
ATOM   975  N  N   . GLY A 1 167 ? 0.582   -1.777  0.849   1.00 25.30  ? 557 GLY A N   1 
ATOM   976  C  CA  . GLY A 1 167 ? -0.044  -1.632  2.150   1.00 25.73  ? 557 GLY A CA  1 
ATOM   977  C  C   . GLY A 1 167 ? -0.881  -2.844  2.537   1.00 26.41  ? 557 GLY A C   1 
ATOM   978  O  O   . GLY A 1 167 ? -1.514  -3.480  1.659   1.00 29.16  ? 557 GLY A O   1 
ATOM   979  N  N   . ALA A 1 168 ? -0.806  -3.199  3.806   1.00 27.36  ? 558 ALA A N   1 
ATOM   980  C  CA  . ALA A 1 168 ? -1.596  -4.302  4.336   1.00 27.46  ? 558 ALA A CA  1 
ATOM   981  C  C   . ALA A 1 168 ? -2.382  -3.796  5.497   1.00 25.20  ? 558 ALA A C   1 
ATOM   982  O  O   . ALA A 1 168 ? -1.824  -3.205  6.403   1.00 25.10  ? 558 ALA A O   1 
ATOM   983  C  CB  . ALA A 1 168 ? -0.722  -5.451  4.775   1.00 30.10  ? 558 ALA A CB  1 
ATOM   984  N  N   . TYR A 1 169 ? -3.678  -4.134  5.549   1.00 26.56  ? 559 TYR A N   1 
ATOM   985  C  CA  . TYR A 1 169 ? -4.630  -3.506  6.493   1.00 24.50  ? 559 TYR A CA  1 
ATOM   986  C  C   . TYR A 1 169 ? -5.461  -4.546  7.236   1.00 28.11  ? 559 TYR A C   1 
ATOM   987  O  O   . TYR A 1 169 ? -5.954  -5.548  6.629   1.00 25.28  ? 559 TYR A O   1 
ATOM   988  C  CB  . TYR A 1 169 ? -5.574  -2.535  5.748   1.00 28.36  ? 559 TYR A CB  1 
ATOM   989  C  CG  . TYR A 1 169 ? -4.826  -1.545  4.876   1.00 25.54  ? 559 TYR A CG  1 
ATOM   990  C  CD1 . TYR A 1 169 ? -4.517  -1.878  3.606   1.00 27.14  ? 559 TYR A CD1 1 
ATOM   991  C  CD2 . TYR A 1 169 ? -4.436  -0.291  5.363   1.00 25.66  ? 559 TYR A CD2 1 
ATOM   992  C  CE1 . TYR A 1 169 ? -3.808  -1.018  2.801   1.00 31.42  ? 559 TYR A CE1 1 
ATOM   993  C  CE2 . TYR A 1 169 ? -3.757  0.583   4.559   1.00 27.83  ? 559 TYR A CE2 1 
ATOM   994  C  CZ  . TYR A 1 169 ? -3.412  0.189   3.285   1.00 25.31  ? 559 TYR A CZ  1 
ATOM   995  O  OH  . TYR A 1 169 ? -2.734  0.926   2.379   1.00 36.16  ? 559 TYR A OH  1 
ATOM   996  N  N   . GLN A 1 170 ? -5.583  -4.325  8.530   1.00 24.41  ? 560 GLN A N   1 
ATOM   997  C  CA  . GLN A 1 170 ? -6.478  -5.040  9.376   1.00 28.08  ? 560 GLN A CA  1 
ATOM   998  C  C   . GLN A 1 170 ? -7.537  -4.155  9.930   1.00 28.37  ? 560 GLN A C   1 
ATOM   999  O  O   . GLN A 1 170 ? -7.271  -3.127  10.539  1.00 30.90  ? 560 GLN A O   1 
ATOM   1000 C  CB  . GLN A 1 170 ? -5.752  -5.726  10.509  1.00 28.57  ? 560 GLN A CB  1 
ATOM   1001 C  CG  . GLN A 1 170 ? -6.653  -6.381  11.538  1.00 32.30  ? 560 GLN A CG  1 
ATOM   1002 C  CD  . GLN A 1 170 ? -5.961  -7.495  12.303  1.00 31.43  ? 560 GLN A CD  1 
ATOM   1003 O  OE1 . GLN A 1 170 ? -5.430  -8.411  11.712  1.00 33.92  ? 560 GLN A OE1 1 
ATOM   1004 N  NE2 . GLN A 1 170 ? -5.951  -7.401  13.619  1.00 31.46  ? 560 GLN A NE2 1 
ATOM   1005 N  N   . ASN A 1 171 ? -8.778  -4.603  9.766   1.00 28.24  ? 561 ASN A N   1 
ATOM   1006 C  CA  . ASN A 1 171 ? -9.938  -3.908  10.268  1.00 29.13  ? 561 ASN A CA  1 
ATOM   1007 C  C   . ASN A 1 171 ? -10.348 -4.438  11.632  1.00 30.32  ? 561 ASN A C   1 
ATOM   1008 O  O   . ASN A 1 171 ? -10.171 -5.625  11.940  1.00 32.01  ? 561 ASN A O   1 
ATOM   1009 C  CB  . ASN A 1 171 ? -11.161 -4.056  9.364   1.00 28.92  ? 561 ASN A CB  1 
ATOM   1010 C  CG  . ASN A 1 171 ? -11.010 -3.475  8.017   1.00 32.40  ? 561 ASN A CG  1 
ATOM   1011 O  OD1 . ASN A 1 171 ? -9.957  -2.991  7.615   1.00 31.85  ? 561 ASN A OD1 1 
ATOM   1012 N  ND2 . ASN A 1 171 ? -12.120 -3.543  7.248   1.00 34.73  ? 561 ASN A ND2 1 
ATOM   1013 N  N   . GLY A 1 172 ? -10.875 -3.534  12.464  1.00 32.48  ? 562 GLY A N   1 
ATOM   1014 C  CA  . GLY A 1 172 ? -11.637 -3.878  13.610  1.00 36.19  ? 562 GLY A CA  1 
ATOM   1015 C  C   . GLY A 1 172 ? -10.911 -4.241  14.888  1.00 39.30  ? 562 GLY A C   1 
ATOM   1016 O  O   . GLY A 1 172 ? -11.519 -4.262  15.915  1.00 48.36  ? 562 GLY A O   1 
ATOM   1017 N  N   . ALA A 1 173 ? -9.641  -4.594  14.845  1.00 34.16  ? 563 ALA A N   1 
ATOM   1018 C  CA  . ALA A 1 173 ? -8.968  -4.989  16.031  1.00 36.13  ? 563 ALA A CA  1 
ATOM   1019 C  C   . ALA A 1 173 ? -7.485  -4.686  15.854  1.00 32.11  ? 563 ALA A C   1 
ATOM   1020 O  O   . ALA A 1 173 ? -6.975  -4.771  14.728  1.00 31.13  ? 563 ALA A O   1 
ATOM   1021 C  CB  . ALA A 1 173 ? -9.190  -6.475  16.310  1.00 37.24  ? 563 ALA A CB  1 
ATOM   1022 N  N   . PRO A 1 174 ? -6.817  -4.265  16.944  1.00 33.63  ? 564 PRO A N   1 
ATOM   1023 C  CA  . PRO A 1 174 ? -5.379  -3.989  16.820  1.00 34.61  ? 564 PRO A CA  1 
ATOM   1024 C  C   . PRO A 1 174 ? -4.594  -5.265  16.518  1.00 35.80  ? 564 PRO A C   1 
ATOM   1025 O  O   . PRO A 1 174 ? -5.117  -6.404  16.597  1.00 34.97  ? 564 PRO A O   1 
ATOM   1026 C  CB  . PRO A 1 174 ? -5.033  -3.373  18.188  1.00 36.50  ? 564 PRO A CB  1 
ATOM   1027 C  CG  . PRO A 1 174 ? -5.968  -4.096  19.137  1.00 38.94  ? 564 PRO A CG  1 
ATOM   1028 C  CD  . PRO A 1 174 ? -7.257  -4.210  18.340  1.00 32.63  ? 564 PRO A CD  1 
ATOM   1029 N  N   . ARG A 1 175 ? -3.346  -5.075  16.134  1.00 31.10  ? 565 ARG A N   1 
ATOM   1030 C  CA  . ARG A 1 175 ? -2.478  -6.148  15.735  1.00 32.94  ? 565 ARG A CA  1 
ATOM   1031 C  C   . ARG A 1 175 ? -1.105  -6.028  16.376  1.00 36.92  ? 565 ARG A C   1 
ATOM   1032 O  O   . ARG A 1 175 ? -0.600  -4.915  16.576  1.00 32.60  ? 565 ARG A O   1 
ATOM   1033 C  CB  . ARG A 1 175 ? -2.364  -6.194  14.226  1.00 34.00  ? 565 ARG A CB  1 
ATOM   1034 C  CG  . ARG A 1 175 ? -1.631  -7.458  13.797  1.00 36.64  ? 565 ARG A CG  1 
ATOM   1035 C  CD  . ARG A 1 175 ? -2.338  -8.217  12.752  1.00 36.81  ? 565 ARG A CD  1 
ATOM   1036 N  NE  . ARG A 1 175 ? -1.521  -9.246  12.139  1.00 36.97  ? 565 ARG A NE  1 
ATOM   1037 C  CZ  . ARG A 1 175 ? -1.859  -9.953  11.069  1.00 37.81  ? 565 ARG A CZ  1 
ATOM   1038 N  NH1 . ARG A 1 175 ? -3.013  -9.716  10.445  1.00 35.81  ? 565 ARG A NH1 1 
ATOM   1039 N  NH2 . ARG A 1 175 ? -0.987  -10.851 10.558  1.00 36.43  ? 565 ARG A NH2 1 
ATOM   1040 N  N   . HIS A 1 176 ? -0.518  -7.179  16.732  1.00 37.10  ? 566 HIS A N   1 
ATOM   1041 C  CA  . HIS A 1 176 ? 0.889   -7.257  17.111  1.00 33.84  ? 566 HIS A CA  1 
ATOM   1042 C  C   . HIS A 1 176 ? 1.653   -7.771  15.948  1.00 33.82  ? 566 HIS A C   1 
ATOM   1043 O  O   . HIS A 1 176 ? 1.789   -8.977  15.708  1.00 31.10  ? 566 HIS A O   1 
ATOM   1044 C  CB  . HIS A 1 176 ? 1.067   -8.153  18.323  1.00 42.46  ? 566 HIS A CB  1 
ATOM   1045 C  CG  . HIS A 1 176 ? 2.289   -7.835  19.103  1.00 48.36  ? 566 HIS A CG  1 
ATOM   1046 N  ND1 . HIS A 1 176 ? 3.562   -8.047  18.607  1.00 55.96  ? 566 HIS A ND1 1 
ATOM   1047 C  CD2 . HIS A 1 176 ? 2.443   -7.258  20.319  1.00 53.62  ? 566 HIS A CD2 1 
ATOM   1048 C  CE1 . HIS A 1 176 ? 4.455   -7.633  19.493  1.00 52.27  ? 566 HIS A CE1 1 
ATOM   1049 N  NE2 . HIS A 1 176 ? 3.802   -7.149  20.539  1.00 58.17  ? 566 HIS A NE2 1 
ATOM   1050 N  N   . TRP A 1 177 ? 2.135   -6.853  15.146  1.00 32.24  ? 567 TRP A N   1 
ATOM   1051 C  CA  . TRP A 1 177 ? 2.894   -7.226  13.986  1.00 30.91  ? 567 TRP A CA  1 
ATOM   1052 C  C   . TRP A 1 177 ? 4.242   -7.844  14.417  1.00 30.18  ? 567 TRP A C   1 
ATOM   1053 O  O   . TRP A 1 177 ? 4.905   -7.352  15.346  1.00 36.02  ? 567 TRP A O   1 
ATOM   1054 C  CB  . TRP A 1 177 ? 3.187   -5.996  13.091  1.00 32.96  ? 567 TRP A CB  1 
ATOM   1055 C  CG  . TRP A 1 177 ? 1.942   -5.277  12.515  1.00 30.36  ? 567 TRP A CG  1 
ATOM   1056 C  CD1 . TRP A 1 177 ? 1.422   -4.067  12.938  1.00 29.36  ? 567 TRP A CD1 1 
ATOM   1057 C  CD2 . TRP A 1 177 ? 1.079   -5.748  11.507  1.00 27.48  ? 567 TRP A CD2 1 
ATOM   1058 N  NE1 . TRP A 1 177 ? 0.295   -3.757  12.223  1.00 31.29  ? 567 TRP A NE1 1 
ATOM   1059 C  CE2 . TRP A 1 177 ? 0.052   -4.771  11.338  1.00 30.53  ? 567 TRP A CE2 1 
ATOM   1060 C  CE3 . TRP A 1 177 ? 1.040   -6.917  10.719  1.00 31.75  ? 567 TRP A CE3 1 
ATOM   1061 C  CZ2 . TRP A 1 177 ? -0.957  -4.906  10.384  1.00 30.04  ? 567 TRP A CZ2 1 
ATOM   1062 C  CZ3 . TRP A 1 177 ? 0.020   -7.066  9.771   1.00 33.22  ? 567 TRP A CZ3 1 
ATOM   1063 C  CH2 . TRP A 1 177 ? -0.944  -6.060  9.586   1.00 31.53  ? 567 TRP A CH2 1 
ATOM   1064 N  N   . GLN A 1 178 ? 4.688   -8.819  13.658  1.00 33.39  ? 568 GLN A N   1 
ATOM   1065 C  CA  . GLN A 1 178 ? 5.935   -9.510  13.930  1.00 32.26  ? 568 GLN A CA  1 
ATOM   1066 C  C   . GLN A 1 178 ? 6.988   -9.159  12.948  1.00 33.29  ? 568 GLN A C   1 
ATOM   1067 O  O   . GLN A 1 178 ? 6.731   -8.903  11.748  1.00 31.25  ? 568 GLN A O   1 
ATOM   1068 C  CB  . GLN A 1 178 ? 5.656   -10.986 13.762  1.00 37.59  ? 568 GLN A CB  1 
ATOM   1069 C  CG  . GLN A 1 178 ? 4.808   -11.609 14.828  1.00 46.50  ? 568 GLN A CG  1 
ATOM   1070 C  CD  . GLN A 1 178 ? 4.492   -13.043 14.416  1.00 61.05  ? 568 GLN A CD  1 
ATOM   1071 O  OE1 . GLN A 1 178 ? 5.172   -13.625 13.544  1.00 72.90  ? 568 GLN A OE1 1 
ATOM   1072 N  NE2 . GLN A 1 178 ? 3.457   -13.621 15.019  1.00 68.72  ? 568 GLN A NE2 1 
ATOM   1073 N  N   . ALA A 1 179 ? 8.238   -9.313  13.352  1.00 35.30  ? 569 ALA A N   1 
ATOM   1074 C  CA  . ALA A 1 179 ? 9.302   -8.936  12.462  1.00 33.28  ? 569 ALA A CA  1 
ATOM   1075 C  C   . ALA A 1 179 ? 9.290   -9.719  11.180  1.00 34.79  ? 569 ALA A C   1 
ATOM   1076 O  O   . ALA A 1 179 ? 9.550   -9.171  10.116  1.00 31.32  ? 569 ALA A O   1 
ATOM   1077 C  CB  . ALA A 1 179 ? 10.642  -9.045  13.152  1.00 41.68  ? 569 ALA A CB  1 
ATOM   1078 N  N   . ARG A 1 180 ? 8.977   -11.011 11.250  1.00 36.07  ? 570 ARG A N   1 
ATOM   1079 C  CA  . ARG A 1 180 ? 9.027   -11.832 10.047  1.00 39.00  ? 570 ARG A CA  1 
ATOM   1080 C  C   . ARG A 1 180 ? 7.910   -11.458 9.069   1.00 34.04  ? 570 ARG A C   1 
ATOM   1081 O  O   . ARG A 1 180 ? 8.058   -11.576 7.857   1.00 33.18  ? 570 ARG A O   1 
ATOM   1082 C  CB  . ARG A 1 180 ? 9.001   -13.323 10.369  1.00 48.58  ? 570 ARG A CB  1 
ATOM   1083 C  CG  . ARG A 1 180 ? 7.769   -13.828 11.096  1.00 58.95  ? 570 ARG A CG  1 
ATOM   1084 C  CD  . ARG A 1 180 ? 7.484   -15.297 10.772  1.00 72.34  ? 570 ARG A CD  1 
ATOM   1085 N  NE  . ARG A 1 180 ? 6.058   -15.579 10.963  1.00 87.82  ? 570 ARG A NE  1 
ATOM   1086 C  CZ  . ARG A 1 180 ? 5.076   -15.386 10.069  1.00 85.82  ? 570 ARG A CZ  1 
ATOM   1087 N  NH1 . ARG A 1 180 ? 5.306   -14.932 8.834   1.00 80.92  ? 570 ARG A NH1 1 
ATOM   1088 N  NH2 . ARG A 1 180 ? 3.825   -15.666 10.423  1.00 83.40  ? 570 ARG A NH2 1 
ATOM   1089 N  N   . GLU A 1 181 ? 6.785   -11.024 9.597   1.00 35.73  ? 571 GLU A N   1 
ATOM   1090 C  CA  . GLU A 1 181 ? 5.752   -10.479 8.702   1.00 36.74  ? 571 GLU A CA  1 
ATOM   1091 C  C   . GLU A 1 181 ? 6.228   -9.226  7.960   1.00 30.03  ? 571 GLU A C   1 
ATOM   1092 O  O   . GLU A 1 181 ? 5.967   -9.099  6.761   1.00 34.17  ? 571 GLU A O   1 
ATOM   1093 C  CB  . GLU A 1 181 ? 4.521   -10.121 9.500   1.00 36.98  ? 571 GLU A CB  1 
ATOM   1094 C  CG  . GLU A 1 181 ? 3.801   -11.335 10.018  1.00 37.16  ? 571 GLU A CG  1 
ATOM   1095 C  CD  . GLU A 1 181 ? 2.743   -10.975 11.025  1.00 36.37  ? 571 GLU A CD  1 
ATOM   1096 O  OE1 . GLU A 1 181 ? 2.933   -10.081 11.891  1.00 37.32  ? 571 GLU A OE1 1 
ATOM   1097 O  OE2 . GLU A 1 181 ? 1.701   -11.609 10.904  1.00 34.49  ? 571 GLU A OE2 1 
ATOM   1098 N  N   . ILE A 1 182 ? 6.893   -8.322  8.665   1.00 29.98  ? 572 ILE A N   1 
ATOM   1099 C  CA  . ILE A 1 182 ? 7.415   -7.097  8.048   1.00 30.60  ? 572 ILE A CA  1 
ATOM   1100 C  C   . ILE A 1 182 ? 8.501   -7.421  7.048   1.00 32.99  ? 572 ILE A C   1 
ATOM   1101 O  O   . ILE A 1 182 ? 8.490   -6.905  5.946   1.00 30.17  ? 572 ILE A O   1 
ATOM   1102 C  CB  . ILE A 1 182 ? 7.860   -6.103  9.094   1.00 31.89  ? 572 ILE A CB  1 
ATOM   1103 C  CG1 . ILE A 1 182 ? 6.619   -5.599  9.846   1.00 31.52  ? 572 ILE A CG1 1 
ATOM   1104 C  CG2 . ILE A 1 182 ? 8.627   -4.918  8.483   1.00 34.77  ? 572 ILE A CG2 1 
ATOM   1105 C  CD1 . ILE A 1 182 ? 6.888   -5.143  11.241  1.00 33.75  ? 572 ILE A CD1 1 
ATOM   1106 N  N   . HIS A 1 183 ? 9.391   -8.353  7.401   1.00 33.71  ? 573 HIS A N   1 
ATOM   1107 C  CA  . HIS A 1 183 ? 10.412  -8.816  6.498   1.00 35.48  ? 573 HIS A CA  1 
ATOM   1108 C  C   . HIS A 1 183 ? 9.852   -9.438  5.219   1.00 32.77  ? 573 HIS A C   1 
ATOM   1109 O  O   . HIS A 1 183 ? 10.243  -9.098  4.135   1.00 35.03  ? 573 HIS A O   1 
ATOM   1110 C  CB  . HIS A 1 183 ? 11.304  -9.851  7.222   1.00 41.20  ? 573 HIS A CB  1 
ATOM   1111 C  CG  . HIS A 1 183 ? 12.469  -10.283 6.395   1.00 46.55  ? 573 HIS A CG  1 
ATOM   1112 N  ND1 . HIS A 1 183 ? 12.566  -11.534 5.829   1.00 53.85  ? 573 HIS A ND1 1 
ATOM   1113 C  CD2 . HIS A 1 183 ? 13.575  -9.604  6.007   1.00 50.51  ? 573 HIS A CD2 1 
ATOM   1114 C  CE1 . HIS A 1 183 ? 13.688  -11.613 5.131   1.00 53.84  ? 573 HIS A CE1 1 
ATOM   1115 N  NE2 . HIS A 1 183 ? 14.315  -10.453 5.224   1.00 51.89  ? 573 HIS A NE2 1 
ATOM   1116 N  N   . LEU A 1 184 ? 8.885   -10.330 5.351   1.00 34.04  ? 574 LEU A N   1 
ATOM   1117 C  CA  . LEU A 1 184 ? 8.253   -10.920 4.190   1.00 37.63  ? 574 LEU A CA  1 
ATOM   1118 C  C   . LEU A 1 184 ? 7.564   -9.854  3.310   1.00 34.68  ? 574 LEU A C   1 
ATOM   1119 O  O   . LEU A 1 184 ? 7.558   -9.968  2.087   1.00 38.51  ? 574 LEU A O   1 
ATOM   1120 C  CB  . LEU A 1 184 ? 7.263   -11.989 4.595   1.00 42.34  ? 574 LEU A CB  1 
ATOM   1121 C  CG  . LEU A 1 184 ? 5.728   -11.834 4.671   1.00 56.96  ? 574 LEU A CG  1 
ATOM   1122 C  CD1 . LEU A 1 184 ? 5.029   -11.780 3.316   1.00 62.13  ? 574 LEU A CD1 1 
ATOM   1123 C  CD2 . LEU A 1 184 ? 5.167   -13.036 5.421   1.00 64.18  ? 574 LEU A CD2 1 
ATOM   1124 N  N   . LEU A 1 185 ? 6.977   -8.848  3.947   1.00 30.67  ? 575 LEU A N   1 
ATOM   1125 C  CA  . LEU A 1 185 ? 6.300   -7.796  3.179   1.00 31.06  ? 575 LEU A CA  1 
ATOM   1126 C  C   . LEU A 1 185 ? 7.346   -7.014  2.405   1.00 27.15  ? 575 LEU A C   1 
ATOM   1127 O  O   . LEU A 1 185 ? 7.127   -6.682  1.248   1.00 32.74  ? 575 LEU A O   1 
ATOM   1128 C  CB  . LEU A 1 185 ? 5.459   -6.891  4.114   1.00 32.41  ? 575 LEU A CB  1 
ATOM   1129 C  CG  . LEU A 1 185 ? 4.602   -5.865  3.394   1.00 32.30  ? 575 LEU A CG  1 
ATOM   1130 C  CD1 . LEU A 1 185 ? 3.733   -6.498  2.295   1.00 33.63  ? 575 LEU A CD1 1 
ATOM   1131 C  CD2 . LEU A 1 185 ? 3.761   -5.077  4.389   1.00 31.54  ? 575 LEU A CD2 1 
ATOM   1132 N  N   . HIS A 1 186 ? 8.481   -6.700  3.023   1.00 31.57  ? 576 HIS A N   1 
ATOM   1133 C  CA  . HIS A 1 186 ? 9.578   -6.074  2.268   1.00 30.83  ? 576 HIS A CA  1 
ATOM   1134 C  C   . HIS A 1 186 ? 10.080  -6.935  1.117   1.00 33.85  ? 576 HIS A C   1 
ATOM   1135 O  O   . HIS A 1 186 ? 10.377  -6.403  0.053   1.00 30.00  ? 576 HIS A O   1 
ATOM   1136 C  CB  . HIS A 1 186 ? 10.776  -5.748  3.132   1.00 35.01  ? 576 HIS A CB  1 
ATOM   1137 C  CG  . HIS A 1 186 ? 10.559  -4.592  4.063   1.00 36.54  ? 576 HIS A CG  1 
ATOM   1138 N  ND1 . HIS A 1 186 ? 10.871  -4.656  5.404   1.00 40.06  ? 576 HIS A ND1 1 
ATOM   1139 C  CD2 . HIS A 1 186 ? 10.037  -3.365  3.861   1.00 35.18  ? 576 HIS A CD2 1 
ATOM   1140 C  CE1 . HIS A 1 186 ? 10.551  -3.514  5.992   1.00 37.06  ? 576 HIS A CE1 1 
ATOM   1141 N  NE2 . HIS A 1 186 ? 10.040  -2.715  5.076   1.00 31.44  ? 576 HIS A NE2 1 
ATOM   1142 N  N   . GLN A 1 187 ? 10.171  -8.246  1.318   1.00 33.67  ? 577 GLN A N   1 
ATOM   1143 C  CA  . GLN A 1 187 ? 10.616  -9.145  0.227   1.00 39.16  ? 577 GLN A CA  1 
ATOM   1144 C  C   . GLN A 1 187 ? 9.653   -9.125  -0.912  1.00 32.77  ? 577 GLN A C   1 
ATOM   1145 O  O   . GLN A 1 187 ? 10.023  -8.953  -2.041  1.00 35.75  ? 577 GLN A O   1 
ATOM   1146 C  CB  . GLN A 1 187 ? 10.694  -10.604 0.687   1.00 44.21  ? 577 GLN A CB  1 
ATOM   1147 C  CG  . GLN A 1 187 ? 11.792  -10.858 1.703   1.00 58.80  ? 577 GLN A CG  1 
ATOM   1148 C  CD  . GLN A 1 187 ? 13.165  -10.868 1.071   1.00 71.18  ? 577 GLN A CD  1 
ATOM   1149 O  OE1 . GLN A 1 187 ? 13.368  -11.435 -0.012  1.00 71.94  ? 577 GLN A OE1 1 
ATOM   1150 N  NE2 . GLN A 1 187 ? 14.124  -10.249 1.746   1.00 79.98  ? 577 GLN A NE2 1 
ATOM   1151 N  N   . ILE A 1 188 ? 8.377   -9.231  -0.606  1.00 29.96  ? 578 ILE A N   1 
ATOM   1152 C  CA  . ILE A 1 188 ? 7.399   -9.139  -1.657  1.00 29.98  ? 578 ILE A CA  1 
ATOM   1153 C  C   . ILE A 1 188 ? 7.456   -7.805  -2.414  1.00 29.56  ? 578 ILE A C   1 
ATOM   1154 O  O   . ILE A 1 188 ? 7.332   -7.758  -3.652  1.00 31.15  ? 578 ILE A O   1 
ATOM   1155 C  CB  . ILE A 1 188 ? 5.993   -9.496  -1.125  1.00 30.23  ? 578 ILE A CB  1 
ATOM   1156 C  CG1 . ILE A 1 188 ? 6.017   -10.979 -0.687  1.00 33.77  ? 578 ILE A CG1 1 
ATOM   1157 C  CG2 . ILE A 1 188 ? 4.956   -9.265  -2.208  1.00 32.49  ? 578 ILE A CG2 1 
ATOM   1158 C  CD1 . ILE A 1 188 ? 4.801   -11.467 0.056   1.00 37.54  ? 578 ILE A CD1 1 
ATOM   1159 N  N   . ALA A 1 189 ? 7.580   -6.726  -1.661  1.00 32.08  ? 579 ALA A N   1 
ATOM   1160 C  CA  . ALA A 1 189 ? 7.680   -5.378  -2.252  1.00 30.07  ? 579 ALA A CA  1 
ATOM   1161 C  C   . ALA A 1 189 ? 8.896   -5.258  -3.142  1.00 30.24  ? 579 ALA A C   1 
ATOM   1162 O  O   . ALA A 1 189 ? 8.810   -4.761  -4.229  1.00 29.52  ? 579 ALA A O   1 
ATOM   1163 C  CB  . ALA A 1 189 ? 7.727   -4.330  -1.165  1.00 33.44  ? 579 ALA A CB  1 
ATOM   1164 N  N   . ASN A 1 190 ? 9.996   -5.826  -2.722  1.00 35.08  ? 580 ASN A N   1 
ATOM   1165 C  CA  . ASN A 1 190 ? 11.211  -5.846  -3.555  1.00 37.58  ? 580 ASN A CA  1 
ATOM   1166 C  C   . ASN A 1 190 ? 11.006  -6.608  -4.876  1.00 35.01  ? 580 ASN A C   1 
ATOM   1167 O  O   . ASN A 1 190 ? 11.295  -6.097  -5.964  1.00 33.08  ? 580 ASN A O   1 
ATOM   1168 C  CB  . ASN A 1 190 ? 12.377  -6.374  -2.718  1.00 41.41  ? 580 ASN A CB  1 
ATOM   1169 C  CG  . ASN A 1 190 ? 12.678  -5.488  -1.483  1.00 49.16  ? 580 ASN A CG  1 
ATOM   1170 O  OD1 . ASN A 1 190 ? 11.971  -4.488  -1.192  1.00 56.52  ? 580 ASN A OD1 1 
ATOM   1171 N  ND2 . ASN A 1 190 ? 13.680  -5.890  -0.708  1.00 54.59  ? 580 ASN A ND2 1 
ATOM   1172 N  N   . GLN A 1 191 ? 10.395  -7.784  -4.794  1.00 35.77  ? 581 GLN A N   1 
ATOM   1173 C  CA  . GLN A 1 191 ? 10.068  -8.556  -5.990  1.00 33.70  ? 581 GLN A CA  1 
ATOM   1174 C  C   . GLN A 1 191 ? 9.101   -7.880  -6.911  1.00 33.35  ? 581 GLN A C   1 
ATOM   1175 O  O   . GLN A 1 191 ? 9.173   -8.004  -8.119  1.00 28.92  ? 581 GLN A O   1 
ATOM   1176 C  CB  . GLN A 1 191 ? 9.480   -9.903  -5.598  1.00 41.18  ? 581 GLN A CB  1 
ATOM   1177 C  CG  . GLN A 1 191 ? 10.342  -10.773 -4.675  1.00 49.75  ? 581 GLN A CG  1 
ATOM   1178 C  CD  . GLN A 1 191 ? 9.545   -11.951 -4.051  1.00 59.40  ? 581 GLN A CD  1 
ATOM   1179 O  OE1 . GLN A 1 191 ? 8.947   -12.750 -4.769  1.00 65.55  ? 581 GLN A OE1 1 
ATOM   1180 N  NE2 . GLN A 1 191 ? 9.564   -12.070 -2.723  1.00 59.81  ? 581 GLN A NE2 1 
ATOM   1181 N  N   . LEU A 1 192 ? 8.129   -7.130  -6.345  1.00 33.03  ? 582 LEU A N   1 
ATOM   1182 C  CA  . LEU A 1 192 ? 7.251   -6.352  -7.178  1.00 29.85  ? 582 LEU A CA  1 
ATOM   1183 C  C   . LEU A 1 192 ? 7.980   -5.281  -7.942  1.00 27.71  ? 582 LEU A C   1 
ATOM   1184 O  O   . LEU A 1 192 ? 7.717   -5.052  -9.115  1.00 31.51  ? 582 LEU A O   1 
ATOM   1185 C  CB  . LEU A 1 192 ? 6.130   -5.722  -6.277  1.00 32.17  ? 582 LEU A CB  1 
ATOM   1186 C  CG  . LEU A 1 192 ? 5.123   -4.898  -7.084  1.00 40.26  ? 582 LEU A CG  1 
ATOM   1187 C  CD1 . LEU A 1 192 ? 4.353   -5.706  -8.135  1.00 38.42  ? 582 LEU A CD1 1 
ATOM   1188 C  CD2 . LEU A 1 192 ? 4.166   -4.172  -6.122  1.00 39.58  ? 582 LEU A CD2 1 
ATOM   1189 N  N   . GLY A 1 193 ? 8.896   -4.605  -7.267  1.00 30.00  ? 583 GLY A N   1 
ATOM   1190 C  CA  . GLY A 1 193 ? 9.727   -3.584  -7.907  1.00 33.27  ? 583 GLY A CA  1 
ATOM   1191 C  C   . GLY A 1 193 ? 10.519  -4.112  -9.094  1.00 29.58  ? 583 GLY A C   1 
ATOM   1192 O  O   . GLY A 1 193 ? 10.603  -3.458  -10.125 1.00 33.65  ? 583 GLY A O   1 
ATOM   1193 N  N   . VAL A 1 194 ? 11.073  -5.285  -8.918  1.00 35.79  ? 584 VAL A N   1 
ATOM   1194 C  CA  . VAL A 1 194 ? 11.844  -5.989  -9.963  1.00 32.28  ? 584 VAL A CA  1 
ATOM   1195 C  C   . VAL A 1 194 ? 10.987  -6.278  -11.168 1.00 30.03  ? 584 VAL A C   1 
ATOM   1196 O  O   . VAL A 1 194 ? 11.354  -5.998  -12.352 1.00 38.05  ? 584 VAL A O   1 
ATOM   1197 C  CB  . VAL A 1 194 ? 12.444  -7.310  -9.381  1.00 35.90  ? 584 VAL A CB  1 
ATOM   1198 C  CG1 . VAL A 1 194 ? 13.039  -8.217  -10.476 1.00 36.46  ? 584 VAL A CG1 1 
ATOM   1199 C  CG2 . VAL A 1 194 ? 13.488  -7.078  -8.298  1.00 36.36  ? 584 VAL A CG2 1 
ATOM   1200 N  N   . ALA A 1 195 ? 9.807   -6.810  -10.902 1.00 30.86  ? 585 ALA A N   1 
ATOM   1201 C  CA  . ALA A 1 195 ? 8.861   -7.174  -11.924 1.00 33.43  ? 585 ALA A CA  1 
ATOM   1202 C  C   . ALA A 1 195 ? 8.431   -5.998  -12.701 1.00 37.52  ? 585 ALA A C   1 
ATOM   1203 O  O   . ALA A 1 195 ? 8.354   -6.075  -13.927 1.00 35.76  ? 585 ALA A O   1 
ATOM   1204 C  CB  . ALA A 1 195 ? 7.676   -7.944  -11.352 1.00 34.66  ? 585 ALA A CB  1 
ATOM   1205 N  N   . VAL A 1 196 ? 8.211   -4.867  -12.034 1.00 34.59  ? 586 VAL A N   1 
ATOM   1206 C  CA  . VAL A 1 196 ? 7.873   -3.679  -12.756 1.00 39.33  ? 586 VAL A CA  1 
ATOM   1207 C  C   . VAL A 1 196 ? 9.099   -3.154  -13.524 1.00 33.54  ? 586 VAL A C   1 
ATOM   1208 O  O   . VAL A 1 196 ? 8.961   -2.649  -14.599 1.00 37.83  ? 586 VAL A O   1 
ATOM   1209 C  CB  . VAL A 1 196 ? 7.317   -2.585  -11.786 1.00 37.85  ? 586 VAL A CB  1 
ATOM   1210 C  CG1 . VAL A 1 196 ? 7.037   -1.296  -12.546 1.00 42.52  ? 586 VAL A CG1 1 
ATOM   1211 C  CG2 . VAL A 1 196 ? 6.058   -3.106  -11.112 1.00 36.39  ? 586 VAL A CG2 1 
ATOM   1212 N  N   . TYR A 1 197 ? 10.268  -3.202  -12.896 1.00 38.00  ? 587 TYR A N   1 
ATOM   1213 C  CA  . TYR A 1 197 ? 11.496  -2.751  -13.525 1.00 34.54  ? 587 TYR A CA  1 
ATOM   1214 C  C   . TYR A 1 197 ? 11.748  -3.500  -14.840 1.00 33.95  ? 587 TYR A C   1 
ATOM   1215 O  O   . TYR A 1 197 ? 12.039  -2.895  -15.848 1.00 35.27  ? 587 TYR A O   1 
ATOM   1216 C  CB  . TYR A 1 197 ? 12.653  -2.944  -12.590 1.00 37.20  ? 587 TYR A CB  1 
ATOM   1217 C  CG  . TYR A 1 197 ? 13.960  -2.480  -13.205 1.00 38.71  ? 587 TYR A CG  1 
ATOM   1218 C  CD1 . TYR A 1 197 ? 14.155  -1.138  -13.552 1.00 46.08  ? 587 TYR A CD1 1 
ATOM   1219 C  CD2 . TYR A 1 197 ? 14.976  -3.402  -13.520 1.00 43.16  ? 587 TYR A CD2 1 
ATOM   1220 C  CE1 . TYR A 1 197 ? 15.340  -0.699  -14.176 1.00 51.83  ? 587 TYR A CE1 1 
ATOM   1221 C  CE2 . TYR A 1 197 ? 16.174  -2.970  -14.142 1.00 47.44  ? 587 TYR A CE2 1 
ATOM   1222 C  CZ  . TYR A 1 197 ? 16.368  -1.618  -14.456 1.00 49.74  ? 587 TYR A CZ  1 
ATOM   1223 O  OH  . TYR A 1 197 ? 17.578  -1.187  -15.025 1.00 52.32  ? 587 TYR A OH  1 
ATOM   1224 N  N   . GLN A 1 198 ? 11.583  -4.806  -14.810 1.00 38.74  ? 588 GLN A N   1 
ATOM   1225 C  CA  . GLN A 1 198 ? 11.818  -5.670  -15.985 1.00 39.18  ? 588 GLN A CA  1 
ATOM   1226 C  C   . GLN A 1 198 ? 10.730  -5.551  -17.036 1.00 42.01  ? 588 GLN A C   1 
ATOM   1227 O  O   . GLN A 1 198 ? 11.021  -5.526  -18.254 1.00 39.02  ? 588 GLN A O   1 
ATOM   1228 C  CB  . GLN A 1 198 ? 12.010  -7.091  -15.499 1.00 42.04  ? 588 GLN A CB  1 
ATOM   1229 C  CG  . GLN A 1 198 ? 13.301  -7.219  -14.712 1.00 40.10  ? 588 GLN A CG  1 
ATOM   1230 C  CD  . GLN A 1 198 ? 13.665  -8.661  -14.296 1.00 38.98  ? 588 GLN A CD  1 
ATOM   1231 O  OE1 . GLN A 1 198 ? 12.838  -9.546  -14.272 1.00 41.52  ? 588 GLN A OE1 1 
ATOM   1232 N  NE2 . GLN A 1 198 ? 14.873  -8.832  -13.858 1.00 38.82  ? 588 GLN A NE2 1 
ATOM   1233 N  N   . ALA A 1 199 ? 9.470   -5.386  -16.606 1.00 41.39  ? 589 ALA A N   1 
ATOM   1234 C  CA  . ALA A 1 199 ? 8.442   -4.946  -17.568 1.00 43.06  ? 589 ALA A CA  1 
ATOM   1235 C  C   . ALA A 1 199 ? 8.742   -3.563  -18.236 1.00 41.89  ? 589 ALA A C   1 
ATOM   1236 O  O   . ALA A 1 199 ? 8.502   -3.413  -19.419 1.00 48.31  ? 589 ALA A O   1 
ATOM   1237 C  CB  . ALA A 1 199 ? 7.066   -4.963  -16.943 1.00 47.05  ? 589 ALA A CB  1 
ATOM   1238 N  N   . GLN A 1 200 ? 9.319   -2.592  -17.537 1.00 42.30  ? 590 GLN A N   1 
ATOM   1239 C  CA  . GLN A 1 200 ? 9.776   -1.372  -18.196 1.00 47.74  ? 590 GLN A CA  1 
ATOM   1240 C  C   . GLN A 1 200 ? 10.892  -1.680  -19.196 1.00 49.94  ? 590 GLN A C   1 
ATOM   1241 O  O   . GLN A 1 200 ? 10.884  -1.163  -20.310 1.00 45.42  ? 590 GLN A O   1 
ATOM   1242 C  CB  . GLN A 1 200 ? 10.364  -0.356  -17.233 1.00 53.00  ? 590 GLN A CB  1 
ATOM   1243 C  CG  . GLN A 1 200 ? 9.366   0.351   -16.343 1.00 57.13  ? 590 GLN A CG  1 
ATOM   1244 C  CD  . GLN A 1 200 ? 10.060  1.137   -15.241 1.00 66.82  ? 590 GLN A CD  1 
ATOM   1245 O  OE1 . GLN A 1 200 ? 11.298  1.125   -15.111 1.00 72.37  ? 590 GLN A OE1 1 
ATOM   1246 N  NE2 . GLN A 1 200 ? 9.266   1.806   -14.421 1.00 72.22  ? 590 GLN A NE2 1 
ATOM   1247 N  N   . LEU A 1 201 ? 11.879  -2.468  -18.778 1.00 41.49  ? 591 LEU A N   1 
ATOM   1248 C  CA  . LEU A 1 201 ? 12.978  -2.794  -19.683 1.00 45.32  ? 591 LEU A CA  1 
ATOM   1249 C  C   . LEU A 1 201 ? 12.499  -3.427  -20.967 1.00 40.99  ? 591 LEU A C   1 
ATOM   1250 O  O   . LEU A 1 201 ? 12.974  -3.042  -22.014 1.00 47.37  ? 591 LEU A O   1 
ATOM   1251 C  CB  . LEU A 1 201 ? 13.982  -3.733  -19.021 1.00 41.11  ? 591 LEU A CB  1 
ATOM   1252 C  CG  . LEU A 1 201 ? 14.802  -3.170  -17.887 1.00 39.82  ? 591 LEU A CG  1 
ATOM   1253 C  CD1 . LEU A 1 201 ? 15.631  -4.329  -17.365 1.00 42.10  ? 591 LEU A CD1 1 
ATOM   1254 C  CD2 . LEU A 1 201 ? 15.675  -2.006  -18.336 1.00 40.94  ? 591 LEU A CD2 1 
ATOM   1255 N  N   . LEU A 1 202 ? 11.549  -4.355  -20.880 1.00 43.76  ? 592 LEU A N   1 
ATOM   1256 C  CA  . LEU A 1 202 ? 10.969  -5.065  -22.019 1.00 48.73  ? 592 LEU A CA  1 
ATOM   1257 C  C   . LEU A 1 202 ? 10.164  -4.170  -22.941 1.00 61.80  ? 592 LEU A C   1 
ATOM   1258 O  O   . LEU A 1 202 ? 10.101  -4.442  -24.146 1.00 54.77  ? 592 LEU A O   1 
ATOM   1259 C  CB  . LEU A 1 202 ? 10.081  -6.220  -21.546 1.00 47.23  ? 592 LEU A CB  1 
ATOM   1260 C  CG  . LEU A 1 202 ? 9.474   -7.243  -22.526 1.00 51.39  ? 592 LEU A CG  1 
ATOM   1261 C  CD1 . LEU A 1 202 ? 10.518  -7.858  -23.465 1.00 50.46  ? 592 LEU A CD1 1 
ATOM   1262 C  CD2 . LEU A 1 202 ? 8.799   -8.367  -21.725 1.00 55.27  ? 592 LEU A CD2 1 
ATOM   1263 N  N   . ALA A 1 203 ? 9.514   -3.156  -22.355 1.00 59.17  ? 593 ALA A N   1 
ATOM   1264 C  CA  . ALA A 1 203 ? 8.814   -2.100  -23.093 1.00 59.71  ? 593 ALA A CA  1 
ATOM   1265 C  C   . ALA A 1 203 ? 9.814   -1.261  -23.888 1.00 56.76  ? 593 ALA A C   1 
ATOM   1266 O  O   . ALA A 1 203 ? 9.656   -1.066  -25.075 1.00 56.40  ? 593 ALA A O   1 
ATOM   1267 C  CB  . ALA A 1 203 ? 8.019   -1.213  -22.122 1.00 58.66  ? 593 ALA A CB  1 
ATOM   1268 N  N   . ARG A 1 204 ? 10.870  -0.809  -23.210 1.00 61.15  ? 594 ARG A N   1 
ATOM   1269 C  CA  . ARG A 1 204 ? 12.045  -0.141  -23.823 1.00 57.71  ? 594 ARG A CA  1 
ATOM   1270 C  C   . ARG A 1 204 ? 12.599  -0.887  -25.053 1.00 64.84  ? 594 ARG A C   1 
ATOM   1271 O  O   . ARG A 1 204 ? 13.060  -0.256  -26.011 1.00 62.28  ? 594 ARG A O   1 
ATOM   1272 C  CB  . ARG A 1 204 ? 13.145  -0.006  -22.757 1.00 72.38  ? 594 ARG A CB  1 
ATOM   1273 C  CG  . ARG A 1 204 ? 14.283  0.934   -23.060 1.00 73.37  ? 594 ARG A CG  1 
ATOM   1274 C  CD  . ARG A 1 204 ? 13.859  2.383   -22.928 1.00 81.46  ? 594 ARG A CD  1 
ATOM   1275 N  NE  . ARG A 1 204 ? 15.037  3.190   -22.646 1.00 84.16  ? 594 ARG A NE  1 
ATOM   1276 C  CZ  . ARG A 1 204 ? 16.001  3.469   -23.522 1.00 83.14  ? 594 ARG A CZ  1 
ATOM   1277 N  NH1 . ARG A 1 204 ? 15.944  3.029   -24.784 1.00 77.69  ? 594 ARG A NH1 1 
ATOM   1278 N  NH2 . ARG A 1 204 ? 17.036  4.210   -23.132 1.00 87.32  ? 594 ARG A NH2 1 
ATOM   1279 N  N   . PHE A 1 205 ? 12.545  -2.222  -25.013 1.00 64.35  ? 595 PHE A N   1 
ATOM   1280 C  CA  . PHE A 1 205 ? 12.859  -3.092  -26.148 1.00 64.90  ? 595 PHE A CA  1 
ATOM   1281 C  C   . PHE A 1 205 ? 11.672  -3.076  -27.166 1.00 64.22  ? 595 PHE A C   1 
ATOM   1282 O  O   . PHE A 1 205 ? 10.806  -3.939  -27.177 1.00 67.85  ? 595 PHE A O   1 
ATOM   1283 C  CB  . PHE A 1 205 ? 13.257  -4.484  -25.578 1.00 53.45  ? 595 PHE A CB  1 
ATOM   1284 C  CG  . PHE A 1 205 ? 13.704  -5.467  -26.610 1.00 48.58  ? 595 PHE A CG  1 
ATOM   1285 C  CD1 . PHE A 1 205 ? 14.971  -5.381  -27.158 1.00 42.92  ? 595 PHE A CD1 1 
ATOM   1286 C  CD2 . PHE A 1 205 ? 12.833  -6.464  -27.067 1.00 45.23  ? 595 PHE A CD2 1 
ATOM   1287 C  CE1 . PHE A 1 205 ? 15.390  -6.310  -28.116 1.00 47.32  ? 595 PHE A CE1 1 
ATOM   1288 C  CE2 . PHE A 1 205 ? 13.237  -7.387  -28.042 1.00 46.72  ? 595 PHE A CE2 1 
ATOM   1289 C  CZ  . PHE A 1 205 ? 14.527  -7.309  -28.562 1.00 43.99  ? 595 PHE A CZ  1 
ATOM   1290 N  N   . GLN A 1 206 ? 11.661  -2.057  -28.034 1.00 85.34  ? 596 GLN A N   1 
ATOM   1291 C  CA  . GLN A 1 206 ? 10.467  -1.651  -28.846 1.00 79.41  ? 596 GLN A CA  1 
ATOM   1292 C  C   . GLN A 1 206 ? 10.690  -1.501  -30.375 1.00 86.58  ? 596 GLN A C   1 
ATOM   1293 O  O   . GLN A 1 206 ? 9.980   -0.716  -31.020 1.00 78.82  ? 596 GLN A O   1 
ATOM   1294 C  CB  . GLN A 1 206 ? 9.937   -0.320  -28.305 1.00 75.16  ? 596 GLN A CB  1 
ATOM   1295 C  CG  . GLN A 1 206 ? 10.855  0.869   -28.585 1.00 75.60  ? 596 GLN A CG  1 
ATOM   1296 C  CD  . GLN A 1 206 ? 10.389  2.169   -27.981 1.00 75.09  ? 596 GLN A CD  1 
ATOM   1297 O  OE1 . GLN A 1 206 ? 10.174  3.149   -28.690 1.00 77.54  ? 596 GLN A OE1 1 
ATOM   1298 N  NE2 . GLN A 1 206 ? 10.253  2.200   -26.666 1.00 76.10  ? 596 GLN A NE2 1 
ATOM   1299 N  N   . GLU A 1 207 ? 11.661  -2.237  -30.946 1.00 99.90  ? 597 GLU A N   1 
ATOM   1300 C  CA  . GLU A 1 207 ? 11.979  -2.204  -32.395 1.00 91.58  ? 597 GLU A CA  1 
ATOM   1301 C  C   . GLU A 1 207 ? 11.667  -3.546  -33.022 1.00 87.70  ? 597 GLU A C   1 
ATOM   1302 O  O   . GLU A 1 207 ? 11.935  -3.753  -34.198 1.00 90.13  ? 597 GLU A O   1 
ATOM   1303 C  CB  . GLU A 1 207 ? 13.454  -1.861  -32.650 1.00 87.97  ? 597 GLU A CB  1 
ATOM   1304 C  CG  . GLU A 1 207 ? 13.891  -0.504  -32.107 1.00 89.45  ? 597 GLU A CG  1 
ATOM   1305 C  CD  . GLU A 1 207 ? 13.927  -0.465  -30.588 1.00 83.88  ? 597 GLU A CD  1 
ATOM   1306 O  OE1 . GLU A 1 207 ? 13.224  0.351   -29.965 1.00 67.44  ? 597 GLU A OE1 1 
ATOM   1307 O  OE2 . GLU A 1 207 ? 14.627  -1.303  -30.001 1.00 100.64 ? 597 GLU A OE2 1 
HETATM 1308 C  CHA . CYC B 2 .   ? 0.058   9.548   4.728   1.00 24.05  ? 701 CYC A CHA 1 
HETATM 1309 N  NA  . CYC B 2 .   ? -2.104  9.377   3.475   1.00 28.15  ? 701 CYC A NA  1 
HETATM 1310 C  C1A . CYC B 2 .   ? -0.861  8.859   3.818   1.00 27.05  ? 701 CYC A C1A 1 
HETATM 1311 C  C2A . CYC B 2 .   ? -0.517  7.555   3.215   1.00 26.03  ? 701 CYC A C2A 1 
HETATM 1312 C  C3A . CYC B 2 .   ? -1.705  7.311   2.380   1.00 26.08  ? 701 CYC A C3A 1 
HETATM 1313 C  C4A . CYC B 2 .   ? -2.629  8.494   2.582   1.00 29.28  ? 701 CYC A C4A 1 
HETATM 1314 C  CMA . CYC B 2 .   ? -1.801  6.091   1.543   1.00 26.64  ? 701 CYC A CMA 1 
HETATM 1315 C  CAA . CYC B 2 .   ? 0.729   6.669   3.389   1.00 25.58  ? 701 CYC A CAA 1 
HETATM 1316 C  CBA . CYC B 2 .   ? 0.364   5.669   4.502   1.00 27.12  ? 701 CYC A CBA 1 
HETATM 1317 C  CGA . CYC B 2 .   ? -0.270  6.291   5.742   1.00 28.80  ? 701 CYC A CGA 1 
HETATM 1318 O  O1A . CYC B 2 .   ? 0.480   6.957   6.483   1.00 25.34  ? 701 CYC A O1A 1 
HETATM 1319 O  O2A . CYC B 2 .   ? -1.509  6.161   6.075   1.00 22.70  ? 701 CYC A O2A 1 
HETATM 1320 C  CHB . CYC B 2 .   ? -3.990  8.399   1.893   1.00 29.87  ? 701 CYC A CHB 1 
HETATM 1321 N  NB  . CYC B 2 .   ? -6.109  7.633   1.284   1.00 36.26  ? 701 CYC A NB  1 
HETATM 1322 C  C1B . CYC B 2 .   ? -5.010  7.397   2.152   1.00 42.59  ? 701 CYC A C1B 1 
HETATM 1323 C  C2B . CYC B 2 .   ? -5.098  6.151   3.038   1.00 43.71  ? 701 CYC A C2B 1 
HETATM 1324 C  C3B . CYC B 2 .   ? -6.419  5.630   2.656   1.00 43.84  ? 701 CYC A C3B 1 
HETATM 1325 C  C4B . CYC B 2 .   ? -6.913  6.581   1.603   1.00 46.17  ? 701 CYC A C4B 1 
HETATM 1326 C  CMB . CYC B 2 .   ? -4.214  5.500   4.105   1.00 47.61  ? 701 CYC A CMB 1 
HETATM 1327 C  CAB . CYC B 2 .   ? -7.077  4.407   3.184   1.00 44.77  ? 701 CYC A CAB 1 
HETATM 1328 C  CBB . CYC B 2 .   ? -6.529  3.163   2.518   1.00 44.99  ? 701 CYC A CBB 1 
HETATM 1329 O  OB  . CYC B 2 .   ? -8.047  6.362   1.010   1.00 42.77  ? 701 CYC A OB  1 
HETATM 1330 N  NC  . CYC B 2 .   ? -2.557  14.585  4.963   1.00 23.52  ? 701 CYC A NC  1 
HETATM 1331 C  C1C . CYC B 2 .   ? -3.107  15.822  4.715   1.00 23.98  ? 701 CYC A C1C 1 
HETATM 1332 C  C2C . CYC B 2 .   ? -3.685  16.408  5.966   1.00 26.24  ? 701 CYC A C2C 1 
HETATM 1333 C  C3C . CYC B 2 .   ? -3.480  15.340  7.023   1.00 24.71  ? 701 CYC A C3C 1 
HETATM 1334 C  C4C . CYC B 2 .   ? -2.556  14.380  6.284   1.00 22.47  ? 701 CYC A C4C 1 
HETATM 1335 C  CMC . CYC B 2 .   ? -2.890  17.714  6.262   1.00 28.90  ? 701 CYC A CMC 1 
HETATM 1336 C  CAC . CYC B 2 .   ? -4.817  14.731  7.474   1.00 27.94  ? 701 CYC A CAC 1 
HETATM 1337 C  CBC . CYC B 2 .   ? -5.472  13.933  6.331   1.00 24.78  ? 701 CYC A CBC 1 
HETATM 1338 O  OC  . CYC B 2 .   ? -3.011  16.371  3.662   1.00 24.78  ? 701 CYC A OC  1 
HETATM 1339 C  CHD . CYC B 2 .   ? -1.948  13.453  7.037   1.00 23.12  ? 701 CYC A CHD 1 
HETATM 1340 N  ND  . CYC B 2 .   ? -1.254  11.462  5.752   1.00 28.39  ? 701 CYC A ND  1 
HETATM 1341 C  C1D . CYC B 2 .   ? -0.945  12.420  6.665   1.00 26.38  ? 701 CYC A C1D 1 
HETATM 1342 C  C2D . CYC B 2 .   ? 0.471   12.308  7.081   1.00 22.91  ? 701 CYC A C2D 1 
HETATM 1343 C  C3D . CYC B 2 .   ? 0.978   11.183  6.391   1.00 25.94  ? 701 CYC A C3D 1 
HETATM 1344 C  C4D . CYC B 2 .   ? -0.095  10.755  5.532   1.00 26.95  ? 701 CYC A C4D 1 
HETATM 1345 C  CMD . CYC B 2 .   ? 1.216   13.170  8.028   1.00 22.21  ? 701 CYC A CMD 1 
HETATM 1346 C  CAD . CYC B 2 .   ? 2.382   10.655  6.503   1.00 23.16  ? 701 CYC A CAD 1 
HETATM 1347 C  CBD . CYC B 2 .   ? 2.371   9.791   7.754   1.00 23.72  ? 701 CYC A CBD 1 
HETATM 1348 C  CGD . CYC B 2 .   ? 3.813   9.292   8.124   1.00 25.73  ? 701 CYC A CGD 1 
HETATM 1349 O  O1D . CYC B 2 .   ? 4.485   8.760   7.248   1.00 27.70  ? 701 CYC A O1D 1 
HETATM 1350 O  O2D . CYC B 2 .   ? 4.203   9.518   9.283   1.00 25.46  ? 701 CYC A O2D 1 
HETATM 1351 O  OAA . 3CX C 3 .   ? 8.423   13.598  9.131   1.00 42.20  ? 702 3CX A OAA 1 
HETATM 1352 O  OAB . 3CX C 3 .   ? 7.808   11.700  7.922   1.00 34.01  ? 702 3CX A OAB 1 
HETATM 1353 O  OAC . 3CX C 3 .   ? 3.853   13.716  9.437   1.00 44.30  ? 702 3CX A OAC 1 
HETATM 1354 O  OAD . 3CX C 3 .   ? 7.831   11.524  10.316  1.00 36.05  ? 702 3CX A OAD 1 
HETATM 1355 C  CAE . 3CX C 3 .   ? 2.968   8.401   14.024  1.00 31.94  ? 702 3CX A CAE 1 
HETATM 1356 C  CAF . 3CX C 3 .   ? 4.288   9.150   14.084  1.00 33.05  ? 702 3CX A CAF 1 
HETATM 1357 C  CAG . 3CX C 3 .   ? 1.824   9.378   13.811  1.00 28.61  ? 702 3CX A CAG 1 
HETATM 1358 C  CAH . 3CX C 3 .   ? 4.558   10.025  12.862  1.00 28.57  ? 702 3CX A CAH 1 
HETATM 1359 C  CAI . 3CX C 3 .   ? 2.048   10.113  12.497  1.00 28.22  ? 702 3CX A CAI 1 
HETATM 1360 C  CAJ . 3CX C 3 .   ? 4.839   12.339  11.169  1.00 37.21  ? 702 3CX A CAJ 1 
HETATM 1361 C  CAK . 3CX C 3 .   ? 5.893   12.570  8.933   1.00 43.41  ? 702 3CX A CAK 1 
HETATM 1362 N  NAL . 3CX C 3 .   ? 3.665   11.399  11.124  1.00 31.11  ? 702 3CX A NAL 1 
HETATM 1363 C  CAM . 3CX C 3 .   ? 5.095   13.230  9.985   1.00 37.26  ? 702 3CX A CAM 1 
HETATM 1364 C  CAN . 3CX C 3 .   ? 3.353   10.914  12.475  1.00 29.97  ? 702 3CX A CAN 1 
HETATM 1365 S  SAO . 3CX C 3 .   ? 7.587   12.421  9.157   1.00 35.98  ? 702 3CX A SAO 1 
HETATM 1366 NA NA  . NA  D 4 .   ? -1.547  2.786   3.636   1.00 40.34  ? 703 NA  A NA  1 
HETATM 1367 NA NA  . NA  E 4 .   ? -8.865  7.124   -1.199  1.00 52.72  ? 704 NA  A NA  1 
HETATM 1368 NA NA  . NA  F 4 .   ? -0.938  12.009  10.522  1.00 26.88  ? 705 NA  A NA  1 
HETATM 1369 O  O   . HOH G 5 .   ? 14.921  -1.177  -6.731  1.00 44.42  ? 801 HOH A O   1 
HETATM 1370 O  O   . HOH G 5 .   ? -12.916 10.419  13.437  1.00 48.92  ? 802 HOH A O   1 
HETATM 1371 O  O   . HOH G 5 .   ? -16.555 9.659   -1.638  1.00 39.77  ? 803 HOH A O   1 
HETATM 1372 O  O   . HOH G 5 .   ? 0.833   -10.197 13.726  1.00 33.60  ? 804 HOH A O   1 
HETATM 1373 O  O   . HOH G 5 .   ? -14.546 -3.363  11.080  1.00 47.32  ? 805 HOH A O   1 
HETATM 1374 O  O   . HOH G 5 .   ? 11.506  0.197   4.804   1.00 39.75  ? 806 HOH A O   1 
HETATM 1375 O  O   . HOH G 5 .   ? 11.264  -7.285  10.077  1.00 44.78  ? 807 HOH A O   1 
HETATM 1376 O  O   . HOH G 5 .   ? -0.202  17.768  3.639   1.00 36.82  ? 808 HOH A O   1 
HETATM 1377 O  O   . HOH G 5 .   ? 4.023   16.281  9.431   1.00 43.28  ? 809 HOH A O   1 
HETATM 1378 O  O   . HOH G 5 .   ? -8.550  11.947  0.607   1.00 29.46  ? 810 HOH A O   1 
HETATM 1379 O  O   . HOH G 5 .   ? 2.996   7.147   5.717   1.00 23.31  ? 811 HOH A O   1 
HETATM 1380 O  O   . HOH G 5 .   ? -14.037 2.799   12.066  1.00 43.69  ? 812 HOH A O   1 
HETATM 1381 O  O   . HOH G 5 .   ? -13.950 8.603   -0.809  1.00 42.41  ? 813 HOH A O   1 
HETATM 1382 O  O   . HOH G 5 .   ? -3.859  8.203   16.118  1.00 27.01  ? 814 HOH A O   1 
HETATM 1383 O  O   . HOH G 5 .   ? -1.262  15.900  -9.477  1.00 55.55  ? 815 HOH A O   1 
HETATM 1384 O  O   . HOH G 5 .   ? -0.725  11.668  1.128   1.00 27.49  ? 816 HOH A O   1 
HETATM 1385 O  O   . HOH G 5 .   ? -5.604  9.992   5.066   1.00 24.85  ? 817 HOH A O   1 
HETATM 1386 O  O   . HOH G 5 .   ? -7.159  17.701  4.704   1.00 37.47  ? 818 HOH A O   1 
HETATM 1387 O  O   . HOH G 5 .   ? 0.476   -3.522  18.618  1.00 38.46  ? 819 HOH A O   1 
HETATM 1388 O  O   . HOH G 5 .   ? -11.398 -5.256  -5.141  1.00 40.91  ? 820 HOH A O   1 
HETATM 1389 O  O   . HOH G 5 .   ? -7.945  -12.383 4.228   1.00 34.86  ? 821 HOH A O   1 
HETATM 1390 O  O   . HOH G 5 .   ? 13.876  8.074   10.786  1.00 35.01  ? 822 HOH A O   1 
HETATM 1391 O  O   . HOH G 5 .   ? -2.629  3.736   5.604   1.00 30.58  ? 823 HOH A O   1 
HETATM 1392 O  O   . HOH G 5 .   ? 7.413   10.247  -8.902  1.00 41.75  ? 824 HOH A O   1 
HETATM 1393 O  O   . HOH G 5 .   ? -6.377  -9.176  -6.032  1.00 51.50  ? 825 HOH A O   1 
HETATM 1394 O  O   . HOH G 5 .   ? -10.088 -1.629  5.254   1.00 29.15  ? 826 HOH A O   1 
HETATM 1395 O  O   . HOH G 5 .   ? -3.928  10.867  -0.913  1.00 27.65  ? 827 HOH A O   1 
HETATM 1396 O  O   . HOH G 5 .   ? -8.453  -11.603 -3.820  1.00 39.10  ? 828 HOH A O   1 
HETATM 1397 O  O   . HOH G 5 .   ? -13.319 12.250  -0.605  1.00 31.17  ? 829 HOH A O   1 
HETATM 1398 O  O   . HOH G 5 .   ? -1.942  14.124  -3.476  1.00 33.03  ? 830 HOH A O   1 
HETATM 1399 O  O   . HOH G 5 .   ? -0.198  6.504   -10.458 1.00 33.13  ? 831 HOH A O   1 
HETATM 1400 O  O   . HOH G 5 .   ? 6.312   10.289  5.858   1.00 24.62  ? 832 HOH A O   1 
HETATM 1401 O  O   . HOH G 5 .   ? -6.774  1.542   21.520  1.00 44.89  ? 833 HOH A O   1 
HETATM 1402 O  O   . HOH G 5 .   ? -11.682 -7.522  10.586  1.00 39.47  ? 834 HOH A O   1 
HETATM 1403 O  O   . HOH G 5 .   ? -3.323  8.374   19.578  1.00 40.78  ? 835 HOH A O   1 
HETATM 1404 O  O   . HOH G 5 .   ? 0.837   13.384  14.102  1.00 32.90  ? 836 HOH A O   1 
HETATM 1405 O  O   . HOH G 5 .   ? -7.308  -9.293  9.501   1.00 39.86  ? 837 HOH A O   1 
HETATM 1406 O  O   . HOH G 5 .   ? 0.820   10.910  -3.184  1.00 27.65  ? 838 HOH A O   1 
HETATM 1407 O  O   . HOH G 5 .   ? -11.328 -1.324  -5.322  1.00 37.45  ? 839 HOH A O   1 
HETATM 1408 O  O   . HOH G 5 .   ? 5.489   5.328   -10.164 1.00 33.00  ? 840 HOH A O   1 
HETATM 1409 O  O   . HOH G 5 .   ? -13.272 -1.645  5.310   1.00 25.57  ? 841 HOH A O   1 
HETATM 1410 O  O   . HOH G 5 .   ? 8.580   -10.090 16.049  1.00 44.99  ? 842 HOH A O   1 
HETATM 1411 O  O   . HOH G 5 .   ? 14.609  8.111   -3.036  1.00 44.95  ? 843 HOH A O   1 
HETATM 1412 O  O   . HOH G 5 .   ? -2.136  -9.528  16.677  1.00 36.38  ? 844 HOH A O   1 
HETATM 1413 O  O   . HOH G 5 .   ? -4.914  -9.152  15.779  1.00 36.48  ? 845 HOH A O   1 
HETATM 1414 O  O   . HOH G 5 .   ? -10.947 1.826   12.640  1.00 33.65  ? 846 HOH A O   1 
HETATM 1415 O  O   . HOH G 5 .   ? 16.330  7.843   9.091   1.00 35.86  ? 847 HOH A O   1 
HETATM 1416 O  O   . HOH G 5 .   ? -4.582  18.636  2.751   1.00 41.01  ? 848 HOH A O   1 
HETATM 1417 O  O   . HOH G 5 .   ? 7.502   -7.061  16.682  1.00 44.95  ? 849 HOH A O   1 
HETATM 1418 O  O   . HOH G 5 .   ? 11.078  2.407   8.837   1.00 39.49  ? 850 HOH A O   1 
HETATM 1419 O  O   . HOH G 5 .   ? -4.857  16.854  14.560  1.00 36.21  ? 851 HOH A O   1 
HETATM 1420 O  O   . HOH G 5 .   ? -2.587  12.139  -5.218  1.00 31.70  ? 852 HOH A O   1 
HETATM 1421 O  O   . HOH G 5 .   ? -0.383  12.864  -1.541  1.00 28.53  ? 853 HOH A O   1 
HETATM 1422 O  O   . HOH G 5 .   ? 1.376   13.309  11.399  1.00 27.99  ? 854 HOH A O   1 
HETATM 1423 O  O   . HOH G 5 .   ? -11.808 -0.682  15.796  1.00 43.26  ? 855 HOH A O   1 
HETATM 1424 O  O   . HOH G 5 .   ? 6.955   2.454   11.649  1.00 30.36  ? 856 HOH A O   1 
HETATM 1425 O  O   . HOH G 5 .   ? -6.384  17.172  11.472  1.00 33.18  ? 857 HOH A O   1 
HETATM 1426 O  O   . HOH G 5 .   ? 13.606  -2.864  -9.175  1.00 49.85  ? 858 HOH A O   1 
HETATM 1427 O  O   . HOH G 5 .   ? -7.968  -4.138  -8.091  1.00 43.79  ? 859 HOH A O   1 
HETATM 1428 O  O   . HOH G 5 .   ? 8.926   -12.664 13.956  1.00 43.72  ? 860 HOH A O   1 
HETATM 1429 O  O   . HOH G 5 .   ? -10.027 16.034  10.993  1.00 48.32  ? 861 HOH A O   1 
HETATM 1430 O  O   . HOH G 5 .   ? -11.896 -0.530  13.098  1.00 34.54  ? 862 HOH A O   1 
HETATM 1431 O  O   . HOH G 5 .   ? -1.584  9.508   -0.417  1.00 29.50  ? 863 HOH A O   1 
HETATM 1432 O  O   . HOH G 5 .   ? 1.543   15.875  10.609  1.00 36.14  ? 864 HOH A O   1 
HETATM 1433 O  O   . HOH G 5 .   ? 14.480  -5.065  -4.644  1.00 37.60  ? 865 HOH A O   1 
HETATM 1434 O  O   . HOH G 5 .   ? -0.432  16.721  8.721   1.00 34.80  ? 866 HOH A O   1 
HETATM 1435 O  O   . HOH G 5 .   ? -2.374  18.477  9.732   1.00 44.31  ? 867 HOH A O   1 
# 
